data_9CU4
#
_entry.id   9CU4
#
_cell.length_a   1.00
_cell.length_b   1.00
_cell.length_c   1.00
_cell.angle_alpha   90.00
_cell.angle_beta   90.00
_cell.angle_gamma   90.00
#
_symmetry.space_group_name_H-M   'P 1'
#
loop_
_entity.id
_entity.type
_entity.pdbx_description
1 polymer ORF8
2 branched alpha-D-mannopyranose-(1-2)-alpha-D-mannopyranose-(1-6)-[alpha-D-mannopyranose-(1-3)]alpha-D-mannopyranose-(1-6)-[alpha-D-mannopyranose-(1-3)]beta-D-mannopyranose-(1-4)-2-acetamido-2-deoxy-beta-D-glucopyranose-(1-4)-2-acetamido-2-deoxy-beta-D-glucopyranose
3 branched 2-acetamido-2-deoxy-beta-D-glucopyranose-(1-4)-2-acetamido-2-deoxy-beta-D-glucopyranose
4 non-polymer 2-acetamido-2-deoxy-beta-D-glucopyranose
#
_entity_poly.entity_id   1
_entity_poly.type   'polypeptide(L)'
_entity_poly.pdbx_seq_one_letter_code
;ASGPKSVDFYQFRVCSASITGELFRFNLEQTCPDTKDKYHQEGILLVYKKNIVPHIFKVRRYRKIATSVTVYRGLTESAI
TNKYELPRPVPLYEISHMDSTYQCFSSMKVNVNGVENTFTDRDDVNTTVFLQPVEGLTDNIQRYFSQPVIYAEPGWFPGI
YRVRTTVNCEIVDMIARSAEPYNYFVTSLGDTVEVSPFCYNESSCSTTPSNKNGLSVQVVLNHTVVTYSDRGTSPTPQNR
IFVETGAYTLSWASESKTTAVCPLALWKTFPRSIQTTHEDSFHFVANEITATFTAPLTPVANFTDTYSCLTSDINTTLNA
SKAKLASTHVPNGTVQYFHTTGGLYLVWQPMSAINLTHAQGDRGNPTSSPPPSASPVTTSASRRKRRSASTAAAGGGGST
DNLSYTQLQFAYDKLRPGINQVLEELSRAWCREQVRDNLMWYELSKINPTSVMTAIYGRPVSAKFVGDAISVTECINVDQ
SSVNIHKSLRTNSKDVCYARPLVTFKFLNSSNLFTGQLGARNEIILTNNQVETCKDTCEHYFITRNETLVYKDYAYLRTI
NTTDISTLNTFIALNLSFIQNIDFKAIELYSSAEKRLASSVFDLETMFREYNYYTHRLAGLREDLDNTIDMNKE
;
_entity_poly.pdbx_strand_id   A,B,C
#
loop_
_chem_comp.id
_chem_comp.type
_chem_comp.name
_chem_comp.formula
BMA D-saccharide, beta linking beta-D-mannopyranose 'C6 H12 O6'
MAN D-saccharide, alpha linking alpha-D-mannopyranose 'C6 H12 O6'
NAG D-saccharide, beta linking 2-acetamido-2-deoxy-beta-D-glucopyranose 'C8 H15 N O6'
#
# COMPACT_ATOMS: atom_id res chain seq x y z
N ALA A 1 50.37 57.76 -8.86
CA ALA A 1 49.05 57.62 -9.49
C ALA A 1 47.92 57.75 -8.45
N SER A 2 46.66 57.78 -8.89
CA SER A 2 45.46 57.85 -8.04
C SER A 2 45.26 56.61 -7.14
N GLY A 3 44.53 56.80 -6.04
CA GLY A 3 44.29 55.78 -5.01
C GLY A 3 43.29 54.65 -5.34
N PRO A 4 42.10 54.90 -5.92
CA PRO A 4 41.03 53.91 -5.98
C PRO A 4 41.32 52.77 -6.98
N LYS A 5 41.24 51.54 -6.48
CA LYS A 5 41.42 50.30 -7.27
C LYS A 5 40.14 49.96 -8.05
N SER A 6 40.30 49.38 -9.23
CA SER A 6 39.19 48.98 -10.10
C SER A 6 38.36 47.81 -9.53
N VAL A 7 37.03 47.91 -9.64
CA VAL A 7 36.07 46.87 -9.17
C VAL A 7 34.99 46.51 -10.21
N ASP A 8 34.98 47.15 -11.37
CA ASP A 8 34.05 46.89 -12.47
C ASP A 8 34.66 47.30 -13.82
N PHE A 9 33.98 46.99 -14.91
CA PHE A 9 34.41 47.31 -16.27
C PHE A 9 33.84 48.63 -16.83
N TYR A 10 33.24 49.51 -16.01
CA TYR A 10 32.52 50.70 -16.49
C TYR A 10 33.32 52.02 -16.46
N GLN A 11 34.19 52.23 -15.48
CA GLN A 11 35.01 53.45 -15.39
C GLN A 11 36.30 53.32 -16.24
N PHE A 12 36.81 54.42 -16.80
CA PHE A 12 38.12 54.42 -17.46
C PHE A 12 39.25 54.19 -16.45
N ARG A 13 40.31 53.46 -16.84
CA ARG A 13 41.39 52.99 -15.95
C ARG A 13 42.72 52.77 -16.65
N VAL A 14 43.80 52.82 -15.90
CA VAL A 14 45.19 52.56 -16.32
C VAL A 14 45.73 51.32 -15.58
N CYS A 15 46.18 50.32 -16.33
CA CYS A 15 46.70 49.07 -15.75
C CYS A 15 48.16 48.83 -16.16
N SER A 16 48.98 48.27 -15.27
CA SER A 16 50.33 47.81 -15.62
C SER A 16 50.88 46.84 -14.57
N ALA A 17 51.52 45.75 -15.01
CA ALA A 17 52.31 44.85 -14.16
C ALA A 17 53.70 45.46 -13.86
N SER A 18 53.71 46.70 -13.34
CA SER A 18 54.89 47.53 -13.09
C SER A 18 55.42 47.45 -11.64
N ILE A 19 54.89 46.55 -10.82
CA ILE A 19 55.20 46.41 -9.39
C ILE A 19 55.26 44.92 -8.98
N THR A 20 55.97 44.61 -7.90
CA THR A 20 56.14 43.26 -7.37
C THR A 20 54.89 42.78 -6.59
N GLY A 21 53.86 42.33 -7.32
CA GLY A 21 52.63 41.78 -6.76
C GLY A 21 52.75 40.35 -6.24
N GLU A 22 51.60 39.70 -6.00
CA GLU A 22 51.50 38.31 -5.56
C GLU A 22 51.77 37.30 -6.71
N LEU A 23 52.34 36.13 -6.38
CA LEU A 23 52.68 35.09 -7.36
C LEU A 23 51.67 33.93 -7.36
N PHE A 24 51.32 33.44 -8.56
CA PHE A 24 50.43 32.30 -8.77
C PHE A 24 51.04 31.25 -9.71
N ARG A 25 50.57 30.01 -9.62
CA ARG A 25 51.01 28.85 -10.41
C ARG A 25 49.82 28.00 -10.85
N PHE A 26 49.81 27.49 -12.07
CA PHE A 26 48.83 26.47 -12.47
C PHE A 26 49.17 25.14 -11.80
N ASN A 27 48.28 24.63 -10.95
CA ASN A 27 48.46 23.36 -10.25
C ASN A 27 48.07 22.17 -11.12
N LEU A 28 48.95 21.79 -12.04
CA LEU A 28 48.80 20.61 -12.91
C LEU A 28 48.90 19.29 -12.11
N GLU A 29 48.74 18.16 -12.80
CA GLU A 29 48.85 16.82 -12.21
C GLU A 29 47.81 16.50 -11.11
N GLN A 30 46.61 17.05 -11.28
CA GLN A 30 45.42 16.70 -10.48
C GLN A 30 44.89 15.31 -10.85
N THR A 31 43.99 14.76 -10.04
CA THR A 31 43.20 13.56 -10.35
C THR A 31 41.83 13.63 -9.70
N CYS A 32 40.84 12.97 -10.30
CA CYS A 32 39.57 12.70 -9.64
C CYS A 32 39.70 11.51 -8.67
N PRO A 33 38.85 11.42 -7.63
CA PRO A 33 38.78 10.24 -6.75
C PRO A 33 38.49 8.94 -7.51
N ASP A 34 38.90 7.80 -6.93
CA ASP A 34 38.63 6.45 -7.42
C ASP A 34 37.23 5.94 -7.02
N THR A 35 36.81 4.82 -7.63
CA THR A 35 35.51 4.16 -7.37
C THR A 35 35.47 3.52 -5.97
N LYS A 36 34.42 3.81 -5.21
CA LYS A 36 34.19 3.25 -3.86
C LYS A 36 33.94 1.74 -3.86
N ASP A 37 34.13 1.10 -2.71
CA ASP A 37 33.80 -0.31 -2.46
C ASP A 37 32.60 -0.44 -1.49
N LYS A 38 31.69 -1.38 -1.75
CA LYS A 38 30.40 -1.54 -1.04
C LYS A 38 30.13 -3.02 -0.72
N TYR A 39 29.65 -3.32 0.48
CA TYR A 39 29.56 -4.68 1.03
C TYR A 39 28.26 -4.93 1.83
N HIS A 40 27.83 -6.19 1.87
CA HIS A 40 26.60 -6.66 2.50
C HIS A 40 26.74 -8.11 2.98
N GLN A 41 25.90 -8.56 3.93
CA GLN A 41 25.94 -9.92 4.48
C GLN A 41 24.70 -10.74 4.12
N GLU A 42 24.89 -11.93 3.54
CA GLU A 42 23.81 -12.88 3.28
C GLU A 42 23.50 -13.77 4.48
N GLY A 43 22.29 -14.31 4.56
CA GLY A 43 21.89 -15.27 5.58
C GLY A 43 20.53 -15.89 5.33
N ILE A 44 20.18 -16.91 6.10
CA ILE A 44 18.85 -17.55 6.11
C ILE A 44 17.92 -16.74 7.01
N LEU A 45 16.71 -16.42 6.55
CA LEU A 45 15.67 -15.73 7.33
C LEU A 45 14.42 -16.61 7.45
N LEU A 46 13.94 -16.85 8.67
CA LEU A 46 12.63 -17.48 8.94
C LEU A 46 11.68 -16.46 9.58
N VAL A 47 10.41 -16.39 9.16
CA VAL A 47 9.44 -15.39 9.65
C VAL A 47 8.26 -16.06 10.37
N TYR A 48 7.96 -15.65 11.61
CA TYR A 48 6.90 -16.22 12.46
C TYR A 48 5.72 -15.26 12.67
N LYS A 49 4.50 -15.74 12.43
CA LYS A 49 3.20 -15.09 12.75
C LYS A 49 2.73 -15.52 14.15
N LYS A 50 1.99 -14.68 14.90
CA LYS A 50 1.25 -15.17 16.09
C LYS A 50 0.06 -16.04 15.70
N ASN A 51 -0.15 -17.16 16.38
CA ASN A 51 -1.21 -18.11 16.05
C ASN A 51 -2.61 -17.54 16.39
N ILE A 52 -3.64 -18.00 15.67
CA ILE A 52 -4.99 -17.42 15.70
C ILE A 52 -6.11 -18.47 15.82
N VAL A 53 -5.89 -19.72 15.41
CA VAL A 53 -6.92 -20.77 15.48
C VAL A 53 -7.15 -21.26 16.91
N PRO A 54 -8.36 -21.74 17.26
CA PRO A 54 -8.63 -22.37 18.55
C PRO A 54 -7.95 -23.74 18.69
N HIS A 55 -7.83 -24.24 19.91
CA HIS A 55 -7.46 -25.63 20.17
C HIS A 55 -8.62 -26.55 19.79
N ILE A 56 -8.36 -27.74 19.26
CA ILE A 56 -9.38 -28.69 18.76
C ILE A 56 -9.08 -30.11 19.26
N PHE A 57 -10.06 -30.79 19.83
CA PHE A 57 -9.89 -32.14 20.40
C PHE A 57 -11.18 -32.96 20.31
N LYS A 58 -11.08 -34.29 20.40
CA LYS A 58 -12.23 -35.20 20.40
C LYS A 58 -12.81 -35.38 21.80
N VAL A 59 -14.13 -35.57 21.91
CA VAL A 59 -14.86 -35.83 23.16
C VAL A 59 -15.89 -36.94 22.96
N ARG A 60 -16.39 -37.53 24.07
CA ARG A 60 -17.63 -38.34 24.09
C ARG A 60 -18.66 -37.77 25.03
N ARG A 61 -19.94 -37.85 24.68
CA ARG A 61 -21.07 -37.49 25.55
C ARG A 61 -21.99 -38.69 25.80
N TYR A 62 -22.29 -38.99 27.04
CA TYR A 62 -23.18 -40.08 27.48
C TYR A 62 -24.47 -39.51 28.09
N ARG A 63 -25.65 -39.99 27.69
CA ARG A 63 -26.93 -39.60 28.30
C ARG A 63 -27.86 -40.79 28.51
N LYS A 64 -28.76 -40.68 29.47
CA LYS A 64 -30.01 -41.45 29.52
C LYS A 64 -31.21 -40.53 29.41
N ILE A 65 -32.18 -40.86 28.58
CA ILE A 65 -33.39 -40.04 28.35
C ILE A 65 -34.60 -40.80 28.84
N ALA A 66 -35.40 -40.24 29.75
CA ALA A 66 -36.72 -40.76 30.09
C ALA A 66 -37.79 -39.93 29.38
N THR A 67 -38.78 -40.56 28.76
CA THR A 67 -39.92 -39.90 28.09
C THR A 67 -41.22 -40.40 28.67
N SER A 68 -42.24 -39.54 28.78
CA SER A 68 -43.60 -39.92 29.20
C SER A 68 -44.65 -39.28 28.29
N VAL A 69 -45.52 -40.10 27.71
CA VAL A 69 -46.63 -39.69 26.81
C VAL A 69 -47.96 -39.93 27.51
N THR A 70 -48.90 -38.99 27.43
CA THR A 70 -50.28 -39.21 27.93
C THR A 70 -51.23 -39.43 26.76
N VAL A 71 -51.97 -40.54 26.76
CA VAL A 71 -52.91 -40.92 25.69
C VAL A 71 -54.29 -41.21 26.24
N TYR A 72 -55.32 -40.91 25.45
CA TYR A 72 -56.69 -41.11 25.91
C TYR A 72 -57.43 -42.08 25.02
N ARG A 73 -57.77 -43.26 25.52
CA ARG A 73 -58.44 -44.26 24.70
C ARG A 73 -59.73 -43.74 24.12
N GLY A 74 -60.57 -43.13 24.96
CA GLY A 74 -61.80 -42.55 24.46
C GLY A 74 -62.75 -43.54 23.82
N LEU A 75 -63.55 -43.06 22.87
CA LEU A 75 -64.55 -43.92 22.23
C LEU A 75 -64.61 -43.54 20.76
N THR A 76 -64.44 -44.52 19.89
CA THR A 76 -64.45 -44.25 18.45
C THR A 76 -63.49 -43.13 18.07
N GLU A 77 -62.50 -42.87 18.92
CA GLU A 77 -61.55 -41.81 18.67
C GLU A 77 -60.53 -41.75 19.78
N SER A 78 -59.31 -41.33 19.47
CA SER A 78 -58.26 -41.21 20.49
C SER A 78 -57.18 -40.19 20.10
N ALA A 79 -56.48 -39.61 21.09
CA ALA A 79 -55.49 -38.55 20.88
C ALA A 79 -54.39 -38.53 21.96
N ILE A 80 -53.19 -38.06 21.60
CA ILE A 80 -52.11 -37.69 22.53
C ILE A 80 -52.44 -36.33 23.16
N THR A 81 -52.42 -36.23 24.50
CA THR A 81 -52.68 -34.99 25.24
C THR A 81 -51.41 -34.29 25.72
N ASN A 82 -50.29 -34.99 25.90
CA ASN A 82 -49.01 -34.43 26.31
C ASN A 82 -47.84 -35.38 25.98
N LYS A 83 -46.61 -34.87 25.87
CA LYS A 83 -45.36 -35.64 25.77
C LYS A 83 -44.20 -34.87 26.42
N TYR A 84 -43.63 -35.43 27.48
CA TYR A 84 -42.57 -34.83 28.30
C TYR A 84 -41.26 -35.62 28.23
N GLU A 85 -40.12 -34.94 28.24
CA GLU A 85 -38.77 -35.53 28.10
C GLU A 85 -37.82 -35.07 29.21
N LEU A 86 -37.05 -35.99 29.81
CA LEU A 86 -36.14 -35.76 30.92
C LEU A 86 -34.78 -36.43 30.67
N PRO A 87 -33.75 -35.70 30.21
CA PRO A 87 -32.37 -36.20 30.13
C PRO A 87 -31.68 -36.25 31.50
N ARG A 88 -30.77 -37.21 31.71
CA ARG A 88 -29.96 -37.42 32.92
C ARG A 88 -28.54 -37.90 32.59
N PRO A 89 -27.54 -37.69 33.47
CA PRO A 89 -26.20 -38.25 33.31
C PRO A 89 -26.15 -39.77 33.53
N VAL A 90 -24.99 -40.38 33.25
CA VAL A 90 -24.73 -41.82 33.40
C VAL A 90 -23.57 -42.06 34.40
N PRO A 91 -23.73 -42.93 35.41
CA PRO A 91 -22.71 -43.20 36.43
C PRO A 91 -21.60 -44.14 35.95
N LEU A 92 -20.43 -44.13 36.61
CA LEU A 92 -19.27 -44.93 36.19
C LEU A 92 -19.49 -46.45 36.22
N TYR A 93 -20.37 -46.96 37.09
CA TYR A 93 -20.62 -48.40 37.03
C TYR A 93 -21.18 -48.81 35.68
N GLU A 94 -21.84 -47.88 34.99
CA GLU A 94 -22.40 -48.19 33.67
C GLU A 94 -21.53 -47.73 32.50
N ILE A 95 -20.84 -46.60 32.65
CA ILE A 95 -19.98 -46.12 31.58
C ILE A 95 -18.95 -47.18 31.28
N SER A 96 -18.66 -48.03 32.26
CA SER A 96 -17.71 -49.10 32.04
C SER A 96 -18.15 -49.93 30.86
N HIS A 97 -19.28 -50.62 31.01
CA HIS A 97 -19.78 -51.44 29.93
C HIS A 97 -20.19 -50.63 28.72
N MET A 98 -20.74 -49.45 28.93
CA MET A 98 -21.26 -48.66 27.80
C MET A 98 -20.17 -48.22 26.80
N ASP A 99 -18.91 -48.02 27.21
CA ASP A 99 -17.80 -47.71 26.29
C ASP A 99 -16.87 -48.90 25.98
N SER A 100 -17.02 -50.01 26.71
CA SER A 100 -16.26 -51.26 26.54
C SER A 100 -16.93 -52.21 25.54
N THR A 101 -18.24 -52.40 25.69
CA THR A 101 -18.99 -53.50 25.06
C THR A 101 -20.36 -53.02 24.49
N TYR A 102 -20.63 -51.72 24.53
CA TYR A 102 -21.85 -51.09 24.00
C TYR A 102 -23.16 -51.66 24.57
N GLN A 103 -23.21 -51.84 25.90
CA GLN A 103 -24.40 -52.28 26.64
C GLN A 103 -24.82 -51.29 27.75
N CYS A 104 -26.12 -51.26 28.09
CA CYS A 104 -26.69 -50.43 29.15
C CYS A 104 -27.95 -51.07 29.78
N PHE A 105 -28.39 -50.62 30.96
CA PHE A 105 -29.38 -51.33 31.80
C PHE A 105 -30.88 -51.03 31.58
N SER A 106 -31.31 -50.42 30.46
CA SER A 106 -32.75 -50.30 30.09
C SER A 106 -33.71 -49.66 31.14
N SER A 107 -33.18 -48.98 32.15
CA SER A 107 -33.92 -48.40 33.28
C SER A 107 -33.07 -47.37 34.01
N MET A 108 -33.68 -46.51 34.82
CA MET A 108 -32.97 -45.44 35.53
C MET A 108 -33.68 -45.03 36.82
N LYS A 109 -32.89 -44.50 37.76
CA LYS A 109 -33.33 -44.04 39.07
C LYS A 109 -32.87 -42.60 39.28
N VAL A 110 -33.75 -41.74 39.75
CA VAL A 110 -33.56 -40.28 39.81
C VAL A 110 -33.94 -39.75 41.18
N ASN A 111 -32.94 -39.37 41.98
CA ASN A 111 -33.18 -38.72 43.27
C ASN A 111 -33.60 -37.26 43.04
N VAL A 112 -34.72 -36.83 43.64
CA VAL A 112 -35.14 -35.42 43.67
C VAL A 112 -35.65 -35.04 45.05
N ASN A 113 -35.15 -33.95 45.62
CA ASN A 113 -35.44 -33.49 47.00
C ASN A 113 -35.37 -34.60 48.08
N GLY A 114 -34.53 -35.62 47.90
CA GLY A 114 -34.35 -36.73 48.84
C GLY A 114 -35.27 -37.95 48.67
N VAL A 115 -36.08 -38.03 47.61
CA VAL A 115 -36.90 -39.21 47.26
C VAL A 115 -36.56 -39.76 45.88
N GLU A 116 -36.62 -41.08 45.69
CA GLU A 116 -36.17 -41.77 44.48
C GLU A 116 -37.31 -42.04 43.48
N ASN A 117 -37.29 -41.38 42.32
CA ASN A 117 -38.16 -41.71 41.18
C ASN A 117 -37.54 -42.83 40.32
N THR A 118 -38.34 -43.65 39.64
CA THR A 118 -37.86 -44.71 38.72
C THR A 118 -38.58 -44.70 37.38
N PHE A 119 -37.84 -44.91 36.29
CA PHE A 119 -38.38 -45.03 34.94
C PHE A 119 -37.86 -46.32 34.27
N THR A 120 -38.73 -47.09 33.64
CA THR A 120 -38.41 -48.38 33.00
C THR A 120 -39.05 -48.45 31.61
N ASP A 121 -38.33 -48.96 30.61
CA ASP A 121 -38.83 -49.00 29.24
C ASP A 121 -40.07 -49.91 29.13
N ARG A 122 -41.20 -49.36 28.66
CA ARG A 122 -42.47 -50.09 28.44
C ARG A 122 -43.01 -50.82 29.66
N ASP A 123 -42.65 -50.36 30.86
CA ASP A 123 -42.98 -50.98 32.16
C ASP A 123 -42.48 -52.44 32.31
N ASP A 124 -41.50 -52.85 31.51
CA ASP A 124 -40.86 -54.18 31.56
C ASP A 124 -39.68 -54.24 32.56
N VAL A 125 -39.12 -55.42 32.80
CA VAL A 125 -38.09 -55.68 33.82
C VAL A 125 -36.73 -55.05 33.49
N ASN A 126 -35.99 -54.61 34.52
CA ASN A 126 -34.60 -54.14 34.40
C ASN A 126 -33.68 -55.20 33.77
N THR A 127 -33.20 -54.97 32.55
CA THR A 127 -32.43 -55.92 31.73
C THR A 127 -31.36 -55.21 30.89
N THR A 128 -30.27 -55.90 30.54
CA THR A 128 -29.22 -55.33 29.67
C THR A 128 -29.59 -55.36 28.19
N VAL A 129 -29.25 -54.31 27.44
CA VAL A 129 -29.55 -54.15 26.01
C VAL A 129 -28.38 -53.51 25.25
N PHE A 130 -28.32 -53.69 23.92
CA PHE A 130 -27.21 -53.29 23.05
C PHE A 130 -27.48 -51.97 22.32
N LEU A 131 -26.52 -51.05 22.30
CA LEU A 131 -26.57 -49.83 21.48
C LEU A 131 -26.26 -50.17 20.00
N GLN A 132 -26.88 -49.43 19.06
CA GLN A 132 -26.65 -49.56 17.60
C GLN A 132 -26.55 -48.17 16.92
N PRO A 133 -25.83 -48.02 15.79
CA PRO A 133 -25.69 -46.74 15.09
C PRO A 133 -27.01 -46.16 14.54
N VAL A 134 -27.01 -44.86 14.26
CA VAL A 134 -28.02 -44.17 13.42
C VAL A 134 -27.35 -43.24 12.42
N GLU A 135 -28.02 -42.93 11.31
CA GLU A 135 -27.47 -42.07 10.25
C GLU A 135 -27.29 -40.62 10.72
N GLY A 136 -26.36 -39.90 10.08
CA GLY A 136 -26.03 -38.50 10.42
C GLY A 136 -25.89 -37.62 9.19
N LEU A 137 -26.12 -36.32 9.36
CA LEU A 137 -25.98 -35.32 8.30
C LEU A 137 -24.53 -34.87 8.10
N THR A 138 -23.80 -34.65 9.19
CA THR A 138 -22.47 -34.03 9.21
C THR A 138 -21.43 -35.09 9.55
N ASP A 139 -20.41 -35.24 8.70
CA ASP A 139 -19.56 -36.44 8.71
C ASP A 139 -18.64 -36.57 9.95
N ASN A 140 -18.41 -35.48 10.68
CA ASN A 140 -17.59 -35.47 11.90
C ASN A 140 -18.35 -35.93 13.17
N ILE A 141 -19.67 -36.14 13.10
CA ILE A 141 -20.52 -36.54 14.25
C ILE A 141 -21.05 -37.97 14.05
N GLN A 142 -20.87 -38.84 15.05
CA GLN A 142 -21.47 -40.18 15.08
C GLN A 142 -22.36 -40.34 16.31
N ARG A 143 -23.49 -41.04 16.17
CA ARG A 143 -24.52 -41.18 17.20
C ARG A 143 -25.01 -42.63 17.31
N TYR A 144 -25.22 -43.13 18.52
CA TYR A 144 -25.64 -44.50 18.80
C TYR A 144 -26.85 -44.49 19.74
N PHE A 145 -27.85 -45.34 19.50
CA PHE A 145 -29.09 -45.41 20.29
C PHE A 145 -29.44 -46.82 20.75
N SER A 146 -30.07 -46.95 21.91
CA SER A 146 -30.58 -48.22 22.45
C SER A 146 -32.05 -48.54 22.12
N GLN A 147 -32.87 -47.57 21.71
CA GLN A 147 -34.32 -47.74 21.43
C GLN A 147 -34.85 -46.62 20.52
N PRO A 148 -34.95 -46.81 19.20
CA PRO A 148 -35.37 -45.75 18.28
C PRO A 148 -36.84 -45.29 18.35
N VAL A 149 -37.75 -46.11 18.90
CA VAL A 149 -39.21 -45.92 18.78
C VAL A 149 -39.87 -45.51 20.11
N ILE A 150 -40.58 -44.38 20.11
CA ILE A 150 -41.38 -43.88 21.25
C ILE A 150 -42.73 -44.61 21.33
N TYR A 151 -43.20 -44.92 22.54
CA TYR A 151 -44.34 -45.80 22.79
C TYR A 151 -45.62 -44.99 23.07
N ALA A 152 -46.67 -45.18 22.27
CA ALA A 152 -47.93 -44.41 22.34
C ALA A 152 -49.16 -45.24 21.94
N GLU A 153 -49.21 -46.53 22.30
CA GLU A 153 -50.38 -47.40 22.13
C GLU A 153 -51.53 -46.98 23.06
N PRO A 154 -52.76 -46.73 22.58
CA PRO A 154 -53.78 -45.98 23.33
C PRO A 154 -54.43 -46.72 24.52
N GLY A 155 -54.54 -48.05 24.49
CA GLY A 155 -55.15 -48.84 25.57
C GLY A 155 -56.64 -49.21 25.37
N TRP A 156 -57.15 -50.13 26.19
CA TRP A 156 -58.28 -51.00 25.83
C TRP A 156 -59.68 -50.61 26.34
N PHE A 157 -59.78 -49.81 27.40
CA PHE A 157 -61.07 -49.49 28.06
C PHE A 157 -61.53 -48.06 27.74
N PRO A 158 -62.71 -47.83 27.15
CA PRO A 158 -63.17 -46.49 26.76
C PRO A 158 -63.22 -45.42 27.86
N GLY A 159 -62.99 -44.17 27.47
CA GLY A 159 -63.29 -42.98 28.28
C GLY A 159 -62.32 -42.60 29.41
N ILE A 160 -61.09 -43.12 29.45
CA ILE A 160 -60.09 -42.78 30.49
C ILE A 160 -58.65 -42.78 29.96
N TYR A 161 -57.73 -42.05 30.60
CA TYR A 161 -56.34 -41.88 30.15
C TYR A 161 -55.40 -43.05 30.53
N ARG A 162 -54.21 -43.10 29.94
CA ARG A 162 -53.06 -43.88 30.44
C ARG A 162 -51.74 -43.17 30.10
N VAL A 163 -50.68 -43.43 30.86
CA VAL A 163 -49.33 -42.87 30.63
C VAL A 163 -48.38 -43.95 30.13
N ARG A 164 -47.70 -43.67 29.01
CA ARG A 164 -46.73 -44.58 28.37
C ARG A 164 -45.31 -44.02 28.51
N THR A 165 -44.33 -44.84 28.92
CA THR A 165 -42.98 -44.35 29.22
C THR A 165 -41.87 -45.21 28.61
N THR A 166 -40.77 -44.57 28.21
CA THR A 166 -39.63 -45.21 27.52
C THR A 166 -38.31 -44.67 28.04
N VAL A 167 -37.24 -45.47 27.93
CA VAL A 167 -35.88 -45.09 28.33
C VAL A 167 -34.90 -45.35 27.18
N ASN A 168 -34.02 -44.38 26.89
CA ASN A 168 -32.94 -44.49 25.90
C ASN A 168 -31.58 -44.36 26.55
N CYS A 169 -30.59 -45.06 26.01
CA CYS A 169 -29.17 -44.76 26.20
C CYS A 169 -28.65 -44.10 24.92
N GLU A 170 -27.85 -43.06 25.02
CA GLU A 170 -27.25 -42.38 23.89
C GLU A 170 -25.74 -42.21 24.11
N ILE A 171 -24.95 -42.42 23.05
CA ILE A 171 -23.55 -41.98 22.96
C ILE A 171 -23.44 -41.04 21.77
N VAL A 172 -22.63 -40.00 21.87
CA VAL A 172 -22.19 -39.19 20.72
C VAL A 172 -20.68 -39.04 20.72
N ASP A 173 -20.05 -39.24 19.56
CA ASP A 173 -18.63 -38.95 19.30
C ASP A 173 -18.52 -37.68 18.43
N MET A 174 -17.73 -36.70 18.83
CA MET A 174 -17.68 -35.38 18.16
C MET A 174 -16.44 -34.56 18.54
N ILE A 175 -16.20 -33.47 17.82
CA ILE A 175 -15.17 -32.45 18.13
C ILE A 175 -15.63 -31.48 19.24
N ALA A 176 -14.68 -30.91 19.99
CA ALA A 176 -14.86 -29.72 20.84
C ALA A 176 -13.71 -28.73 20.64
N ARG A 177 -13.87 -27.46 21.03
CA ARG A 177 -12.86 -26.41 20.80
C ARG A 177 -12.81 -25.29 21.85
N SER A 178 -11.69 -24.58 21.97
CA SER A 178 -11.46 -23.51 22.96
C SER A 178 -10.37 -22.51 22.55
N ALA A 179 -10.32 -21.32 23.16
CA ALA A 179 -9.50 -20.17 22.72
C ALA A 179 -8.62 -19.57 23.83
N GLU A 180 -7.90 -18.49 23.51
CA GLU A 180 -6.69 -17.97 24.20
C GLU A 180 -6.62 -18.00 25.74
N PRO A 181 -7.64 -17.61 26.54
CA PRO A 181 -7.54 -17.68 27.99
C PRO A 181 -7.75 -19.10 28.58
N TYR A 182 -8.30 -20.04 27.80
CA TYR A 182 -8.55 -21.45 28.16
C TYR A 182 -9.43 -21.68 29.40
N ASN A 183 -10.36 -20.78 29.72
CA ASN A 183 -11.25 -20.92 30.89
C ASN A 183 -12.37 -21.97 30.71
N TYR A 184 -12.80 -22.25 29.48
CA TYR A 184 -13.93 -23.13 29.14
C TYR A 184 -13.81 -23.67 27.72
N PHE A 185 -14.63 -24.67 27.36
CA PHE A 185 -14.70 -25.18 25.99
C PHE A 185 -16.14 -25.44 25.52
N VAL A 186 -16.32 -25.46 24.20
CA VAL A 186 -17.63 -25.54 23.54
C VAL A 186 -17.67 -26.71 22.56
N THR A 187 -18.66 -27.57 22.71
CA THR A 187 -18.82 -28.81 21.95
C THR A 187 -19.44 -28.56 20.58
N SER A 188 -19.26 -29.43 19.59
CA SER A 188 -19.80 -29.20 18.23
C SER A 188 -21.33 -29.05 18.17
N LEU A 189 -22.06 -29.72 19.06
CA LEU A 189 -23.52 -29.61 19.24
C LEU A 189 -23.96 -28.44 20.14
N GLY A 190 -23.06 -27.56 20.57
CA GLY A 190 -23.38 -26.34 21.32
C GLY A 190 -23.31 -26.45 22.85
N ASP A 191 -23.01 -27.61 23.42
CA ASP A 191 -22.82 -27.78 24.87
C ASP A 191 -21.57 -27.03 25.37
N THR A 192 -21.73 -26.15 26.36
CA THR A 192 -20.66 -25.35 26.99
C THR A 192 -20.31 -25.92 28.37
N VAL A 193 -19.04 -26.25 28.63
CA VAL A 193 -18.68 -27.17 29.74
C VAL A 193 -18.04 -26.52 30.97
N GLU A 194 -17.58 -25.26 30.88
CA GLU A 194 -17.12 -24.46 32.06
C GLU A 194 -15.97 -25.07 32.90
N VAL A 195 -15.12 -25.90 32.30
CA VAL A 195 -13.88 -26.46 32.89
C VAL A 195 -12.72 -26.28 31.90
N SER A 196 -11.51 -25.96 32.36
CA SER A 196 -10.36 -25.80 31.48
C SER A 196 -9.89 -27.15 30.90
N PRO A 197 -9.60 -27.29 29.59
CA PRO A 197 -9.35 -28.59 28.98
C PRO A 197 -8.04 -29.27 29.40
N PHE A 198 -7.12 -28.54 30.05
CA PHE A 198 -5.82 -28.99 30.56
C PHE A 198 -5.78 -29.19 32.08
N CYS A 199 -6.93 -29.12 32.77
CA CYS A 199 -7.00 -28.88 34.21
C CYS A 199 -6.23 -29.86 35.11
N TYR A 200 -6.01 -31.11 34.69
CA TYR A 200 -5.24 -32.06 35.50
C TYR A 200 -3.74 -31.73 35.53
N ASN A 201 -3.16 -31.34 34.41
CA ASN A 201 -1.75 -30.94 34.32
C ASN A 201 -1.45 -29.60 35.04
N GLU A 202 -2.44 -28.71 35.13
CA GLU A 202 -2.39 -27.51 35.99
C GLU A 202 -2.70 -27.82 37.48
N SER A 203 -2.76 -29.10 37.88
CA SER A 203 -3.09 -29.58 39.23
C SER A 203 -4.39 -29.00 39.82
N SER A 204 -5.39 -28.74 38.97
CA SER A 204 -6.74 -28.29 39.33
C SER A 204 -7.76 -29.45 39.43
N CYS A 205 -7.29 -30.70 39.46
CA CYS A 205 -8.06 -31.94 39.55
C CYS A 205 -7.37 -33.01 40.41
N SER A 206 -8.10 -34.06 40.73
CA SER A 206 -7.65 -35.20 41.54
C SER A 206 -8.41 -36.48 41.18
N THR A 207 -7.91 -37.64 41.61
CA THR A 207 -8.65 -38.91 41.49
C THR A 207 -9.83 -38.99 42.46
N THR A 208 -9.74 -38.34 43.63
CA THR A 208 -10.90 -38.00 44.47
C THR A 208 -11.73 -36.90 43.77
N PRO A 209 -13.06 -37.03 43.61
CA PRO A 209 -13.89 -36.05 42.92
C PRO A 209 -13.79 -34.61 43.44
N SER A 210 -13.55 -33.66 42.54
CA SER A 210 -13.76 -32.22 42.78
C SER A 210 -15.23 -31.84 42.62
N ASN A 211 -15.63 -30.70 43.18
CA ASN A 211 -17.00 -30.19 43.09
C ASN A 211 -17.02 -28.67 42.86
N LYS A 212 -18.04 -28.18 42.15
CA LYS A 212 -18.39 -26.77 41.97
C LYS A 212 -19.92 -26.64 41.97
N ASN A 213 -20.49 -25.45 42.15
CA ASN A 213 -21.93 -25.28 41.92
C ASN A 213 -22.28 -25.68 40.47
N GLY A 214 -23.06 -26.76 40.32
CA GLY A 214 -23.44 -27.32 39.02
C GLY A 214 -22.44 -28.26 38.33
N LEU A 215 -21.33 -28.67 38.96
CA LEU A 215 -20.38 -29.65 38.39
C LEU A 215 -19.81 -30.64 39.40
N SER A 216 -19.45 -31.81 38.90
CA SER A 216 -18.53 -32.76 39.53
C SER A 216 -17.44 -33.11 38.50
N VAL A 217 -16.17 -33.21 38.92
CA VAL A 217 -15.03 -33.45 38.01
C VAL A 217 -14.09 -34.49 38.61
N GLN A 218 -13.63 -35.45 37.81
CA GLN A 218 -12.77 -36.54 38.26
C GLN A 218 -11.82 -36.97 37.15
N VAL A 219 -10.63 -37.50 37.50
CA VAL A 219 -9.73 -38.17 36.54
C VAL A 219 -9.72 -39.68 36.81
N VAL A 220 -9.89 -40.48 35.76
CA VAL A 220 -9.83 -41.94 35.81
C VAL A 220 -8.55 -42.39 35.12
N LEU A 221 -7.74 -43.19 35.82
CA LEU A 221 -6.42 -43.65 35.36
C LEU A 221 -6.49 -45.00 34.65
N ASN A 222 -5.68 -45.18 33.61
CA ASN A 222 -5.66 -46.38 32.75
C ASN A 222 -7.05 -46.80 32.23
N HIS A 223 -7.87 -45.85 31.78
CA HIS A 223 -9.16 -46.13 31.13
C HIS A 223 -8.97 -46.63 29.69
N THR A 224 -9.88 -47.43 29.16
CA THR A 224 -9.83 -48.01 27.80
C THR A 224 -11.17 -47.90 27.09
N VAL A 225 -11.17 -47.57 25.78
CA VAL A 225 -12.38 -47.33 24.97
C VAL A 225 -12.27 -48.10 23.65
N VAL A 226 -13.33 -48.80 23.22
CA VAL A 226 -13.28 -49.71 22.06
C VAL A 226 -14.04 -49.11 20.86
N THR A 227 -13.40 -49.01 19.70
CA THR A 227 -14.03 -48.53 18.45
C THR A 227 -15.13 -49.47 17.96
N TYR A 228 -16.18 -48.99 17.28
CA TYR A 228 -17.35 -49.82 16.93
C TYR A 228 -17.10 -50.92 15.87
N SER A 229 -15.90 -50.99 15.29
CA SER A 229 -15.39 -52.22 14.67
C SER A 229 -15.36 -53.43 15.64
N ASP A 230 -15.45 -53.17 16.96
CA ASP A 230 -15.82 -54.09 18.04
C ASP A 230 -15.01 -55.40 18.01
N ARG A 231 -13.69 -55.24 18.14
CA ARG A 231 -12.66 -56.25 17.90
C ARG A 231 -11.68 -56.37 19.07
N GLY A 232 -11.26 -57.60 19.36
CA GLY A 232 -10.54 -57.97 20.59
C GLY A 232 -9.11 -57.39 20.75
N THR A 233 -8.52 -56.88 19.67
CA THR A 233 -7.24 -56.16 19.69
C THR A 233 -7.43 -54.72 20.22
N SER A 234 -7.77 -54.60 21.51
CA SER A 234 -8.22 -53.36 22.14
C SER A 234 -7.15 -52.25 22.14
N PRO A 235 -7.53 -50.97 21.92
CA PRO A 235 -6.62 -49.84 22.00
C PRO A 235 -5.92 -49.70 23.36
N THR A 236 -4.76 -49.04 23.36
CA THR A 236 -3.93 -48.80 24.55
C THR A 236 -4.64 -47.97 25.63
N PRO A 237 -4.43 -48.24 26.93
CA PRO A 237 -4.93 -47.42 28.02
C PRO A 237 -4.56 -45.93 27.95
N GLN A 238 -5.38 -45.08 28.57
CA GLN A 238 -5.25 -43.62 28.64
C GLN A 238 -5.56 -43.12 30.06
N ASN A 239 -5.25 -41.86 30.38
CA ASN A 239 -5.87 -41.18 31.51
C ASN A 239 -6.97 -40.26 30.95
N ARG A 240 -8.21 -40.40 31.45
CA ARG A 240 -9.38 -39.67 30.92
C ARG A 240 -10.06 -38.84 31.99
N ILE A 241 -10.47 -37.63 31.63
CA ILE A 241 -11.20 -36.72 32.51
C ILE A 241 -12.71 -36.98 32.34
N PHE A 242 -13.49 -36.89 33.41
CA PHE A 242 -14.95 -37.01 33.40
C PHE A 242 -15.61 -35.81 34.07
N VAL A 243 -16.55 -35.18 33.37
CA VAL A 243 -17.40 -34.09 33.87
C VAL A 243 -18.86 -34.55 33.93
N GLU A 244 -19.53 -34.33 35.05
CA GLU A 244 -20.92 -34.72 35.27
C GLU A 244 -21.78 -33.49 35.59
N THR A 245 -22.14 -32.74 34.54
CA THR A 245 -23.08 -31.62 34.58
C THR A 245 -24.50 -32.13 34.83
N GLY A 246 -25.48 -31.25 35.09
CA GLY A 246 -26.89 -31.62 34.89
C GLY A 246 -27.14 -32.04 33.43
N ALA A 247 -28.01 -33.02 33.22
CA ALA A 247 -28.42 -33.52 31.90
C ALA A 247 -27.40 -34.31 31.03
N TYR A 248 -26.10 -34.45 31.36
CA TYR A 248 -25.18 -35.37 30.64
C TYR A 248 -23.88 -35.70 31.38
N THR A 249 -23.16 -36.75 30.97
CA THR A 249 -21.74 -37.00 31.32
C THR A 249 -20.87 -36.74 30.10
N LEU A 250 -19.70 -36.15 30.24
CA LEU A 250 -18.79 -35.85 29.12
C LEU A 250 -17.33 -36.21 29.44
N SER A 251 -16.55 -36.67 28.47
CA SER A 251 -15.18 -37.15 28.69
C SER A 251 -14.19 -36.80 27.58
N TRP A 252 -12.93 -36.54 27.93
CA TRP A 252 -11.81 -36.33 26.99
C TRP A 252 -10.48 -36.85 27.57
N ALA A 253 -9.52 -37.17 26.72
CA ALA A 253 -8.20 -37.69 27.12
C ALA A 253 -7.27 -36.57 27.60
N SER A 254 -6.54 -36.81 28.70
CA SER A 254 -5.69 -35.80 29.34
C SER A 254 -4.45 -35.45 28.49
N GLU A 255 -4.05 -34.18 28.48
CA GLU A 255 -2.89 -33.67 27.71
C GLU A 255 -2.28 -32.43 28.39
N SER A 256 -0.98 -32.18 28.20
CA SER A 256 -0.26 -31.04 28.80
C SER A 256 -0.34 -29.76 27.98
N LYS A 257 -0.45 -28.59 28.61
CA LYS A 257 -0.64 -27.32 27.88
C LYS A 257 0.51 -27.02 26.94
N THR A 258 1.75 -27.20 27.41
CA THR A 258 2.99 -26.90 26.66
C THR A 258 3.27 -27.86 25.51
N THR A 259 2.69 -29.06 25.48
CA THR A 259 2.70 -29.93 24.28
C THR A 259 1.49 -29.68 23.37
N ALA A 260 0.35 -29.26 23.92
CA ALA A 260 -0.87 -29.02 23.14
C ALA A 260 -0.79 -27.81 22.22
N VAL A 261 -0.35 -26.65 22.74
CA VAL A 261 -0.39 -25.36 22.05
C VAL A 261 0.88 -24.54 22.23
N CYS A 262 1.31 -23.83 21.18
CA CYS A 262 2.42 -22.87 21.22
C CYS A 262 1.98 -21.55 20.56
N PRO A 263 2.33 -20.36 21.07
CA PRO A 263 1.71 -19.11 20.62
C PRO A 263 2.05 -18.62 19.21
N LEU A 264 3.07 -19.16 18.53
CA LEU A 264 3.57 -18.71 17.22
C LEU A 264 3.55 -19.84 16.17
N ALA A 265 3.43 -19.48 14.90
CA ALA A 265 3.46 -20.39 13.76
C ALA A 265 4.35 -19.87 12.63
N LEU A 266 5.07 -20.75 11.94
CA LEU A 266 5.96 -20.38 10.84
C LEU A 266 5.16 -19.87 9.63
N TRP A 267 5.46 -18.69 9.11
CA TRP A 267 4.81 -18.17 7.91
C TRP A 267 5.57 -18.55 6.63
N LYS A 268 6.83 -18.11 6.49
CA LYS A 268 7.70 -18.32 5.31
C LYS A 268 9.17 -18.41 5.69
N THR A 269 9.98 -18.99 4.81
CA THR A 269 11.43 -19.12 4.96
C THR A 269 12.16 -18.72 3.68
N PHE A 270 13.22 -17.92 3.79
CA PHE A 270 14.00 -17.43 2.65
C PHE A 270 15.46 -17.88 2.80
N PRO A 271 15.99 -18.76 1.93
CA PRO A 271 17.34 -19.30 2.08
C PRO A 271 18.42 -18.31 1.60
N ARG A 272 18.07 -17.33 0.78
CA ARG A 272 18.92 -16.16 0.46
C ARG A 272 18.19 -14.87 0.75
N SER A 273 18.73 -14.10 1.68
CA SER A 273 18.27 -12.78 2.10
C SER A 273 19.46 -11.98 2.61
N ILE A 274 19.34 -10.66 2.69
CA ILE A 274 20.46 -9.75 2.95
C ILE A 274 20.12 -8.83 4.12
N GLN A 275 21.07 -8.58 5.03
CA GLN A 275 20.93 -7.61 6.12
C GLN A 275 21.69 -6.31 5.83
N THR A 276 21.04 -5.15 5.97
CA THR A 276 21.71 -3.83 5.90
C THR A 276 21.45 -3.01 7.17
N THR A 277 22.45 -2.24 7.60
CA THR A 277 22.41 -1.49 8.86
C THR A 277 22.19 -0.02 8.58
N HIS A 278 21.19 0.59 9.21
CA HIS A 278 20.88 2.02 9.10
C HIS A 278 21.04 2.70 10.46
N GLU A 279 20.72 3.98 10.57
CA GLU A 279 21.05 4.82 11.73
C GLU A 279 20.40 4.36 13.06
N ASP A 280 19.27 3.65 12.99
CA ASP A 280 18.42 3.30 14.13
C ASP A 280 17.83 1.87 14.08
N SER A 281 18.15 1.08 13.04
CA SER A 281 17.45 -0.17 12.71
C SER A 281 18.23 -1.05 11.73
N PHE A 282 17.84 -2.32 11.60
CA PHE A 282 18.29 -3.26 10.56
C PHE A 282 17.17 -3.55 9.56
N HIS A 283 17.49 -3.73 8.28
CA HIS A 283 16.54 -4.13 7.24
C HIS A 283 16.87 -5.50 6.65
N PHE A 284 15.91 -6.41 6.61
CA PHE A 284 16.05 -7.78 6.06
C PHE A 284 15.17 -7.96 4.81
N VAL A 285 15.73 -8.43 3.71
CA VAL A 285 15.11 -8.40 2.36
C VAL A 285 14.58 -9.75 1.90
N ALA A 286 13.34 -9.83 1.40
CA ALA A 286 12.74 -11.04 0.83
C ALA A 286 12.23 -10.80 -0.60
N ASN A 287 13.01 -11.21 -1.60
CA ASN A 287 12.75 -10.91 -3.02
C ASN A 287 11.52 -11.62 -3.60
N GLU A 288 11.29 -12.90 -3.28
CA GLU A 288 10.16 -13.67 -3.79
C GLU A 288 8.80 -13.09 -3.38
N ILE A 289 8.71 -12.42 -2.23
CA ILE A 289 7.51 -11.68 -1.80
C ILE A 289 7.45 -10.23 -2.31
N THR A 290 8.57 -9.67 -2.77
CA THR A 290 8.73 -8.21 -2.98
C THR A 290 8.44 -7.46 -1.67
N ALA A 291 9.17 -7.75 -0.58
CA ALA A 291 9.00 -7.11 0.72
C ALA A 291 10.31 -7.03 1.53
N THR A 292 10.41 -6.07 2.47
CA THR A 292 11.50 -6.02 3.47
C THR A 292 10.95 -5.83 4.87
N PHE A 293 11.51 -6.53 5.85
CA PHE A 293 11.11 -6.47 7.26
C PHE A 293 12.18 -5.74 8.06
N THR A 294 11.81 -4.75 8.88
CA THR A 294 12.77 -4.01 9.71
C THR A 294 12.72 -4.44 11.17
N ALA A 295 13.75 -4.13 11.95
CA ALA A 295 13.78 -4.40 13.39
C ALA A 295 14.71 -3.42 14.16
N PRO A 296 14.49 -3.22 15.47
CA PRO A 296 15.41 -2.49 16.34
C PRO A 296 16.82 -3.10 16.36
N LEU A 297 17.82 -2.30 16.75
CA LEU A 297 19.24 -2.71 16.75
C LEU A 297 19.60 -3.77 17.80
N THR A 298 18.74 -4.04 18.79
CA THR A 298 18.99 -5.02 19.86
C THR A 298 18.16 -6.30 19.67
N PRO A 299 18.77 -7.50 19.61
CA PRO A 299 18.04 -8.76 19.50
C PRO A 299 17.29 -9.09 20.81
N VAL A 300 16.18 -9.83 20.74
CA VAL A 300 15.39 -10.17 21.94
C VAL A 300 16.05 -11.27 22.77
N ALA A 301 16.20 -11.02 24.06
CA ALA A 301 16.74 -11.99 25.01
C ALA A 301 15.69 -13.05 25.42
N ASN A 302 16.15 -14.22 25.87
CA ASN A 302 15.34 -15.30 26.43
C ASN A 302 14.34 -15.97 25.47
N PHE A 303 14.49 -15.86 24.15
CA PHE A 303 13.64 -16.57 23.16
C PHE A 303 13.88 -18.10 23.13
N THR A 304 14.83 -18.63 23.90
CA THR A 304 14.93 -20.08 24.17
C THR A 304 14.10 -20.53 25.40
N ASP A 305 13.77 -19.62 26.33
CA ASP A 305 12.96 -19.90 27.53
C ASP A 305 11.49 -19.48 27.38
N THR A 306 11.23 -18.24 26.98
CA THR A 306 9.92 -17.85 26.44
C THR A 306 9.81 -18.38 25.01
N TYR A 307 8.67 -18.94 24.59
CA TYR A 307 8.55 -19.65 23.31
C TYR A 307 9.49 -20.86 23.15
N SER A 308 9.89 -21.50 24.25
CA SER A 308 10.71 -22.73 24.23
C SER A 308 10.08 -23.87 23.42
N CYS A 309 8.76 -23.88 23.29
CA CYS A 309 7.99 -24.84 22.48
C CYS A 309 8.32 -24.83 20.98
N LEU A 310 8.99 -23.79 20.45
CA LEU A 310 9.46 -23.76 19.06
C LEU A 310 10.77 -24.52 18.81
N THR A 311 11.48 -24.96 19.86
CA THR A 311 12.83 -25.57 19.74
C THR A 311 12.84 -26.87 18.94
N SER A 312 11.70 -27.53 18.73
CA SER A 312 11.59 -28.65 17.80
C SER A 312 11.69 -28.23 16.32
N ASP A 313 11.23 -27.02 15.97
CA ASP A 313 10.96 -26.62 14.59
C ASP A 313 12.06 -25.74 13.98
N ILE A 314 12.59 -24.77 14.72
CA ILE A 314 13.66 -23.91 14.20
C ILE A 314 14.93 -24.72 13.91
N ASN A 315 15.28 -25.70 14.75
CA ASN A 315 16.46 -26.54 14.55
C ASN A 315 16.39 -27.36 13.26
N THR A 316 15.31 -28.10 13.02
CA THR A 316 15.15 -28.88 11.78
C THR A 316 15.03 -27.98 10.54
N THR A 317 14.40 -26.81 10.64
CA THR A 317 14.26 -25.88 9.51
C THR A 317 15.59 -25.21 9.14
N LEU A 318 16.39 -24.77 10.12
CA LEU A 318 17.74 -24.27 9.86
C LEU A 318 18.67 -25.39 9.36
N ASN A 319 18.65 -26.59 9.94
CA ASN A 319 19.48 -27.72 9.48
C ASN A 319 19.17 -28.13 8.03
N ALA A 320 17.89 -28.21 7.63
CA ALA A 320 17.53 -28.48 6.25
C ALA A 320 17.98 -27.36 5.30
N SER A 321 17.80 -26.09 5.69
CA SER A 321 18.23 -24.94 4.88
C SER A 321 19.75 -24.89 4.70
N LYS A 322 20.54 -25.09 5.76
CA LYS A 322 22.01 -25.12 5.67
C LYS A 322 22.50 -26.27 4.80
N ALA A 323 21.90 -27.45 4.88
CA ALA A 323 22.27 -28.58 4.01
C ALA A 323 21.94 -28.34 2.53
N LYS A 324 20.97 -27.47 2.20
CA LYS A 324 20.64 -27.08 0.82
C LYS A 324 21.69 -26.15 0.18
N LEU A 325 22.41 -25.36 0.99
CA LEU A 325 23.41 -24.37 0.57
C LEU A 325 24.87 -24.84 0.75
N ALA A 326 25.10 -26.05 1.30
CA ALA A 326 26.40 -26.52 1.75
C ALA A 326 27.47 -26.69 0.63
N SER A 327 27.10 -26.62 -0.64
CA SER A 327 28.05 -26.61 -1.76
C SER A 327 28.62 -25.21 -2.10
N THR A 328 28.02 -24.12 -1.62
CA THR A 328 28.46 -22.73 -1.96
C THR A 328 28.65 -21.82 -0.76
N HIS A 329 28.00 -22.07 0.37
CA HIS A 329 28.09 -21.23 1.56
C HIS A 329 28.36 -22.05 2.83
N VAL A 330 29.03 -21.44 3.80
CA VAL A 330 29.33 -22.00 5.13
C VAL A 330 28.92 -20.99 6.22
N PRO A 331 28.25 -21.42 7.30
CA PRO A 331 27.83 -20.55 8.41
C PRO A 331 28.89 -19.63 9.00
N ASN A 332 28.48 -18.46 9.49
CA ASN A 332 29.29 -17.55 10.29
C ASN A 332 28.46 -17.03 11.47
N GLY A 333 29.08 -16.45 12.49
CA GLY A 333 28.38 -15.90 13.65
C GLY A 333 27.55 -16.95 14.41
N THR A 334 26.33 -16.59 14.81
CA THR A 334 25.39 -17.46 15.55
C THR A 334 23.95 -17.00 15.36
N VAL A 335 22.97 -17.84 15.72
CA VAL A 335 21.54 -17.58 15.50
C VAL A 335 21.06 -16.40 16.35
N GLN A 336 20.31 -15.48 15.75
CA GLN A 336 19.79 -14.26 16.38
C GLN A 336 18.29 -14.09 16.14
N TYR A 337 17.58 -13.47 17.09
CA TYR A 337 16.13 -13.32 17.11
C TYR A 337 15.71 -11.85 17.23
N PHE A 338 14.80 -11.36 16.40
CA PHE A 338 14.36 -9.95 16.39
C PHE A 338 12.83 -9.81 16.35
N HIS A 339 12.27 -8.76 16.92
CA HIS A 339 10.83 -8.51 16.95
C HIS A 339 10.48 -7.24 16.15
N THR A 340 9.81 -7.40 15.02
CA THR A 340 9.43 -6.33 14.10
C THR A 340 8.30 -5.47 14.64
N THR A 341 8.40 -4.14 14.58
CA THR A 341 7.23 -3.27 14.84
C THR A 341 6.14 -3.51 13.79
N GLY A 342 5.00 -4.05 14.22
CA GLY A 342 4.03 -4.73 13.36
C GLY A 342 3.69 -6.16 13.80
N GLY A 343 4.54 -6.78 14.64
CA GLY A 343 4.20 -7.95 15.46
C GLY A 343 4.79 -9.31 15.05
N LEU A 344 5.55 -9.38 13.94
CA LEU A 344 6.23 -10.60 13.50
C LEU A 344 7.56 -10.83 14.24
N TYR A 345 7.97 -12.09 14.40
CA TYR A 345 9.29 -12.47 14.92
C TYR A 345 10.18 -13.02 13.81
N LEU A 346 11.44 -12.60 13.76
CA LEU A 346 12.44 -13.00 12.76
C LEU A 346 13.50 -13.91 13.39
N VAL A 347 13.86 -15.01 12.73
CA VAL A 347 15.03 -15.84 13.06
C VAL A 347 16.08 -15.67 11.96
N TRP A 348 17.34 -15.41 12.31
CA TRP A 348 18.42 -15.10 11.36
C TRP A 348 19.67 -15.96 11.61
N GLN A 349 20.30 -16.45 10.54
CA GLN A 349 21.56 -17.21 10.55
C GLN A 349 22.51 -16.67 9.47
N PRO A 350 23.61 -15.96 9.80
CA PRO A 350 24.56 -15.46 8.81
C PRO A 350 25.26 -16.57 8.04
N MET A 351 25.51 -16.37 6.75
CA MET A 351 26.21 -17.30 5.86
C MET A 351 27.34 -16.59 5.11
N SER A 352 28.43 -17.30 4.80
CA SER A 352 29.60 -16.77 4.08
C SER A 352 29.94 -17.60 2.85
N ALA A 353 30.34 -16.97 1.74
CA ALA A 353 30.70 -17.69 0.52
C ALA A 353 32.06 -18.40 0.69
N ILE A 354 32.17 -19.65 0.22
CA ILE A 354 33.36 -20.49 0.50
C ILE A 354 34.52 -20.29 -0.48
N ASN A 355 34.22 -19.93 -1.74
CA ASN A 355 35.20 -19.59 -2.79
C ASN A 355 36.39 -20.57 -2.84
N GLY A 395 5.29 -6.61 24.68
CA GLY A 395 5.63 -6.40 23.27
C GLY A 395 4.40 -6.16 22.37
N GLY A 396 4.63 -6.12 21.05
CA GLY A 396 3.62 -5.87 20.04
C GLY A 396 2.72 -7.07 19.74
N GLY A 397 1.86 -7.47 20.68
CA GLY A 397 0.91 -8.58 20.51
C GLY A 397 -0.22 -8.32 19.51
N GLY A 398 -0.46 -7.06 19.16
CA GLY A 398 -1.41 -6.64 18.11
C GLY A 398 -0.84 -6.81 16.71
N SER A 399 -0.62 -8.06 16.28
CA SER A 399 -0.07 -8.39 14.95
C SER A 399 -0.93 -7.79 13.82
N THR A 400 -0.34 -6.95 12.97
CA THR A 400 -1.08 -6.24 11.91
C THR A 400 -1.35 -7.15 10.72
N ASP A 401 -2.61 -7.24 10.29
CA ASP A 401 -3.08 -8.18 9.26
C ASP A 401 -2.68 -7.78 7.83
N ASN A 402 -2.45 -6.47 7.59
CA ASN A 402 -2.16 -5.92 6.26
C ASN A 402 -0.67 -5.58 6.13
N LEU A 403 0.03 -6.24 5.20
CA LEU A 403 1.49 -6.14 5.05
C LEU A 403 1.96 -5.08 4.04
N SER A 404 1.11 -4.14 3.61
CA SER A 404 1.43 -3.17 2.55
C SER A 404 2.67 -2.32 2.84
N TYR A 405 2.92 -1.93 4.09
CA TYR A 405 4.10 -1.15 4.48
C TYR A 405 5.41 -1.90 4.23
N THR A 406 5.41 -3.24 4.22
CA THR A 406 6.61 -4.04 3.91
C THR A 406 6.95 -4.04 2.43
N GLN A 407 5.96 -3.89 1.54
CA GLN A 407 6.18 -3.78 0.09
C GLN A 407 6.54 -2.36 -0.34
N LEU A 408 5.96 -1.35 0.31
CA LEU A 408 6.32 0.05 0.09
C LEU A 408 7.76 0.36 0.50
N GLN A 409 8.26 -0.23 1.60
CA GLN A 409 9.68 -0.14 1.96
C GLN A 409 10.58 -0.77 0.90
N PHE A 410 10.23 -1.94 0.33
CA PHE A 410 10.99 -2.55 -0.76
C PHE A 410 11.03 -1.69 -2.03
N ALA A 411 9.93 -1.07 -2.44
CA ALA A 411 9.94 -0.17 -3.59
C ALA A 411 10.80 1.07 -3.35
N TYR A 412 10.70 1.72 -2.19
CA TYR A 412 11.50 2.89 -1.88
C TYR A 412 13.00 2.57 -1.81
N ASP A 413 13.39 1.46 -1.18
CA ASP A 413 14.78 0.99 -1.16
C ASP A 413 15.29 0.38 -2.48
N LYS A 414 14.47 0.29 -3.53
CA LYS A 414 14.92 0.00 -4.90
C LYS A 414 15.07 1.28 -5.74
N LEU A 415 14.22 2.28 -5.56
CA LEU A 415 14.40 3.60 -6.17
C LEU A 415 15.62 4.33 -5.63
N ARG A 416 15.78 4.43 -4.30
CA ARG A 416 16.83 5.27 -3.69
C ARG A 416 18.25 4.94 -4.14
N PRO A 417 18.78 3.70 -4.04
CA PRO A 417 20.13 3.40 -4.52
C PRO A 417 20.26 3.43 -6.05
N GLY A 418 19.18 3.20 -6.80
CA GLY A 418 19.18 3.35 -8.25
C GLY A 418 19.38 4.79 -8.70
N ILE A 419 18.83 5.76 -7.96
CA ILE A 419 19.05 7.20 -8.21
C ILE A 419 20.41 7.65 -7.66
N ASN A 420 20.80 7.28 -6.45
CA ASN A 420 22.10 7.65 -5.90
C ASN A 420 23.30 7.08 -6.68
N GLN A 421 23.16 5.96 -7.39
CA GLN A 421 24.19 5.48 -8.30
C GLN A 421 24.38 6.39 -9.52
N VAL A 422 23.30 6.92 -10.10
CA VAL A 422 23.39 7.90 -11.21
C VAL A 422 24.10 9.17 -10.77
N LEU A 423 23.88 9.67 -9.56
CA LEU A 423 24.59 10.86 -9.06
C LEU A 423 26.10 10.63 -8.89
N GLU A 424 26.54 9.44 -8.48
CA GLU A 424 27.97 9.11 -8.41
C GLU A 424 28.61 8.91 -9.78
N GLU A 425 27.92 8.32 -10.75
CA GLU A 425 28.40 8.18 -12.13
C GLU A 425 28.45 9.51 -12.89
N LEU A 426 27.51 10.44 -12.62
CA LEU A 426 27.51 11.80 -13.17
C LEU A 426 28.61 12.68 -12.59
N SER A 427 28.92 12.55 -11.30
CA SER A 427 29.91 13.38 -10.62
C SER A 427 31.36 13.09 -11.01
N ARG A 428 31.75 11.82 -11.26
CA ARG A 428 33.09 11.52 -11.80
C ARG A 428 33.25 11.75 -13.29
N ALA A 429 32.15 11.80 -14.06
CA ALA A 429 32.18 12.25 -15.46
C ALA A 429 32.38 13.77 -15.56
N TRP A 430 31.83 14.54 -14.63
CA TRP A 430 32.05 15.99 -14.52
C TRP A 430 33.48 16.31 -14.09
N CYS A 431 34.01 15.67 -13.06
CA CYS A 431 35.37 15.93 -12.59
C CYS A 431 36.45 15.67 -13.66
N ARG A 432 36.34 14.60 -14.46
CA ARG A 432 37.28 14.35 -15.57
C ARG A 432 37.25 15.41 -16.66
N GLU A 433 36.17 16.19 -16.79
CA GLU A 433 36.14 17.33 -17.69
C GLU A 433 36.82 18.56 -17.10
N GLN A 434 36.62 18.86 -15.81
CA GLN A 434 37.28 20.00 -15.15
C GLN A 434 38.81 19.89 -15.15
N VAL A 435 39.35 18.67 -15.14
CA VAL A 435 40.80 18.41 -15.30
C VAL A 435 41.31 18.73 -16.71
N ARG A 436 40.48 18.67 -17.76
CA ARG A 436 40.82 19.15 -19.11
C ARG A 436 40.61 20.66 -19.28
N ASP A 437 39.55 21.24 -18.74
CA ASP A 437 39.37 22.70 -18.75
C ASP A 437 40.56 23.44 -18.12
N ASN A 438 41.10 22.94 -17.01
CA ASN A 438 42.31 23.48 -16.40
C ASN A 438 43.55 23.44 -17.31
N LEU A 439 43.63 22.52 -18.28
CA LEU A 439 44.70 22.47 -19.29
C LEU A 439 44.43 23.40 -20.48
N MET A 440 43.18 23.60 -20.89
CA MET A 440 42.85 24.61 -21.89
C MET A 440 43.20 26.02 -21.40
N TRP A 441 42.88 26.36 -20.14
CA TRP A 441 43.29 27.67 -19.59
C TRP A 441 44.79 27.83 -19.47
N TYR A 442 45.54 26.77 -19.16
CA TYR A 442 47.00 26.83 -19.15
C TYR A 442 47.56 27.17 -20.53
N GLU A 443 47.15 26.48 -21.61
CA GLU A 443 47.63 26.76 -22.96
C GLU A 443 47.21 28.14 -23.49
N LEU A 444 46.03 28.64 -23.14
CA LEU A 444 45.61 30.00 -23.47
C LEU A 444 46.41 31.05 -22.70
N SER A 445 46.96 30.75 -21.52
CA SER A 445 47.68 31.74 -20.69
C SER A 445 49.04 32.10 -21.24
N LYS A 446 49.71 31.18 -21.94
CA LYS A 446 51.03 31.40 -22.55
C LYS A 446 51.01 32.42 -23.70
N ILE A 447 49.84 32.66 -24.30
CA ILE A 447 49.66 33.65 -25.37
C ILE A 447 49.63 35.06 -24.77
N ASN A 448 48.69 35.36 -23.86
CA ASN A 448 48.76 36.52 -22.98
C ASN A 448 48.05 36.26 -21.64
N PRO A 449 48.73 36.36 -20.48
CA PRO A 449 48.16 35.94 -19.20
C PRO A 449 47.10 36.91 -18.64
N THR A 450 47.06 38.18 -19.05
CA THR A 450 46.02 39.13 -18.58
C THR A 450 44.61 38.64 -18.86
N SER A 451 44.35 38.23 -20.10
CA SER A 451 43.01 37.82 -20.54
C SER A 451 42.53 36.52 -19.90
N VAL A 452 43.43 35.66 -19.40
CA VAL A 452 43.07 34.49 -18.58
C VAL A 452 42.78 34.88 -17.13
N MET A 453 43.59 35.76 -16.52
CA MET A 453 43.35 36.21 -15.14
C MET A 453 42.01 36.94 -14.99
N THR A 454 41.64 37.83 -15.92
CA THR A 454 40.32 38.49 -15.89
C THR A 454 39.17 37.61 -16.40
N ALA A 455 39.41 36.35 -16.75
CA ALA A 455 38.38 35.35 -17.01
C ALA A 455 38.16 34.44 -15.78
N ILE A 456 39.23 34.05 -15.09
CA ILE A 456 39.18 33.27 -13.85
C ILE A 456 38.71 34.13 -12.67
N TYR A 457 39.14 35.38 -12.53
CA TYR A 457 38.52 36.37 -11.62
C TYR A 457 37.37 37.12 -12.32
N GLY A 458 36.41 37.61 -11.55
CA GLY A 458 35.28 38.41 -12.06
C GLY A 458 35.58 39.90 -12.27
N ARG A 459 36.84 40.32 -12.18
CA ARG A 459 37.26 41.73 -12.07
C ARG A 459 38.56 42.01 -12.84
N PRO A 460 38.78 43.24 -13.32
CA PRO A 460 40.00 43.58 -14.06
C PRO A 460 41.24 43.60 -13.15
N VAL A 461 42.32 42.97 -13.64
CA VAL A 461 43.67 42.90 -13.07
C VAL A 461 44.68 42.85 -14.22
N SER A 462 45.96 43.11 -13.97
CA SER A 462 47.05 42.95 -14.95
C SER A 462 48.08 41.92 -14.48
N ALA A 463 48.65 41.14 -15.39
CA ALA A 463 49.51 40.01 -15.04
C ALA A 463 50.70 39.83 -15.99
N LYS A 464 51.78 39.21 -15.50
CA LYS A 464 53.04 39.03 -16.24
C LYS A 464 53.78 37.77 -15.79
N PHE A 465 54.40 37.03 -16.69
CA PHE A 465 55.28 35.91 -16.31
C PHE A 465 56.60 36.43 -15.75
N VAL A 466 57.02 35.92 -14.59
CA VAL A 466 58.34 36.21 -13.98
C VAL A 466 59.27 34.99 -14.01
N GLY A 467 58.98 34.03 -14.89
CA GLY A 467 59.57 32.70 -14.96
C GLY A 467 58.49 31.68 -15.24
N ASP A 468 58.43 30.60 -14.46
CA ASP A 468 57.33 29.62 -14.49
C ASP A 468 56.15 30.00 -13.55
N ALA A 469 56.15 31.19 -12.97
CA ALA A 469 55.08 31.72 -12.13
C ALA A 469 54.55 33.06 -12.66
N ILE A 470 53.27 33.35 -12.42
CA ILE A 470 52.59 34.55 -12.91
C ILE A 470 52.43 35.56 -11.78
N SER A 471 52.99 36.76 -11.94
CA SER A 471 52.81 37.88 -11.02
C SER A 471 51.53 38.63 -11.36
N VAL A 472 50.65 38.91 -10.40
CA VAL A 472 49.36 39.58 -10.64
C VAL A 472 49.23 40.89 -9.85
N THR A 473 48.60 41.90 -10.43
CA THR A 473 48.63 43.29 -9.95
C THR A 473 47.29 44.00 -10.15
N GLU A 474 46.98 44.94 -9.26
CA GLU A 474 45.78 45.77 -9.31
C GLU A 474 45.84 46.84 -10.41
N CYS A 475 44.69 47.37 -10.82
CA CYS A 475 44.55 48.40 -11.85
C CYS A 475 43.86 49.66 -11.28
N ILE A 476 44.21 50.85 -11.81
CA ILE A 476 43.94 52.15 -11.18
C ILE A 476 42.87 52.96 -11.94
N ASN A 477 41.83 53.42 -11.26
CA ASN A 477 40.78 54.24 -11.88
C ASN A 477 41.24 55.68 -12.20
N VAL A 478 40.75 56.22 -13.32
CA VAL A 478 40.97 57.59 -13.85
C VAL A 478 39.62 58.31 -13.95
N ASP A 479 39.57 59.62 -13.74
CA ASP A 479 38.29 60.36 -13.70
C ASP A 479 37.58 60.41 -15.07
N GLN A 480 36.24 60.53 -15.04
CA GLN A 480 35.43 60.41 -16.26
C GLN A 480 35.37 61.74 -17.03
N SER A 481 35.76 62.87 -16.42
CA SER A 481 35.61 64.21 -16.98
C SER A 481 36.83 64.68 -17.77
N SER A 482 38.06 64.28 -17.40
CA SER A 482 39.25 64.65 -18.18
C SER A 482 39.39 63.88 -19.49
N VAL A 483 38.77 62.69 -19.60
CA VAL A 483 38.83 61.84 -20.79
C VAL A 483 38.12 62.46 -22.00
N ASN A 484 38.86 62.67 -23.10
CA ASN A 484 38.28 62.95 -24.41
C ASN A 484 38.98 62.16 -25.53
N ILE A 485 38.20 61.72 -26.52
CA ILE A 485 38.63 60.85 -27.62
C ILE A 485 38.80 61.67 -28.91
N HIS A 486 39.92 61.52 -29.62
CA HIS A 486 40.21 62.34 -30.80
C HIS A 486 39.40 61.91 -32.03
N LYS A 487 39.02 62.87 -32.88
CA LYS A 487 38.15 62.66 -34.05
C LYS A 487 38.83 62.11 -35.32
N SER A 488 40.12 61.77 -35.25
CA SER A 488 40.93 61.42 -36.43
C SER A 488 41.94 60.31 -36.16
N LEU A 489 42.30 59.55 -37.21
CA LEU A 489 43.20 58.40 -37.12
C LEU A 489 44.46 58.50 -38.02
N ARG A 490 44.49 59.35 -39.05
CA ARG A 490 45.69 59.57 -39.87
C ARG A 490 46.74 60.41 -39.13
N THR A 491 48.01 59.98 -39.19
CA THR A 491 49.14 60.60 -38.45
C THR A 491 49.65 61.85 -39.18
N ASN A 492 50.53 62.64 -38.54
CA ASN A 492 51.28 63.71 -39.22
C ASN A 492 52.22 63.18 -40.32
N SER A 493 52.72 61.94 -40.19
CA SER A 493 53.41 61.20 -41.27
C SER A 493 52.47 60.89 -42.45
N LYS A 494 53.00 60.88 -43.67
CA LYS A 494 52.21 60.85 -44.92
C LYS A 494 51.42 59.56 -45.18
N ASP A 495 51.80 58.43 -44.56
CA ASP A 495 51.17 57.12 -44.78
C ASP A 495 51.26 56.21 -43.54
N VAL A 496 50.82 56.71 -42.38
CA VAL A 496 50.67 55.92 -41.13
C VAL A 496 49.33 56.26 -40.47
N CYS A 497 48.58 55.24 -40.05
CA CYS A 497 47.23 55.40 -39.48
C CYS A 497 47.09 54.61 -38.16
N TYR A 498 46.50 55.22 -37.15
CA TYR A 498 46.29 54.59 -35.84
C TYR A 498 45.15 53.54 -35.90
N ALA A 499 45.42 52.33 -35.41
CA ALA A 499 44.44 51.24 -35.38
C ALA A 499 43.36 51.40 -34.29
N ARG A 500 43.62 52.25 -33.28
CA ARG A 500 42.73 52.60 -32.17
C ARG A 500 42.77 54.12 -31.95
N PRO A 501 41.68 54.80 -31.60
CA PRO A 501 41.66 56.25 -31.50
C PRO A 501 42.47 56.74 -30.30
N LEU A 502 43.08 57.92 -30.46
CA LEU A 502 43.85 58.57 -29.40
C LEU A 502 42.92 59.12 -28.29
N VAL A 503 43.44 59.14 -27.07
CA VAL A 503 42.75 59.64 -25.88
C VAL A 503 43.68 60.53 -25.05
N THR A 504 43.14 61.60 -24.47
CA THR A 504 43.82 62.52 -23.54
C THR A 504 43.09 62.51 -22.19
N PHE A 505 43.82 62.57 -21.08
CA PHE A 505 43.30 62.36 -19.72
C PHE A 505 44.23 62.93 -18.64
N LYS A 506 43.77 62.97 -17.38
CA LYS A 506 44.66 63.14 -16.21
C LYS A 506 44.18 62.35 -14.97
N PHE A 507 45.12 62.02 -14.08
CA PHE A 507 44.81 61.35 -12.81
C PHE A 507 44.12 62.28 -11.80
N LEU A 508 43.41 61.70 -10.83
CA LEU A 508 42.78 62.43 -9.73
C LEU A 508 43.82 63.25 -8.94
N ASN A 509 43.41 64.43 -8.44
CA ASN A 509 44.24 65.37 -7.67
C ASN A 509 45.54 65.76 -8.40
N SER A 510 45.45 66.13 -9.69
CA SER A 510 46.60 66.53 -10.51
C SER A 510 46.24 67.64 -11.52
N SER A 511 47.28 68.28 -12.09
CA SER A 511 47.14 69.35 -13.09
C SER A 511 47.66 68.96 -14.49
N ASN A 512 48.82 68.31 -14.57
CA ASN A 512 49.44 67.92 -15.85
C ASN A 512 48.63 66.85 -16.61
N LEU A 513 48.56 66.96 -17.94
CA LEU A 513 47.84 66.02 -18.81
C LEU A 513 48.72 64.87 -19.31
N PHE A 514 48.07 63.80 -19.78
CA PHE A 514 48.68 62.59 -20.37
C PHE A 514 47.89 62.17 -21.62
N THR A 515 48.45 61.29 -22.44
CA THR A 515 47.77 60.76 -23.63
C THR A 515 48.15 59.29 -23.93
N GLY A 516 47.26 58.58 -24.62
CA GLY A 516 47.41 57.16 -24.99
C GLY A 516 46.41 56.75 -26.07
N GLN A 517 46.12 55.44 -26.16
CA GLN A 517 45.08 54.87 -27.04
C GLN A 517 43.99 54.16 -26.25
N LEU A 518 42.75 54.23 -26.76
CA LEU A 518 41.58 53.55 -26.20
C LEU A 518 41.68 52.03 -26.47
N GLY A 519 41.92 51.23 -25.43
CA GLY A 519 42.18 49.78 -25.56
C GLY A 519 41.14 48.88 -24.87
N ALA A 520 41.14 47.60 -25.25
CA ALA A 520 40.30 46.55 -24.66
C ALA A 520 38.81 46.98 -24.52
N ARG A 521 38.19 46.75 -23.35
CA ARG A 521 36.81 47.18 -23.05
C ARG A 521 36.72 48.70 -22.82
N ASN A 522 37.45 49.22 -21.83
CA ASN A 522 37.50 50.66 -21.49
C ASN A 522 38.88 51.06 -20.91
N GLU A 523 39.97 50.44 -21.36
CA GLU A 523 41.31 50.70 -20.85
C GLU A 523 42.01 51.87 -21.54
N ILE A 524 42.92 52.51 -20.83
CA ILE A 524 43.86 53.47 -21.37
C ILE A 524 45.22 52.77 -21.55
N ILE A 525 45.73 52.73 -22.78
CA ILE A 525 47.02 52.10 -23.12
C ILE A 525 48.06 53.19 -23.42
N LEU A 526 49.22 53.12 -22.78
CA LEU A 526 50.27 54.15 -22.85
C LEU A 526 51.23 54.01 -24.05
N THR A 527 51.27 52.86 -24.73
CA THR A 527 52.14 52.57 -25.89
C THR A 527 51.35 52.41 -27.20
N ASN A 528 51.70 53.19 -28.23
CA ASN A 528 50.90 53.33 -29.45
C ASN A 528 51.09 52.17 -30.45
N ASN A 529 50.08 51.88 -31.27
CA ASN A 529 50.15 50.95 -32.41
C ASN A 529 49.30 51.41 -33.62
N GLN A 530 49.65 50.92 -34.82
CA GLN A 530 49.24 51.47 -36.13
C GLN A 530 48.98 50.36 -37.16
N VAL A 531 48.16 50.62 -38.19
CA VAL A 531 48.05 49.76 -39.39
C VAL A 531 49.23 49.98 -40.33
N GLU A 532 49.54 49.00 -41.19
CA GLU A 532 50.73 49.00 -42.04
C GLU A 532 50.77 50.17 -43.05
N THR A 533 49.63 50.49 -43.66
CA THR A 533 49.44 51.65 -44.55
C THR A 533 48.03 52.23 -44.40
N CYS A 534 47.87 53.52 -44.68
CA CYS A 534 46.57 54.17 -44.80
C CYS A 534 45.92 53.82 -46.15
N LYS A 535 45.58 52.54 -46.34
CA LYS A 535 44.90 52.01 -47.55
C LYS A 535 43.60 52.75 -47.86
N ASP A 536 43.16 52.68 -49.12
CA ASP A 536 42.15 53.59 -49.71
C ASP A 536 40.84 53.73 -48.92
N THR A 537 40.40 52.64 -48.26
CA THR A 537 39.13 52.52 -47.54
C THR A 537 39.32 51.81 -46.21
N CYS A 538 38.66 52.30 -45.17
CA CYS A 538 38.75 51.79 -43.80
C CYS A 538 37.48 52.12 -43.02
N GLU A 539 37.11 51.29 -42.06
CA GLU A 539 35.91 51.45 -41.22
C GLU A 539 36.13 50.82 -39.84
N HIS A 540 35.57 51.41 -38.78
CA HIS A 540 35.65 50.88 -37.41
C HIS A 540 34.36 51.16 -36.62
N TYR A 541 34.08 50.32 -35.63
CA TYR A 541 32.98 50.46 -34.68
C TYR A 541 33.51 50.24 -33.25
N PHE A 542 34.23 51.22 -32.70
CA PHE A 542 34.80 51.09 -31.36
C PHE A 542 33.71 51.06 -30.29
N ILE A 543 33.78 50.14 -29.32
CA ILE A 543 32.75 49.93 -28.30
C ILE A 543 33.22 50.48 -26.94
N THR A 544 32.38 51.27 -26.28
CA THR A 544 32.56 51.75 -24.89
C THR A 544 31.48 51.10 -23.99
N ARG A 545 31.44 51.37 -22.67
CA ARG A 545 30.46 50.73 -21.74
C ARG A 545 28.97 50.88 -22.12
N ASN A 546 28.58 51.98 -22.79
CA ASN A 546 27.20 52.25 -23.22
C ASN A 546 27.15 52.40 -24.75
N GLU A 547 27.87 53.40 -25.27
CA GLU A 547 27.83 53.82 -26.67
C GLU A 547 28.97 53.24 -27.52
N THR A 548 28.80 53.30 -28.84
CA THR A 548 29.83 52.96 -29.82
C THR A 548 30.13 54.18 -30.68
N LEU A 549 31.38 54.34 -31.09
CA LEU A 549 31.81 55.41 -31.99
C LEU A 549 32.09 54.79 -33.36
N VAL A 550 31.49 55.31 -34.43
CA VAL A 550 31.76 54.83 -35.80
C VAL A 550 32.67 55.81 -36.56
N TYR A 551 33.71 55.25 -37.17
CA TYR A 551 34.73 55.96 -37.94
C TYR A 551 34.84 55.34 -39.34
N LYS A 552 35.09 56.16 -40.37
CA LYS A 552 35.52 55.69 -41.71
C LYS A 552 36.30 56.75 -42.47
N ASP A 553 37.06 56.32 -43.47
CA ASP A 553 38.06 57.15 -44.18
C ASP A 553 39.04 57.85 -43.21
N TYR A 554 39.35 57.19 -42.10
CA TYR A 554 40.22 57.62 -40.99
C TYR A 554 39.72 58.85 -40.20
N ALA A 555 38.42 59.12 -40.18
CA ALA A 555 37.81 60.17 -39.34
C ALA A 555 36.48 59.74 -38.71
N TYR A 556 36.12 60.38 -37.59
CA TYR A 556 34.88 60.13 -36.82
C TYR A 556 33.63 60.64 -37.54
N LEU A 557 32.48 59.97 -37.34
CA LEU A 557 31.18 60.41 -37.89
C LEU A 557 30.03 60.45 -36.89
N ARG A 558 29.76 59.36 -36.15
CA ARG A 558 28.51 59.19 -35.38
C ARG A 558 28.73 58.45 -34.07
N THR A 559 27.79 58.61 -33.14
CA THR A 559 27.67 57.80 -31.92
C THR A 559 26.38 56.97 -31.98
N ILE A 560 26.47 55.65 -31.80
CA ILE A 560 25.35 54.70 -31.94
C ILE A 560 25.28 53.80 -30.70
N ASN A 561 24.07 53.46 -30.22
CA ASN A 561 23.89 52.55 -29.07
C ASN A 561 24.44 51.15 -29.38
N THR A 562 25.12 50.52 -28.41
CA THR A 562 25.76 49.21 -28.59
C THR A 562 24.76 48.11 -28.98
N THR A 563 23.53 48.19 -28.47
CA THR A 563 22.46 47.22 -28.71
C THR A 563 22.05 47.12 -30.19
N ASP A 564 22.41 48.09 -31.04
CA ASP A 564 22.17 48.00 -32.48
C ASP A 564 23.02 46.93 -33.19
N ILE A 565 24.17 46.56 -32.63
CA ILE A 565 25.07 45.52 -33.15
C ILE A 565 24.57 44.14 -32.71
N SER A 566 24.33 43.22 -33.63
CA SER A 566 23.89 41.85 -33.33
C SER A 566 24.94 41.05 -32.54
N THR A 567 24.51 40.23 -31.58
CA THR A 567 25.41 39.47 -30.67
C THR A 567 25.35 37.96 -30.90
N LEU A 568 26.51 37.29 -30.97
CA LEU A 568 26.62 35.83 -31.07
C LEU A 568 26.02 35.14 -29.84
N ASN A 569 25.37 34.00 -30.06
CA ASN A 569 24.92 33.10 -29.00
C ASN A 569 25.63 31.74 -29.13
N THR A 570 26.40 31.36 -28.11
CA THR A 570 27.21 30.12 -28.08
C THR A 570 26.76 29.12 -27.02
N PHE A 571 25.66 29.38 -26.30
CA PHE A 571 25.13 28.54 -25.23
C PHE A 571 24.43 27.29 -25.75
N ILE A 572 24.53 26.18 -25.00
CA ILE A 572 23.84 24.91 -25.26
C ILE A 572 22.72 24.73 -24.23
N ALA A 573 21.48 24.57 -24.70
CA ALA A 573 20.31 24.42 -23.83
C ALA A 573 20.20 22.99 -23.27
N LEU A 574 19.74 22.86 -22.02
CA LEU A 574 19.44 21.56 -21.39
C LEU A 574 18.00 21.10 -21.66
N ASN A 575 17.01 21.97 -21.47
CA ASN A 575 15.58 21.64 -21.50
C ASN A 575 15.21 20.42 -20.64
N LEU A 576 15.66 20.35 -19.38
CA LEU A 576 15.22 19.32 -18.43
C LEU A 576 13.74 19.53 -18.06
N SER A 577 12.97 18.44 -17.95
CA SER A 577 11.56 18.46 -17.56
C SER A 577 11.36 17.80 -16.21
N PHE A 578 10.77 18.52 -15.25
CA PHE A 578 10.66 18.09 -13.85
C PHE A 578 9.56 17.06 -13.62
N ILE A 579 9.69 16.23 -12.57
CA ILE A 579 8.68 15.26 -12.13
C ILE A 579 7.40 15.98 -11.68
N GLN A 580 6.24 15.34 -11.81
CA GLN A 580 4.92 15.98 -11.61
C GLN A 580 4.02 15.27 -10.60
N ASN A 581 3.07 16.02 -10.04
CA ASN A 581 2.18 15.60 -8.96
C ASN A 581 1.09 14.58 -9.39
N ILE A 582 0.74 13.65 -8.50
CA ILE A 582 -0.29 12.63 -8.66
C ILE A 582 -1.15 12.59 -7.39
N ASP A 583 -2.47 12.54 -7.52
CA ASP A 583 -3.40 12.33 -6.40
C ASP A 583 -3.91 10.89 -6.41
N PHE A 584 -3.60 10.12 -5.36
CA PHE A 584 -4.03 8.74 -5.20
C PHE A 584 -5.45 8.68 -4.61
N LYS A 585 -6.17 7.59 -4.90
CA LYS A 585 -7.61 7.43 -4.64
C LYS A 585 -7.87 6.27 -3.68
N ALA A 586 -8.96 6.34 -2.91
CA ALA A 586 -9.44 5.23 -2.09
C ALA A 586 -10.26 4.23 -2.94
N ILE A 587 -9.90 2.94 -2.91
CA ILE A 587 -10.48 1.88 -3.76
C ILE A 587 -10.90 0.68 -2.90
N GLU A 588 -12.04 0.06 -3.23
CA GLU A 588 -12.55 -1.16 -2.58
C GLU A 588 -13.04 -2.18 -3.61
N LEU A 589 -12.70 -3.46 -3.43
CA LEU A 589 -13.14 -4.54 -4.34
C LEU A 589 -14.57 -5.04 -4.04
N TYR A 590 -14.99 -5.03 -2.77
CA TYR A 590 -16.31 -5.46 -2.31
C TYR A 590 -16.94 -4.43 -1.36
N SER A 591 -18.23 -4.15 -1.52
CA SER A 591 -18.98 -3.23 -0.65
C SER A 591 -19.14 -3.77 0.77
N SER A 592 -19.29 -2.91 1.77
CA SER A 592 -19.51 -3.32 3.17
C SER A 592 -20.78 -4.18 3.34
N ALA A 593 -21.81 -3.98 2.51
CA ALA A 593 -22.98 -4.84 2.46
C ALA A 593 -22.65 -6.25 1.90
N GLU A 594 -21.86 -6.38 0.83
CA GLU A 594 -21.46 -7.67 0.28
C GLU A 594 -20.56 -8.45 1.25
N LYS A 595 -19.68 -7.76 1.98
CA LYS A 595 -18.89 -8.38 3.08
C LYS A 595 -19.77 -8.87 4.23
N ARG A 596 -20.89 -8.21 4.53
CA ARG A 596 -21.88 -8.68 5.52
C ARG A 596 -22.62 -9.93 5.04
N LEU A 597 -23.24 -9.89 3.86
CA LEU A 597 -24.04 -11.01 3.31
C LEU A 597 -23.22 -12.28 3.05
N ALA A 598 -21.92 -12.17 2.77
CA ALA A 598 -21.05 -13.33 2.61
C ALA A 598 -20.73 -14.10 3.91
N SER A 599 -21.00 -13.53 5.09
CA SER A 599 -20.53 -14.08 6.38
C SER A 599 -21.31 -15.31 6.86
N SER A 600 -22.60 -15.44 6.52
CA SER A 600 -23.44 -16.61 6.84
C SER A 600 -24.68 -16.70 5.93
N VAL A 601 -25.27 -17.89 5.79
CA VAL A 601 -26.63 -18.07 5.23
C VAL A 601 -27.74 -17.81 6.27
N PHE A 602 -27.43 -17.95 7.56
CA PHE A 602 -28.32 -17.59 8.66
C PHE A 602 -28.41 -16.07 8.85
N ASP A 603 -29.61 -15.56 9.12
CA ASP A 603 -29.88 -14.13 9.38
C ASP A 603 -30.24 -13.90 10.85
N LEU A 604 -29.28 -14.06 11.75
CA LEU A 604 -29.51 -14.08 13.20
C LEU A 604 -30.21 -12.82 13.73
N GLU A 605 -29.99 -11.68 13.09
CA GLU A 605 -30.61 -10.40 13.47
C GLU A 605 -32.14 -10.41 13.32
N THR A 606 -32.72 -11.22 12.43
CA THR A 606 -34.18 -11.34 12.26
C THR A 606 -34.73 -12.67 12.77
N MET A 607 -33.95 -13.75 12.74
CA MET A 607 -34.35 -15.06 13.24
C MET A 607 -34.77 -15.02 14.72
N PHE A 608 -34.01 -14.34 15.60
CA PHE A 608 -34.35 -14.22 17.02
C PHE A 608 -35.47 -13.20 17.30
N ARG A 609 -35.68 -12.20 16.44
CA ARG A 609 -36.77 -11.22 16.60
C ARG A 609 -38.13 -11.83 16.32
N GLU A 610 -38.24 -12.68 15.30
CA GLU A 610 -39.47 -13.39 14.98
C GLU A 610 -39.83 -14.49 16.01
N TYR A 611 -38.86 -15.23 16.55
CA TYR A 611 -39.11 -16.24 17.59
C TYR A 611 -39.69 -15.63 18.88
N ASN A 612 -39.16 -14.49 19.32
CA ASN A 612 -39.71 -13.75 20.45
C ASN A 612 -41.10 -13.18 20.14
N TYR A 613 -41.33 -12.62 18.95
CA TYR A 613 -42.65 -12.10 18.59
C TYR A 613 -43.70 -13.19 18.52
N TYR A 614 -43.40 -14.32 17.87
CA TYR A 614 -44.33 -15.43 17.74
C TYR A 614 -44.69 -16.06 19.08
N THR A 615 -43.70 -16.42 19.89
CA THR A 615 -43.96 -17.18 21.14
C THR A 615 -44.57 -16.34 22.26
N HIS A 616 -44.39 -15.01 22.29
CA HIS A 616 -44.99 -14.15 23.32
C HIS A 616 -46.30 -13.47 22.90
N ARG A 617 -46.38 -12.88 21.70
CA ARG A 617 -47.54 -12.09 21.26
C ARG A 617 -48.56 -12.90 20.46
N LEU A 618 -48.12 -13.67 19.45
CA LEU A 618 -49.03 -14.37 18.54
C LEU A 618 -49.59 -15.66 19.13
N ALA A 619 -48.73 -16.59 19.54
CA ALA A 619 -49.11 -17.94 19.98
C ALA A 619 -49.36 -18.10 21.48
N GLY A 620 -48.89 -17.18 22.31
CA GLY A 620 -48.95 -17.30 23.78
C GLY A 620 -50.35 -17.13 24.36
N LEU A 621 -50.54 -17.52 25.63
CA LEU A 621 -51.72 -17.15 26.40
C LEU A 621 -51.75 -15.63 26.60
N ARG A 622 -52.87 -14.98 26.30
CA ARG A 622 -52.98 -13.52 26.21
C ARG A 622 -54.32 -13.04 26.77
N GLU A 623 -54.30 -12.02 27.63
CA GLU A 623 -55.51 -11.52 28.29
C GLU A 623 -56.37 -10.64 27.37
N ASP A 624 -57.69 -10.64 27.57
CA ASP A 624 -58.65 -9.84 26.81
C ASP A 624 -59.95 -9.61 27.58
N ALA B 1 71.21 7.50 -28.72
CA ALA B 1 70.72 7.96 -27.40
C ALA B 1 70.39 6.77 -26.49
N SER B 2 70.06 7.03 -25.22
CA SER B 2 69.68 6.02 -24.22
C SER B 2 68.37 5.28 -24.54
N GLY B 3 68.21 4.07 -23.99
CA GLY B 3 67.09 3.17 -24.26
C GLY B 3 65.73 3.51 -23.60
N PRO B 4 65.65 3.89 -22.30
CA PRO B 4 64.37 3.94 -21.57
C PRO B 4 63.48 5.11 -22.01
N LYS B 5 62.24 4.80 -22.39
CA LYS B 5 61.20 5.76 -22.78
C LYS B 5 60.55 6.40 -21.55
N SER B 6 60.16 7.66 -21.66
CA SER B 6 59.51 8.42 -20.58
C SER B 6 58.10 7.91 -20.25
N VAL B 7 57.78 7.82 -18.95
CA VAL B 7 56.46 7.37 -18.44
C VAL B 7 55.88 8.29 -17.35
N ASP B 8 56.59 9.34 -16.95
CA ASP B 8 56.14 10.33 -15.96
C ASP B 8 56.85 11.68 -16.18
N PHE B 9 56.43 12.71 -15.44
CA PHE B 9 57.00 14.05 -15.52
C PHE B 9 58.12 14.33 -14.50
N TYR B 10 58.69 13.33 -13.82
CA TYR B 10 59.63 13.52 -12.71
C TYR B 10 61.12 13.43 -13.07
N GLN B 11 61.51 12.56 -13.99
CA GLN B 11 62.91 12.41 -14.42
C GLN B 11 63.27 13.43 -15.52
N PHE B 12 64.53 13.90 -15.58
CA PHE B 12 64.99 14.72 -16.70
C PHE B 12 65.04 13.92 -18.01
N ARG B 13 64.71 14.55 -19.14
CA ARG B 13 64.53 13.89 -20.44
C ARG B 13 64.80 14.80 -21.64
N VAL B 14 65.12 14.19 -22.78
CA VAL B 14 65.35 14.84 -24.09
C VAL B 14 64.28 14.37 -25.08
N CYS B 15 63.54 15.30 -25.68
CA CYS B 15 62.47 14.98 -26.63
C CYS B 15 62.75 15.61 -28.00
N SER B 16 62.39 14.94 -29.09
CA SER B 16 62.41 15.53 -30.44
C SER B 16 61.57 14.70 -31.43
N ALA B 17 60.79 15.38 -32.28
CA ALA B 17 60.11 14.77 -33.43
C ALA B 17 61.09 14.58 -34.61
N SER B 18 62.21 13.91 -34.34
CA SER B 18 63.35 13.71 -35.25
C SER B 18 63.31 12.38 -36.02
N ILE B 19 62.21 11.62 -35.93
CA ILE B 19 62.05 10.28 -36.52
C ILE B 19 60.63 10.09 -37.07
N THR B 20 60.46 9.18 -38.02
CA THR B 20 59.18 8.87 -38.67
C THR B 20 58.27 8.00 -37.78
N GLY B 21 57.59 8.64 -36.81
CA GLY B 21 56.63 8.00 -35.92
C GLY B 21 55.26 7.71 -36.55
N GLU B 22 54.27 7.40 -35.70
CA GLU B 22 52.88 7.15 -36.10
C GLU B 22 52.12 8.45 -36.45
N LEU B 23 51.16 8.39 -37.38
CA LEU B 23 50.38 9.53 -37.84
C LEU B 23 48.96 9.56 -37.24
N PHE B 24 48.51 10.75 -36.84
CA PHE B 24 47.16 11.00 -36.30
C PHE B 24 46.45 12.15 -37.03
N ARG B 25 45.12 12.18 -36.96
CA ARG B 25 44.24 13.16 -37.59
C ARG B 25 43.10 13.55 -36.65
N PHE B 26 42.73 14.82 -36.57
CA PHE B 26 41.49 15.23 -35.88
C PHE B 26 40.27 14.81 -36.71
N ASN B 27 39.43 13.92 -36.17
CA ASN B 27 38.24 13.43 -36.84
C ASN B 27 37.06 14.40 -36.67
N LEU B 28 37.06 15.48 -37.45
CA LEU B 28 35.98 16.47 -37.51
C LEU B 28 34.69 15.89 -38.12
N GLU B 29 33.63 16.70 -38.19
CA GLU B 29 32.34 16.33 -38.80
C GLU B 29 31.62 15.15 -38.10
N GLN B 30 31.78 15.07 -36.79
CA GLN B 30 31.00 14.18 -35.91
C GLN B 30 29.55 14.66 -35.76
N THR B 31 28.69 13.81 -35.22
CA THR B 31 27.33 14.18 -34.78
C THR B 31 26.90 13.34 -33.59
N CYS B 32 26.03 13.89 -32.74
CA CYS B 32 25.31 13.10 -31.74
C CYS B 32 24.14 12.33 -32.39
N PRO B 33 23.69 11.21 -31.79
CA PRO B 33 22.48 10.52 -32.23
C PRO B 33 21.22 11.40 -32.22
N ASP B 34 20.23 11.04 -33.04
CA ASP B 34 18.91 11.67 -33.09
C ASP B 34 17.94 11.16 -32.00
N THR B 35 16.81 11.86 -31.82
CA THR B 35 15.76 11.52 -30.85
C THR B 35 15.00 10.24 -31.24
N LYS B 36 14.88 9.29 -30.31
CA LYS B 36 14.17 8.02 -30.48
C LYS B 36 12.65 8.21 -30.70
N ASP B 37 12.00 7.19 -31.27
CA ASP B 37 10.55 7.10 -31.42
C ASP B 37 9.96 6.01 -30.50
N LYS B 38 8.81 6.27 -29.87
CA LYS B 38 8.19 5.41 -28.83
C LYS B 38 6.68 5.27 -29.07
N TYR B 39 6.13 4.06 -28.92
CA TYR B 39 4.77 3.70 -29.34
C TYR B 39 4.05 2.78 -28.33
N HIS B 40 2.72 2.86 -28.30
CA HIS B 40 1.83 2.14 -27.38
C HIS B 40 0.46 1.89 -28.03
N GLN B 41 -0.31 0.90 -27.54
CA GLN B 41 -1.64 0.57 -28.08
C GLN B 41 -2.76 0.86 -27.09
N GLU B 42 -3.77 1.62 -27.52
CA GLU B 42 -4.99 1.86 -26.74
C GLU B 42 -6.04 0.76 -26.93
N GLY B 43 -6.94 0.60 -25.96
CA GLY B 43 -8.06 -0.32 -26.04
C GLY B 43 -9.06 -0.17 -24.90
N ILE B 44 -10.20 -0.84 -25.01
CA ILE B 44 -11.22 -0.94 -23.96
C ILE B 44 -10.83 -2.07 -23.00
N LEU B 45 -10.87 -1.82 -21.69
CA LEU B 45 -10.61 -2.83 -20.64
C LEU B 45 -11.85 -2.99 -19.75
N LEU B 46 -12.33 -4.22 -19.57
CA LEU B 46 -13.36 -4.58 -18.59
C LEU B 46 -12.76 -5.48 -17.50
N VAL B 47 -13.05 -5.26 -16.22
CA VAL B 47 -12.46 -6.01 -15.10
C VAL B 47 -13.52 -6.78 -14.30
N TYR B 48 -13.35 -8.09 -14.12
CA TYR B 48 -14.29 -9.00 -13.45
C TYR B 48 -13.77 -9.50 -12.09
N LYS B 49 -14.59 -9.37 -11.03
CA LYS B 49 -14.41 -9.95 -9.68
C LYS B 49 -15.10 -11.32 -9.61
N LYS B 50 -14.61 -12.28 -8.80
CA LYS B 50 -15.41 -13.48 -8.45
C LYS B 50 -16.57 -13.14 -7.53
N ASN B 51 -17.75 -13.69 -7.78
CA ASN B 51 -18.95 -13.37 -7.00
C ASN B 51 -18.89 -13.97 -5.58
N ILE B 52 -19.58 -13.35 -4.63
CA ILE B 52 -19.46 -13.64 -3.18
C ILE B 52 -20.81 -13.76 -2.47
N VAL B 53 -21.89 -13.15 -2.97
CA VAL B 53 -23.21 -13.21 -2.33
C VAL B 53 -23.88 -14.58 -2.51
N PRO B 54 -24.74 -15.03 -1.57
CA PRO B 54 -25.54 -16.24 -1.72
C PRO B 54 -26.63 -16.09 -2.79
N HIS B 55 -27.18 -17.21 -3.27
CA HIS B 55 -28.41 -17.20 -4.07
C HIS B 55 -29.60 -16.87 -3.19
N ILE B 56 -30.60 -16.13 -3.69
CA ILE B 56 -31.77 -15.66 -2.93
C ILE B 56 -33.06 -15.91 -3.72
N PHE B 57 -34.07 -16.51 -3.10
CA PHE B 57 -35.34 -16.85 -3.75
C PHE B 57 -36.52 -16.83 -2.77
N LYS B 58 -37.74 -16.72 -3.27
CA LYS B 58 -38.97 -16.75 -2.46
C LYS B 58 -39.45 -18.18 -2.21
N VAL B 59 -40.04 -18.44 -1.04
CA VAL B 59 -40.64 -19.73 -0.65
C VAL B 59 -42.00 -19.52 0.01
N ARG B 60 -42.81 -20.58 0.13
CA ARG B 60 -43.96 -20.66 1.04
C ARG B 60 -43.83 -21.82 2.01
N ARG B 61 -44.28 -21.64 3.25
CA ARG B 61 -44.37 -22.69 4.28
C ARG B 61 -45.81 -22.89 4.75
N TYR B 62 -46.31 -24.11 4.72
CA TYR B 62 -47.66 -24.51 5.16
C TYR B 62 -47.59 -25.36 6.42
N ARG B 63 -48.38 -25.07 7.46
CA ARG B 63 -48.47 -25.90 8.68
C ARG B 63 -49.89 -26.07 9.16
N LYS B 64 -50.16 -27.15 9.88
CA LYS B 64 -51.29 -27.25 10.81
C LYS B 64 -50.78 -27.45 12.23
N ILE B 65 -51.32 -26.71 13.19
CA ILE B 65 -50.91 -26.77 14.60
C ILE B 65 -52.06 -27.31 15.43
N ALA B 66 -51.85 -28.39 16.19
CA ALA B 66 -52.79 -28.83 17.22
C ALA B 66 -52.28 -28.40 18.60
N THR B 67 -53.14 -27.84 19.44
CA THR B 67 -52.80 -27.44 20.82
C THR B 67 -53.74 -28.11 21.81
N SER B 68 -53.26 -28.48 22.98
CA SER B 68 -54.08 -29.02 24.09
C SER B 68 -53.73 -28.36 25.42
N VAL B 69 -54.72 -27.80 26.10
CA VAL B 69 -54.61 -27.13 27.41
C VAL B 69 -55.30 -27.97 28.48
N THR B 70 -54.71 -28.15 29.65
CA THR B 70 -55.39 -28.79 30.80
C THR B 70 -55.79 -27.75 31.82
N VAL B 71 -57.07 -27.69 32.19
CA VAL B 71 -57.63 -26.72 33.14
C VAL B 71 -58.39 -27.41 34.27
N TYR B 72 -58.36 -26.81 35.45
CA TYR B 72 -59.02 -27.42 36.60
C TYR B 72 -60.09 -26.51 37.17
N ARG B 73 -61.35 -26.90 37.05
CA ARG B 73 -62.43 -26.04 37.53
C ARG B 73 -62.29 -25.73 39.00
N GLY B 74 -62.06 -26.75 39.81
CA GLY B 74 -61.85 -26.51 41.23
C GLY B 74 -63.02 -25.87 41.95
N LEU B 75 -62.74 -25.11 43.01
CA LEU B 75 -63.81 -24.49 43.80
C LEU B 75 -63.33 -23.13 44.22
N THR B 76 -64.13 -22.11 43.93
CA THR B 76 -63.75 -20.74 44.26
C THR B 76 -62.35 -20.40 43.75
N GLU B 77 -61.87 -21.13 42.75
CA GLU B 77 -60.54 -20.90 42.22
C GLU B 77 -60.28 -21.86 41.08
N SER B 78 -59.46 -21.44 40.13
CA SER B 78 -59.11 -22.32 38.99
C SER B 78 -57.77 -21.93 38.35
N ALA B 79 -57.10 -22.88 37.68
CA ALA B 79 -55.77 -22.69 37.09
C ALA B 79 -55.49 -23.60 35.89
N ILE B 80 -54.64 -23.15 34.97
CA ILE B 80 -54.04 -23.97 33.90
C ILE B 80 -52.91 -24.82 34.50
N THR B 81 -52.94 -26.14 34.27
CA THR B 81 -51.91 -27.07 34.76
C THR B 81 -50.89 -27.47 33.69
N ASN B 82 -51.23 -27.39 32.40
CA ASN B 82 -50.32 -27.71 31.29
C ASN B 82 -50.83 -27.08 29.98
N LYS B 83 -49.94 -26.88 28.98
CA LYS B 83 -50.28 -26.50 27.60
C LYS B 83 -49.24 -27.09 26.63
N TYR B 84 -49.69 -27.97 25.73
CA TYR B 84 -48.86 -28.71 24.78
C TYR B 84 -49.20 -28.35 23.33
N GLU B 85 -48.20 -28.30 22.45
CA GLU B 85 -48.31 -27.89 21.04
C GLU B 85 -47.69 -28.92 20.09
N LEU B 86 -48.37 -29.27 19.00
CA LEU B 86 -47.96 -30.27 18.01
C LEU B 86 -48.14 -29.75 16.57
N PRO B 87 -47.09 -29.26 15.90
CA PRO B 87 -47.12 -28.91 14.48
C PRO B 87 -47.08 -30.15 13.58
N ARG B 88 -47.72 -30.10 12.40
CA ARG B 88 -47.77 -31.15 11.36
C ARG B 88 -47.75 -30.57 9.94
N PRO B 89 -47.32 -31.32 8.91
CA PRO B 89 -47.41 -30.90 7.52
C PRO B 89 -48.85 -30.89 6.98
N VAL B 90 -49.04 -30.37 5.77
CA VAL B 90 -50.34 -30.28 5.06
C VAL B 90 -50.28 -31.07 3.74
N PRO B 91 -51.25 -31.96 3.45
CA PRO B 91 -51.28 -32.78 2.24
C PRO B 91 -51.78 -32.03 0.99
N LEU B 92 -51.46 -32.52 -0.21
CA LEU B 92 -51.81 -31.83 -1.47
C LEU B 92 -53.31 -31.69 -1.72
N TYR B 93 -54.16 -32.57 -1.19
CA TYR B 93 -55.59 -32.36 -1.37
C TYR B 93 -56.02 -31.05 -0.73
N GLU B 94 -55.30 -30.59 0.29
CA GLU B 94 -55.65 -29.33 0.95
C GLU B 94 -54.83 -28.14 0.47
N ILE B 95 -53.57 -28.34 0.13
CA ILE B 95 -52.74 -27.25 -0.35
C ILE B 95 -53.39 -26.66 -1.58
N SER B 96 -54.19 -27.46 -2.26
CA SER B 96 -54.88 -26.97 -3.44
C SER B 96 -55.69 -25.76 -3.07
N HIS B 97 -56.72 -25.95 -2.24
CA HIS B 97 -57.56 -24.86 -1.83
C HIS B 97 -56.81 -23.83 -0.99
N MET B 98 -55.88 -24.28 -0.15
CA MET B 98 -55.20 -23.35 0.76
C MET B 98 -54.35 -22.29 0.04
N ASP B 99 -53.80 -22.54 -1.16
CA ASP B 99 -53.07 -21.53 -1.95
C ASP B 99 -53.88 -20.94 -3.12
N SER B 100 -55.04 -21.52 -3.44
CA SER B 100 -55.97 -21.07 -4.49
C SER B 100 -56.98 -20.06 -3.97
N THR B 101 -57.60 -20.35 -2.82
CA THR B 101 -58.81 -19.67 -2.32
C THR B 101 -58.74 -19.38 -0.81
N TYR B 102 -57.59 -19.63 -0.16
CA TYR B 102 -57.33 -19.37 1.25
C TYR B 102 -58.34 -20.03 2.22
N GLN B 103 -58.64 -21.31 1.99
CA GLN B 103 -59.49 -22.14 2.85
C GLN B 103 -58.80 -23.42 3.34
N CYS B 104 -59.21 -23.95 4.50
CA CYS B 104 -58.69 -25.19 5.10
C CYS B 104 -59.75 -25.88 5.99
N PHE B 105 -59.58 -27.16 6.33
CA PHE B 105 -60.64 -28.03 6.90
C PHE B 105 -60.79 -28.05 8.45
N SER B 106 -60.26 -27.10 9.22
CA SER B 106 -60.57 -26.95 10.67
C SER B 106 -60.36 -28.19 11.58
N SER B 107 -59.64 -29.22 11.10
CA SER B 107 -59.43 -30.50 11.78
C SER B 107 -58.25 -31.24 11.15
N MET B 108 -57.70 -32.24 11.85
CA MET B 108 -56.54 -33.00 11.36
C MET B 108 -56.49 -34.41 11.94
N LYS B 109 -55.83 -35.30 11.19
CA LYS B 109 -55.65 -36.71 11.50
C LYS B 109 -54.16 -37.06 11.46
N VAL B 110 -53.66 -37.77 12.47
CA VAL B 110 -52.23 -37.99 12.71
C VAL B 110 -51.98 -39.48 12.97
N ASN B 111 -51.38 -40.17 12.01
CA ASN B 111 -50.96 -41.56 12.20
C ASN B 111 -49.69 -41.60 13.08
N VAL B 112 -49.69 -42.40 14.14
CA VAL B 112 -48.49 -42.67 14.96
C VAL B 112 -48.42 -44.16 15.30
N ASN B 113 -47.27 -44.80 15.06
CA ASN B 113 -47.07 -46.25 15.22
C ASN B 113 -48.19 -47.16 14.65
N GLY B 114 -48.87 -46.71 13.58
CA GLY B 114 -49.94 -47.46 12.93
C GLY B 114 -51.37 -47.25 13.46
N VAL B 115 -51.61 -46.30 14.38
CA VAL B 115 -52.95 -45.92 14.86
C VAL B 115 -53.24 -44.43 14.62
N GLU B 116 -54.48 -44.07 14.33
CA GLU B 116 -54.89 -42.72 13.90
C GLU B 116 -55.40 -41.87 15.06
N ASN B 117 -54.68 -40.81 15.45
CA ASN B 117 -55.15 -39.77 16.36
C ASN B 117 -55.94 -38.69 15.60
N THR B 118 -56.90 -38.01 16.23
CA THR B 118 -57.67 -36.90 15.63
C THR B 118 -57.77 -35.69 16.54
N PHE B 119 -57.64 -34.48 15.97
CA PHE B 119 -57.80 -33.22 16.68
C PHE B 119 -58.78 -32.31 15.93
N THR B 120 -59.73 -31.70 16.63
CA THR B 120 -60.79 -30.85 16.05
C THR B 120 -60.94 -29.56 16.86
N ASP B 121 -61.10 -28.41 16.21
CA ASP B 121 -61.16 -27.13 16.92
C ASP B 121 -62.40 -27.08 17.83
N ARG B 122 -62.20 -26.85 19.13
CA ARG B 122 -63.27 -26.69 20.14
C ARG B 122 -64.24 -27.87 20.23
N ASP B 123 -63.80 -29.06 19.82
CA ASP B 123 -64.60 -30.29 19.72
C ASP B 123 -65.84 -30.17 18.80
N ASP B 124 -65.85 -29.19 17.88
CA ASP B 124 -66.91 -28.96 16.90
C ASP B 124 -66.68 -29.77 15.59
N VAL B 125 -67.65 -29.76 14.67
CA VAL B 125 -67.66 -30.59 13.45
C VAL B 125 -66.61 -30.17 12.41
N ASN B 126 -66.06 -31.14 11.67
CA ASN B 126 -65.17 -30.89 10.52
C ASN B 126 -65.83 -30.00 9.46
N THR B 127 -65.34 -28.77 9.29
CA THR B 127 -65.92 -27.72 8.43
C THR B 127 -64.84 -26.85 7.78
N THR B 128 -65.11 -26.26 6.61
CA THR B 128 -64.17 -25.35 5.94
C THR B 128 -64.18 -23.94 6.53
N VAL B 129 -63.01 -23.32 6.66
CA VAL B 129 -62.82 -21.97 7.23
C VAL B 129 -61.78 -21.15 6.46
N PHE B 130 -61.81 -19.82 6.58
CA PHE B 130 -61.00 -18.88 5.81
C PHE B 130 -59.78 -18.37 6.58
N LEU B 131 -58.60 -18.35 5.95
CA LEU B 131 -57.40 -17.72 6.50
C LEU B 131 -57.48 -16.19 6.38
N GLN B 132 -56.89 -15.44 7.33
CA GLN B 132 -56.81 -13.98 7.33
C GLN B 132 -55.41 -13.48 7.77
N PRO B 133 -54.93 -12.30 7.34
CA PRO B 133 -53.62 -11.76 7.70
C PRO B 133 -53.43 -11.49 9.20
N VAL B 134 -52.18 -11.41 9.64
CA VAL B 134 -51.77 -10.81 10.94
C VAL B 134 -50.59 -9.87 10.75
N GLU B 135 -50.40 -8.92 11.67
CA GLU B 135 -49.32 -7.92 11.60
C GLU B 135 -47.93 -8.57 11.76
N GLY B 136 -46.91 -7.91 11.22
CA GLY B 136 -45.51 -8.39 11.27
C GLY B 136 -44.52 -7.30 11.61
N LEU B 137 -43.38 -7.67 12.18
CA LEU B 137 -42.29 -6.75 12.53
C LEU B 137 -41.39 -6.43 11.33
N THR B 138 -41.05 -7.43 10.53
CA THR B 138 -40.05 -7.34 9.46
C THR B 138 -40.76 -7.39 8.11
N ASP B 139 -40.51 -6.40 7.24
CA ASP B 139 -41.37 -6.12 6.09
C ASP B 139 -41.32 -7.18 4.98
N ASN B 140 -40.28 -8.02 4.95
CA ASN B 140 -40.13 -9.12 3.98
C ASN B 140 -40.92 -10.39 4.34
N ILE B 141 -41.53 -10.48 5.53
CA ILE B 141 -42.27 -11.66 6.01
C ILE B 141 -43.77 -11.35 6.11
N GLN B 142 -44.62 -12.18 5.52
CA GLN B 142 -46.09 -12.10 5.67
C GLN B 142 -46.63 -13.41 6.25
N ARG B 143 -47.64 -13.32 7.12
CA ARG B 143 -48.19 -14.46 7.87
C ARG B 143 -49.72 -14.43 7.90
N TYR B 144 -50.36 -15.58 7.73
CA TYR B 144 -51.82 -15.71 7.67
C TYR B 144 -52.28 -16.80 8.64
N PHE B 145 -53.37 -16.59 9.37
CA PHE B 145 -53.90 -17.52 10.39
C PHE B 145 -55.39 -17.83 10.20
N SER B 146 -55.81 -19.03 10.57
CA SER B 146 -57.22 -19.45 10.58
C SER B 146 -57.96 -19.28 11.92
N GLN B 147 -57.25 -19.13 13.05
CA GLN B 147 -57.85 -19.04 14.39
C GLN B 147 -56.87 -18.37 15.39
N PRO B 148 -56.96 -17.06 15.66
CA PRO B 148 -56.01 -16.36 16.53
C PRO B 148 -56.05 -16.70 18.03
N VAL B 149 -57.15 -17.25 18.55
CA VAL B 149 -57.42 -17.37 20.01
C VAL B 149 -57.36 -18.82 20.51
N ILE B 150 -56.51 -19.07 21.51
CA ILE B 150 -56.40 -20.36 22.22
C ILE B 150 -57.53 -20.53 23.25
N TYR B 151 -58.07 -21.73 23.39
CA TYR B 151 -59.28 -22.01 24.17
C TYR B 151 -58.95 -22.58 25.56
N ALA B 152 -59.39 -21.91 26.63
CA ALA B 152 -59.06 -22.26 28.01
C ALA B 152 -60.20 -21.92 29.00
N GLU B 153 -61.46 -22.10 28.60
CA GLU B 153 -62.63 -21.97 29.48
C GLU B 153 -62.68 -23.11 30.51
N PRO B 154 -62.79 -22.84 31.83
CA PRO B 154 -62.47 -23.82 32.87
C PRO B 154 -63.48 -24.96 33.07
N GLY B 155 -64.78 -24.77 32.77
CA GLY B 155 -65.81 -25.80 32.93
C GLY B 155 -66.60 -25.75 34.26
N TRP B 156 -67.71 -26.50 34.32
CA TRP B 156 -68.86 -26.18 35.19
C TRP B 156 -68.97 -26.93 36.53
N PHE B 157 -68.34 -28.10 36.68
CA PHE B 157 -68.51 -28.96 37.87
C PHE B 157 -67.27 -28.92 38.77
N PRO B 158 -67.37 -28.53 40.06
CA PRO B 158 -66.21 -28.39 40.96
C PRO B 158 -65.32 -29.64 41.12
N GLY B 159 -64.03 -29.40 41.34
CA GLY B 159 -63.08 -30.40 41.84
C GLY B 159 -62.51 -31.42 40.84
N ILE B 160 -62.62 -31.23 39.52
CA ILE B 160 -62.08 -32.15 38.50
C ILE B 160 -61.57 -31.43 37.25
N TYR B 161 -60.66 -32.04 36.49
CA TYR B 161 -60.02 -31.43 35.31
C TYR B 161 -60.86 -31.51 34.03
N ARG B 162 -60.48 -30.77 32.98
CA ARG B 162 -60.91 -30.99 31.59
C ARG B 162 -59.79 -30.56 30.61
N VAL B 163 -59.78 -31.13 29.40
CA VAL B 163 -58.80 -30.81 28.35
C VAL B 163 -59.47 -30.03 27.22
N ARG B 164 -58.90 -28.87 26.86
CA ARG B 164 -59.39 -27.98 25.80
C ARG B 164 -58.43 -28.01 24.60
N THR B 165 -58.93 -28.16 23.38
CA THR B 165 -58.07 -28.33 22.19
C THR B 165 -58.48 -27.46 21.01
N THR B 166 -57.49 -27.02 20.22
CA THR B 166 -57.67 -26.09 19.09
C THR B 166 -56.80 -26.50 17.91
N VAL B 167 -57.21 -26.13 16.69
CA VAL B 167 -56.46 -26.39 15.45
C VAL B 167 -56.29 -25.08 14.66
N ASN B 168 -55.08 -24.81 14.17
CA ASN B 168 -54.76 -23.67 13.30
C ASN B 168 -54.27 -24.15 11.94
N CYS B 169 -54.56 -23.39 10.90
CA CYS B 169 -53.85 -23.41 9.62
C CYS B 169 -52.95 -22.19 9.55
N GLU B 170 -51.72 -22.32 9.09
CA GLU B 170 -50.78 -21.23 8.92
C GLU B 170 -50.17 -21.26 7.52
N ILE B 171 -50.02 -20.09 6.89
CA ILE B 171 -49.16 -19.86 5.72
C ILE B 171 -48.13 -18.81 6.10
N VAL B 172 -46.90 -18.94 5.63
CA VAL B 172 -45.89 -17.87 5.67
C VAL B 172 -45.28 -17.68 4.29
N ASP B 173 -45.16 -16.43 3.84
CA ASP B 173 -44.42 -16.01 2.63
C ASP B 173 -43.11 -15.33 3.06
N MET B 174 -41.96 -15.75 2.54
CA MET B 174 -40.65 -15.28 3.00
C MET B 174 -39.52 -15.59 2.01
N ILE B 175 -38.34 -15.01 2.23
CA ILE B 175 -37.08 -15.31 1.51
C ILE B 175 -36.41 -16.60 2.03
N ALA B 176 -35.64 -17.28 1.19
CA ALA B 176 -34.66 -18.30 1.56
C ALA B 176 -33.34 -18.10 0.80
N ARG B 177 -32.23 -18.68 1.25
CA ARG B 177 -30.89 -18.46 0.66
C ARG B 177 -29.91 -19.64 0.77
N SER B 178 -28.91 -19.70 -0.11
CA SER B 178 -27.91 -20.79 -0.17
C SER B 178 -26.59 -20.37 -0.84
N ALA B 179 -25.50 -21.14 -0.63
CA ALA B 179 -24.12 -20.75 -0.98
C ALA B 179 -23.37 -21.81 -1.83
N GLU B 180 -22.09 -21.55 -2.13
CA GLU B 180 -21.29 -22.13 -3.23
C GLU B 180 -21.43 -23.63 -3.57
N PRO B 181 -21.45 -24.60 -2.64
CA PRO B 181 -21.62 -26.01 -3.01
C PRO B 181 -23.09 -26.40 -3.33
N TYR B 182 -24.08 -25.58 -2.96
CA TYR B 182 -25.52 -25.77 -3.19
C TYR B 182 -26.13 -27.08 -2.66
N ASN B 183 -25.60 -27.65 -1.58
CA ASN B 183 -26.12 -28.89 -0.98
C ASN B 183 -27.45 -28.73 -0.21
N TYR B 184 -27.73 -27.55 0.33
CA TYR B 184 -28.88 -27.25 1.18
C TYR B 184 -29.23 -25.76 1.17
N PHE B 185 -30.39 -25.38 1.70
CA PHE B 185 -30.78 -23.98 1.85
C PHE B 185 -31.44 -23.68 3.20
N VAL B 186 -31.39 -22.40 3.60
CA VAL B 186 -31.82 -21.92 4.92
C VAL B 186 -32.84 -20.80 4.78
N THR B 187 -33.98 -20.96 5.44
CA THR B 187 -35.15 -20.07 5.34
C THR B 187 -34.97 -18.85 6.24
N SER B 188 -35.65 -17.73 5.98
CA SER B 188 -35.47 -16.50 6.80
C SER B 188 -35.81 -16.67 8.29
N LEU B 189 -36.75 -17.54 8.63
CA LEU B 189 -37.13 -17.94 10.00
C LEU B 189 -36.24 -19.06 10.61
N GLY B 190 -35.16 -19.47 9.94
CA GLY B 190 -34.18 -20.42 10.47
C GLY B 190 -34.40 -21.90 10.12
N ASP B 191 -35.46 -22.25 9.38
CA ASP B 191 -35.69 -23.63 8.91
C ASP B 191 -34.64 -24.05 7.87
N THR B 192 -33.94 -25.16 8.11
CA THR B 192 -32.91 -25.75 7.23
C THR B 192 -33.46 -26.98 6.48
N VAL B 193 -33.40 -27.01 5.14
CA VAL B 193 -34.26 -27.91 4.34
C VAL B 193 -33.55 -29.12 3.73
N GLU B 194 -32.21 -29.16 3.68
CA GLU B 194 -31.42 -30.35 3.29
C GLU B 194 -31.70 -30.94 1.87
N VAL B 195 -32.17 -30.12 0.93
CA VAL B 195 -32.36 -30.44 -0.50
C VAL B 195 -31.74 -29.34 -1.36
N SER B 196 -31.10 -29.67 -2.49
CA SER B 196 -30.51 -28.67 -3.37
C SER B 196 -31.58 -27.86 -4.11
N PRO B 197 -31.50 -26.52 -4.19
CA PRO B 197 -32.60 -25.69 -4.71
C PRO B 197 -32.87 -25.83 -6.21
N PHE B 198 -31.94 -26.44 -6.96
CA PHE B 198 -32.01 -26.69 -8.41
C PHE B 198 -32.32 -28.16 -8.77
N CYS B 199 -32.68 -29.00 -7.80
CA CYS B 199 -32.61 -30.47 -7.91
C CYS B 199 -33.38 -31.10 -9.08
N TYR B 200 -34.45 -30.47 -9.59
CA TYR B 200 -35.18 -31.03 -10.73
C TYR B 200 -34.40 -30.91 -12.04
N ASN B 201 -33.74 -29.78 -12.27
CA ASN B 201 -32.91 -29.56 -13.47
C ASN B 201 -31.62 -30.40 -13.47
N GLU B 202 -31.09 -30.76 -12.30
CA GLU B 202 -30.03 -31.75 -12.15
C GLU B 202 -30.55 -33.22 -12.20
N SER B 203 -31.81 -33.44 -12.59
CA SER B 203 -32.50 -34.74 -12.66
C SER B 203 -32.42 -35.58 -11.37
N SER B 204 -32.41 -34.92 -10.21
CA SER B 204 -32.43 -35.51 -8.86
C SER B 204 -33.87 -35.59 -8.27
N CYS B 205 -34.90 -35.38 -9.09
CA CYS B 205 -36.32 -35.40 -8.74
C CYS B 205 -37.19 -36.00 -9.86
N SER B 206 -38.45 -36.27 -9.53
CA SER B 206 -39.45 -36.85 -10.43
C SER B 206 -40.87 -36.42 -10.04
N THR B 207 -41.85 -36.61 -10.92
CA THR B 207 -43.27 -36.41 -10.59
C THR B 207 -43.80 -37.51 -9.67
N THR B 208 -43.27 -38.74 -9.77
CA THR B 208 -43.39 -39.77 -8.72
C THR B 208 -42.55 -39.35 -7.50
N PRO B 209 -43.07 -39.37 -6.26
CA PRO B 209 -42.34 -38.94 -5.06
C PRO B 209 -40.99 -39.64 -4.83
N SER B 210 -39.94 -38.85 -4.61
CA SER B 210 -38.67 -39.32 -4.04
C SER B 210 -38.76 -39.42 -2.51
N ASN B 211 -37.85 -40.18 -1.89
CA ASN B 211 -37.79 -40.36 -0.44
C ASN B 211 -36.35 -40.34 0.07
N LYS B 212 -36.15 -39.85 1.28
CA LYS B 212 -34.90 -39.93 2.08
C LYS B 212 -35.26 -40.16 3.54
N ASN B 213 -34.33 -40.57 4.40
CA ASN B 213 -34.60 -40.58 5.84
C ASN B 213 -34.95 -39.14 6.32
N GLY B 214 -36.21 -38.95 6.74
CA GLY B 214 -36.74 -37.65 7.16
C GLY B 214 -37.24 -36.71 6.07
N LEU B 215 -37.35 -37.11 4.79
CA LEU B 215 -37.91 -36.29 3.71
C LEU B 215 -38.77 -37.07 2.70
N SER B 216 -39.72 -36.35 2.10
CA SER B 216 -40.38 -36.71 0.85
C SER B 216 -40.28 -35.51 -0.10
N VAL B 217 -40.01 -35.72 -1.38
CA VAL B 217 -39.79 -34.65 -2.38
C VAL B 217 -40.54 -34.95 -3.67
N GLN B 218 -41.23 -33.98 -4.25
CA GLN B 218 -42.03 -34.15 -5.46
C GLN B 218 -42.04 -32.86 -6.29
N VAL B 219 -42.19 -32.97 -7.60
CA VAL B 219 -42.46 -31.82 -8.49
C VAL B 219 -43.90 -31.86 -8.99
N VAL B 220 -44.62 -30.74 -8.88
CA VAL B 220 -45.99 -30.59 -9.39
C VAL B 220 -45.95 -29.66 -10.60
N LEU B 221 -46.51 -30.13 -11.72
CA LEU B 221 -46.49 -29.44 -13.02
C LEU B 221 -47.72 -28.56 -13.23
N ASN B 222 -47.54 -27.40 -13.85
CA ASN B 222 -48.59 -26.39 -14.08
C ASN B 222 -49.38 -26.01 -12.81
N HIS B 223 -48.70 -25.82 -11.69
CA HIS B 223 -49.31 -25.31 -10.45
C HIS B 223 -49.58 -23.81 -10.52
N THR B 224 -50.59 -23.29 -9.80
CA THR B 224 -50.98 -21.88 -9.79
C THR B 224 -51.24 -21.37 -8.37
N VAL B 225 -50.81 -20.15 -8.05
CA VAL B 225 -50.89 -19.55 -6.70
C VAL B 225 -51.46 -18.13 -6.80
N VAL B 226 -52.42 -17.76 -5.94
CA VAL B 226 -53.15 -16.48 -6.04
C VAL B 226 -52.72 -15.50 -4.95
N THR B 227 -52.32 -14.28 -5.31
CA THR B 227 -51.95 -13.21 -4.37
C THR B 227 -53.14 -12.75 -3.53
N TYR B 228 -52.95 -12.29 -2.28
CA TYR B 228 -54.07 -12.00 -1.37
C TYR B 228 -54.94 -10.77 -1.75
N SER B 229 -54.57 -10.03 -2.79
CA SER B 229 -55.53 -9.17 -3.53
C SER B 229 -56.74 -9.96 -4.08
N ASP B 230 -56.64 -11.29 -4.14
CA ASP B 230 -57.73 -12.27 -4.25
C ASP B 230 -58.71 -11.95 -5.40
N ARG B 231 -58.15 -11.92 -6.62
CA ARG B 231 -58.77 -11.40 -7.83
C ARG B 231 -58.68 -12.40 -9.00
N GLY B 232 -59.74 -12.46 -9.81
CA GLY B 232 -59.96 -13.52 -10.81
C GLY B 232 -58.99 -13.55 -12.00
N THR B 233 -58.23 -12.48 -12.23
CA THR B 233 -57.14 -12.42 -13.22
C THR B 233 -55.89 -13.17 -12.70
N SER B 234 -56.00 -14.50 -12.58
CA SER B 234 -55.03 -15.36 -11.89
C SER B 234 -53.64 -15.37 -12.57
N PRO B 235 -52.54 -15.37 -11.80
CA PRO B 235 -51.19 -15.49 -12.33
C PRO B 235 -50.95 -16.75 -13.18
N THR B 236 -49.96 -16.68 -14.07
CA THR B 236 -49.59 -17.77 -15.00
C THR B 236 -49.12 -19.05 -14.27
N PRO B 237 -49.44 -20.24 -14.78
CA PRO B 237 -48.91 -21.51 -14.24
C PRO B 237 -47.38 -21.59 -14.14
N GLN B 238 -46.90 -22.43 -13.24
CA GLN B 238 -45.48 -22.69 -12.94
C GLN B 238 -45.23 -24.20 -12.74
N ASN B 239 -43.98 -24.64 -12.72
CA ASN B 239 -43.63 -25.93 -12.13
C ASN B 239 -43.06 -25.66 -10.73
N ARG B 240 -43.62 -26.30 -9.69
CA ARG B 240 -43.25 -26.04 -8.29
C ARG B 240 -42.78 -27.30 -7.58
N ILE B 241 -41.74 -27.17 -6.78
CA ILE B 241 -41.18 -28.27 -5.98
C ILE B 241 -41.88 -28.27 -4.61
N PHE B 242 -42.15 -29.44 -4.04
CA PHE B 242 -42.72 -29.61 -2.70
C PHE B 242 -41.85 -30.52 -1.84
N VAL B 243 -41.49 -30.06 -0.65
CA VAL B 243 -40.76 -30.82 0.39
C VAL B 243 -41.67 -31.02 1.60
N GLU B 244 -41.77 -32.25 2.10
CA GLU B 244 -42.60 -32.59 3.26
C GLU B 244 -41.74 -33.19 4.38
N THR B 245 -41.05 -32.32 5.11
CA THR B 245 -40.28 -32.65 6.33
C THR B 245 -41.23 -33.01 7.47
N GLY B 246 -40.73 -33.53 8.59
CA GLY B 246 -41.51 -33.47 9.85
C GLY B 246 -41.85 -32.02 10.21
N ALA B 247 -43.03 -31.78 10.78
CA ALA B 247 -43.52 -30.48 11.24
C ALA B 247 -43.86 -29.38 10.20
N TYR B 248 -43.61 -29.50 8.89
CA TYR B 248 -44.13 -28.55 7.88
C TYR B 248 -44.09 -29.05 6.42
N THR B 249 -44.83 -28.40 5.52
CA THR B 249 -44.65 -28.51 4.05
C THR B 249 -44.02 -27.23 3.51
N LEU B 250 -43.11 -27.28 2.56
CA LEU B 250 -42.43 -26.11 1.99
C LEU B 250 -42.35 -26.17 0.46
N SER B 251 -42.44 -25.04 -0.23
CA SER B 251 -42.48 -25.01 -1.70
C SER B 251 -41.75 -23.83 -2.34
N TRP B 252 -41.14 -24.04 -3.51
CA TRP B 252 -40.51 -23.00 -4.33
C TRP B 252 -40.63 -23.31 -5.84
N ALA B 253 -40.56 -22.29 -6.69
CA ALA B 253 -40.66 -22.43 -8.15
C ALA B 253 -39.36 -22.93 -8.78
N SER B 254 -39.45 -23.87 -9.72
CA SER B 254 -38.30 -24.53 -10.34
C SER B 254 -37.50 -23.58 -11.26
N GLU B 255 -36.17 -23.69 -11.25
CA GLU B 255 -35.26 -22.85 -12.05
C GLU B 255 -33.95 -23.61 -12.38
N SER B 256 -33.29 -23.27 -13.49
CA SER B 256 -32.04 -23.93 -13.94
C SER B 256 -30.79 -23.30 -13.33
N LYS B 257 -29.77 -24.10 -13.00
CA LYS B 257 -28.56 -23.60 -12.32
C LYS B 257 -27.82 -22.56 -13.15
N THR B 258 -27.65 -22.82 -14.43
CA THR B 258 -26.91 -21.96 -15.39
C THR B 258 -27.63 -20.66 -15.73
N THR B 259 -28.95 -20.53 -15.55
CA THR B 259 -29.65 -19.24 -15.60
C THR B 259 -29.71 -18.55 -14.24
N ALA B 260 -29.72 -19.29 -13.13
CA ALA B 260 -29.81 -18.74 -11.78
C ALA B 260 -28.55 -18.00 -11.33
N VAL B 261 -27.37 -18.61 -11.50
CA VAL B 261 -26.10 -18.11 -10.96
C VAL B 261 -24.94 -18.23 -11.95
N CYS B 262 -24.04 -17.25 -11.95
CA CYS B 262 -22.79 -17.26 -12.72
C CYS B 262 -21.62 -16.86 -11.80
N PRO B 263 -20.44 -17.48 -11.87
CA PRO B 263 -19.40 -17.32 -10.84
C PRO B 263 -18.71 -15.94 -10.77
N LEU B 264 -18.84 -15.06 -11.77
CA LEU B 264 -18.13 -13.78 -11.88
C LEU B 264 -19.10 -12.60 -12.01
N ALA B 265 -18.69 -11.41 -11.56
CA ALA B 265 -19.44 -10.16 -11.67
C ALA B 265 -18.56 -9.00 -12.16
N LEU B 266 -19.11 -8.10 -12.98
CA LEU B 266 -18.37 -6.95 -13.50
C LEU B 266 -18.05 -5.94 -12.40
N TRP B 267 -16.78 -5.55 -12.24
CA TRP B 267 -16.38 -4.55 -11.26
C TRP B 267 -16.38 -3.14 -11.86
N LYS B 268 -15.56 -2.88 -12.89
CA LYS B 268 -15.37 -1.58 -13.56
C LYS B 268 -15.04 -1.73 -15.04
N THR B 269 -15.25 -0.68 -15.82
CA THR B 269 -14.93 -0.62 -17.25
C THR B 269 -14.20 0.69 -17.59
N PHE B 270 -13.13 0.61 -18.38
CA PHE B 270 -12.32 1.76 -18.77
C PHE B 270 -12.30 1.88 -20.29
N PRO B 271 -12.89 2.93 -20.91
CA PRO B 271 -12.97 3.04 -22.35
C PRO B 271 -11.67 3.53 -23.00
N ARG B 272 -10.77 4.15 -22.23
CA ARG B 272 -9.38 4.42 -22.63
C ARG B 272 -8.41 3.85 -21.60
N SER B 273 -7.60 2.90 -22.06
CA SER B 273 -6.53 2.24 -21.30
C SER B 273 -5.45 1.80 -22.28
N ILE B 274 -4.24 1.51 -21.79
CA ILE B 274 -3.05 1.28 -22.62
C ILE B 274 -2.40 -0.04 -22.23
N GLN B 275 -1.94 -0.84 -23.20
CA GLN B 275 -1.17 -2.07 -22.97
C GLN B 275 0.31 -1.85 -23.25
N THR B 276 1.20 -2.24 -22.33
CA THR B 276 2.66 -2.27 -22.56
C THR B 276 3.24 -3.65 -22.28
N THR B 277 4.24 -4.05 -23.07
CA THR B 277 4.82 -5.40 -23.03
C THR B 277 6.17 -5.37 -22.35
N HIS B 278 6.38 -6.20 -21.33
CA HIS B 278 7.64 -6.34 -20.60
C HIS B 278 8.21 -7.75 -20.79
N GLU B 279 9.31 -8.08 -20.12
CA GLU B 279 10.10 -9.30 -20.39
C GLU B 279 9.33 -10.61 -20.15
N ASP B 280 8.32 -10.60 -19.28
CA ASP B 280 7.62 -11.79 -18.79
C ASP B 280 6.08 -11.61 -18.64
N SER B 281 5.53 -10.45 -19.00
CA SER B 281 4.16 -10.04 -18.66
C SER B 281 3.66 -8.86 -19.49
N PHE B 282 2.35 -8.60 -19.46
CA PHE B 282 1.70 -7.39 -19.99
C PHE B 282 1.17 -6.52 -18.84
N HIS B 283 1.21 -5.19 -18.98
CA HIS B 283 0.64 -4.25 -18.01
C HIS B 283 -0.50 -3.43 -18.63
N PHE B 284 -1.67 -3.39 -17.99
CA PHE B 284 -2.86 -2.65 -18.43
C PHE B 284 -3.19 -1.53 -17.44
N VAL B 285 -3.36 -0.29 -17.92
CA VAL B 285 -3.40 0.93 -17.08
C VAL B 285 -4.81 1.50 -16.91
N ALA B 286 -5.22 1.84 -15.68
CA ALA B 286 -6.50 2.48 -15.37
C ALA B 286 -6.31 3.79 -14.58
N ASN B 287 -6.37 4.93 -15.26
CA ASN B 287 -6.03 6.24 -14.68
C ASN B 287 -7.04 6.75 -13.63
N GLU B 288 -8.34 6.58 -13.85
CA GLU B 288 -9.38 7.03 -12.92
C GLU B 288 -9.30 6.36 -11.54
N ILE B 289 -8.80 5.13 -11.46
CA ILE B 289 -8.52 4.43 -10.19
C ILE B 289 -7.12 4.72 -9.62
N THR B 290 -6.19 5.25 -10.43
CA THR B 290 -4.75 5.26 -10.11
C THR B 290 -4.24 3.84 -9.84
N ALA B 291 -4.38 2.92 -10.80
CA ALA B 291 -3.96 1.52 -10.68
C ALA B 291 -3.54 0.90 -12.02
N THR B 292 -2.70 -0.13 -12.01
CA THR B 292 -2.40 -0.97 -13.19
C THR B 292 -2.51 -2.45 -12.86
N PHE B 293 -3.09 -3.24 -13.77
CA PHE B 293 -3.28 -4.68 -13.62
C PHE B 293 -2.33 -5.43 -14.54
N THR B 294 -1.59 -6.42 -14.05
CA THR B 294 -0.66 -7.21 -14.87
C THR B 294 -1.22 -8.59 -15.20
N ALA B 295 -0.67 -9.25 -16.21
CA ALA B 295 -1.05 -10.62 -16.57
C ALA B 295 0.09 -11.38 -17.29
N PRO B 296 0.10 -12.73 -17.25
CA PRO B 296 1.00 -13.55 -18.05
C PRO B 296 0.87 -13.30 -19.56
N LEU B 297 1.89 -13.66 -20.33
CA LEU B 297 1.95 -13.40 -21.79
C LEU B 297 0.97 -14.23 -22.62
N THR B 298 0.36 -15.28 -22.06
CA THR B 298 -0.59 -16.16 -22.77
C THR B 298 -2.05 -15.91 -22.34
N PRO B 299 -2.98 -15.60 -23.26
CA PRO B 299 -4.39 -15.42 -22.93
C PRO B 299 -5.06 -16.75 -22.55
N VAL B 300 -6.10 -16.74 -21.71
CA VAL B 300 -6.78 -17.97 -21.27
C VAL B 300 -7.68 -18.54 -22.36
N ALA B 301 -7.52 -19.82 -22.65
CA ALA B 301 -8.35 -20.55 -23.62
C ALA B 301 -9.72 -20.94 -23.01
N ASN B 302 -10.72 -21.15 -23.87
CA ASN B 302 -12.04 -21.67 -23.53
C ASN B 302 -12.91 -20.76 -22.62
N PHE B 303 -12.64 -19.46 -22.49
CA PHE B 303 -13.49 -18.51 -21.74
C PHE B 303 -14.85 -18.23 -22.41
N THR B 304 -15.13 -18.79 -23.60
CA THR B 304 -16.49 -18.83 -24.16
C THR B 304 -17.28 -20.09 -23.73
N ASP B 305 -16.62 -21.18 -23.32
CA ASP B 305 -17.25 -22.42 -22.84
C ASP B 305 -17.30 -22.54 -21.31
N THR B 306 -16.16 -22.35 -20.63
CA THR B 306 -16.16 -22.07 -19.19
C THR B 306 -16.56 -20.59 -18.99
N TYR B 307 -17.41 -20.27 -18.01
CA TYR B 307 -18.01 -18.93 -17.89
C TYR B 307 -18.84 -18.47 -19.11
N SER B 308 -19.42 -19.41 -19.86
CA SER B 308 -20.33 -19.10 -21.00
C SER B 308 -21.53 -18.23 -20.59
N CYS B 309 -21.94 -18.28 -19.33
CA CYS B 309 -23.02 -17.47 -18.76
C CYS B 309 -22.76 -15.95 -18.80
N LEU B 310 -21.53 -15.48 -19.03
CA LEU B 310 -21.22 -14.05 -19.22
C LEU B 310 -21.50 -13.53 -20.64
N THR B 311 -21.79 -14.39 -21.61
CA THR B 311 -21.93 -14.02 -23.04
C THR B 311 -23.09 -13.04 -23.30
N SER B 312 -24.05 -12.89 -22.38
CA SER B 312 -25.06 -11.84 -22.44
C SER B 312 -24.49 -10.44 -22.16
N ASP B 313 -23.47 -10.32 -21.32
CA ASP B 313 -23.04 -9.07 -20.69
C ASP B 313 -21.82 -8.43 -21.36
N ILE B 314 -20.79 -9.23 -21.71
CA ILE B 314 -19.60 -8.68 -22.37
C ILE B 314 -19.94 -8.13 -23.75
N ASN B 315 -20.83 -8.76 -24.51
CA ASN B 315 -21.23 -8.29 -25.84
C ASN B 315 -21.92 -6.91 -25.80
N THR B 316 -22.93 -6.72 -24.94
CA THR B 316 -23.60 -5.42 -24.81
C THR B 316 -22.68 -4.35 -24.23
N THR B 317 -21.78 -4.70 -23.30
CA THR B 317 -20.84 -3.74 -22.70
C THR B 317 -19.76 -3.29 -23.68
N LEU B 318 -19.18 -4.20 -24.48
CA LEU B 318 -18.26 -3.83 -25.56
C LEU B 318 -18.98 -3.05 -26.66
N ASN B 319 -20.17 -3.45 -27.11
CA ASN B 319 -20.94 -2.73 -28.13
C ASN B 319 -21.29 -1.30 -27.72
N ALA B 320 -21.74 -1.07 -26.47
CA ALA B 320 -21.98 0.28 -25.97
C ALA B 320 -20.69 1.11 -25.89
N SER B 321 -19.58 0.53 -25.42
CA SER B 321 -18.29 1.21 -25.34
C SER B 321 -17.75 1.60 -26.72
N LYS B 322 -17.78 0.69 -27.70
CA LYS B 322 -17.35 0.99 -29.09
C LYS B 322 -18.20 2.07 -29.74
N ALA B 323 -19.51 2.07 -29.54
CA ALA B 323 -20.38 3.14 -30.05
C ALA B 323 -20.12 4.52 -29.42
N LYS B 324 -19.58 4.58 -28.20
CA LYS B 324 -19.17 5.83 -27.53
C LYS B 324 -17.91 6.46 -28.13
N LEU B 325 -17.02 5.66 -28.72
CA LEU B 325 -15.73 6.08 -29.29
C LEU B 325 -15.74 6.17 -30.84
N ALA B 326 -16.84 5.82 -31.49
CA ALA B 326 -16.93 5.64 -32.94
C ALA B 326 -16.64 6.89 -33.80
N SER B 327 -16.58 8.08 -33.21
CA SER B 327 -16.17 9.32 -33.90
C SER B 327 -14.64 9.53 -33.97
N THR B 328 -13.84 8.82 -33.16
CA THR B 328 -12.37 9.03 -33.11
C THR B 328 -11.55 7.74 -33.23
N HIS B 329 -12.09 6.58 -32.89
CA HIS B 329 -11.39 5.31 -32.94
C HIS B 329 -12.19 4.21 -33.66
N VAL B 330 -11.49 3.27 -34.28
CA VAL B 330 -12.05 2.09 -34.95
C VAL B 330 -11.32 0.83 -34.45
N PRO B 331 -12.03 -0.29 -34.14
CA PRO B 331 -11.44 -1.54 -33.67
C PRO B 331 -10.30 -2.10 -34.50
N ASN B 332 -9.36 -2.80 -33.86
CA ASN B 332 -8.33 -3.60 -34.49
C ASN B 332 -8.20 -4.95 -33.77
N GLY B 333 -7.55 -5.95 -34.35
CA GLY B 333 -7.35 -7.26 -33.73
C GLY B 333 -8.68 -7.96 -33.39
N THR B 334 -8.75 -8.58 -32.21
CA THR B 334 -9.94 -9.31 -31.72
C THR B 334 -9.94 -9.38 -30.19
N VAL B 335 -11.07 -9.76 -29.58
CA VAL B 335 -11.26 -9.78 -28.12
C VAL B 335 -10.38 -10.83 -27.47
N GLN B 336 -9.69 -10.48 -26.39
CA GLN B 336 -8.76 -11.35 -25.66
C GLN B 336 -9.04 -11.34 -24.15
N TYR B 337 -8.77 -12.46 -23.47
CA TYR B 337 -9.08 -12.69 -22.06
C TYR B 337 -7.83 -13.08 -21.26
N PHE B 338 -7.58 -12.45 -20.11
CA PHE B 338 -6.38 -12.70 -19.28
C PHE B 338 -6.74 -12.89 -17.80
N HIS B 339 -5.96 -13.68 -17.05
CA HIS B 339 -6.18 -13.94 -15.63
C HIS B 339 -5.02 -13.38 -14.79
N THR B 340 -5.28 -12.35 -14.01
CA THR B 340 -4.31 -11.64 -13.18
C THR B 340 -3.90 -12.45 -11.96
N THR B 341 -2.60 -12.55 -11.64
CA THR B 341 -2.17 -13.10 -10.34
C THR B 341 -2.65 -12.18 -9.20
N GLY B 342 -3.56 -12.69 -8.37
CA GLY B 342 -4.42 -11.88 -7.50
C GLY B 342 -5.92 -12.16 -7.69
N GLY B 343 -6.31 -12.78 -8.81
CA GLY B 343 -7.61 -13.47 -8.98
C GLY B 343 -8.66 -12.79 -9.87
N LEU B 344 -8.39 -11.59 -10.41
CA LEU B 344 -9.29 -10.89 -11.34
C LEU B 344 -9.16 -11.41 -12.78
N TYR B 345 -10.24 -11.33 -13.57
CA TYR B 345 -10.23 -11.61 -15.00
C TYR B 345 -10.37 -10.31 -15.81
N LEU B 346 -9.56 -10.15 -16.86
CA LEU B 346 -9.54 -8.98 -17.75
C LEU B 346 -10.13 -9.33 -19.12
N VAL B 347 -10.99 -8.48 -19.67
CA VAL B 347 -11.44 -8.51 -21.07
C VAL B 347 -10.85 -7.32 -21.82
N TRP B 348 -10.24 -7.53 -22.99
CA TRP B 348 -9.52 -6.50 -23.75
C TRP B 348 -9.96 -6.44 -25.21
N GLN B 349 -10.13 -5.24 -25.76
CA GLN B 349 -10.45 -4.98 -27.18
C GLN B 349 -9.55 -3.86 -27.72
N PRO B 350 -8.56 -4.12 -28.60
CA PRO B 350 -7.70 -3.09 -29.17
C PRO B 350 -8.46 -2.08 -30.02
N MET B 351 -8.06 -0.82 -29.98
CA MET B 351 -8.65 0.28 -30.76
C MET B 351 -7.56 1.08 -31.47
N SER B 352 -7.86 1.63 -32.66
CA SER B 352 -6.93 2.42 -33.46
C SER B 352 -7.49 3.79 -33.82
N ALA B 353 -6.67 4.84 -33.81
CA ALA B 353 -7.12 6.19 -34.16
C ALA B 353 -7.38 6.31 -35.68
N ILE B 354 -8.49 6.96 -36.07
CA ILE B 354 -8.93 6.97 -37.47
C ILE B 354 -8.29 8.06 -38.33
N ASN B 355 -7.93 9.21 -37.74
CA ASN B 355 -7.20 10.32 -38.37
C ASN B 355 -7.74 10.67 -39.76
N GLY B 395 -6.83 -22.54 -11.21
CA GLY B 395 -6.40 -21.14 -11.23
C GLY B 395 -6.47 -20.47 -9.85
N GLY B 396 -6.25 -19.15 -9.82
CA GLY B 396 -6.23 -18.33 -8.61
C GLY B 396 -7.63 -17.98 -8.07
N GLY B 397 -8.36 -18.98 -7.55
CA GLY B 397 -9.69 -18.79 -6.96
C GLY B 397 -9.71 -17.99 -5.64
N GLY B 398 -8.57 -17.86 -4.98
CA GLY B 398 -8.36 -17.02 -3.79
C GLY B 398 -8.23 -15.53 -4.13
N SER B 399 -9.30 -14.92 -4.63
CA SER B 399 -9.31 -13.49 -5.00
C SER B 399 -8.91 -12.59 -3.83
N THR B 400 -7.86 -11.79 -3.99
CA THR B 400 -7.32 -10.95 -2.90
C THR B 400 -8.16 -9.69 -2.71
N ASP B 401 -8.60 -9.43 -1.48
CA ASP B 401 -9.55 -8.35 -1.13
C ASP B 401 -8.90 -6.96 -1.14
N ASN B 402 -7.58 -6.86 -0.93
CA ASN B 402 -6.84 -5.61 -0.80
C ASN B 402 -6.04 -5.32 -2.08
N LEU B 403 -6.36 -4.22 -2.78
CA LEU B 403 -5.79 -3.89 -4.09
C LEU B 403 -4.55 -2.97 -4.05
N SER B 404 -3.89 -2.81 -2.89
CA SER B 404 -2.78 -1.86 -2.73
C SER B 404 -1.61 -2.09 -3.68
N TYR B 405 -1.28 -3.34 -4.02
CA TYR B 405 -0.21 -3.67 -4.97
C TYR B 405 -0.48 -3.13 -6.38
N THR B 406 -1.74 -2.94 -6.78
CA THR B 406 -2.10 -2.37 -8.09
C THR B 406 -1.86 -0.85 -8.14
N GLN B 407 -1.94 -0.14 -7.01
CA GLN B 407 -1.65 1.29 -6.94
C GLN B 407 -0.15 1.56 -6.78
N LEU B 408 0.57 0.71 -6.05
CA LEU B 408 2.02 0.78 -5.94
C LEU B 408 2.73 0.51 -7.27
N GLN B 409 2.23 -0.40 -8.10
CA GLN B 409 2.73 -0.57 -9.47
C GLN B 409 2.51 0.68 -10.33
N PHE B 410 1.35 1.35 -10.24
CA PHE B 410 1.11 2.62 -10.95
C PHE B 410 2.05 3.74 -10.51
N ALA B 411 2.32 3.92 -9.21
CA ALA B 411 3.29 4.92 -8.76
C ALA B 411 4.70 4.63 -9.25
N TYR B 412 5.18 3.38 -9.17
CA TYR B 412 6.52 3.01 -9.63
C TYR B 412 6.67 3.20 -11.13
N ASP B 413 5.69 2.80 -11.95
CA ASP B 413 5.68 3.03 -13.39
C ASP B 413 5.38 4.48 -13.83
N LYS B 414 5.14 5.41 -12.90
CA LYS B 414 5.13 6.86 -13.15
C LYS B 414 6.46 7.52 -12.78
N LEU B 415 7.13 7.08 -11.72
CA LEU B 415 8.48 7.53 -11.39
C LEU B 415 9.51 7.06 -12.42
N ARG B 416 9.54 5.77 -12.76
CA ARG B 416 10.61 5.18 -13.60
C ARG B 416 10.78 5.87 -14.97
N PRO B 417 9.77 6.03 -15.85
CA PRO B 417 9.95 6.72 -17.12
C PRO B 417 10.16 8.23 -16.96
N GLY B 418 9.67 8.85 -15.89
CA GLY B 418 9.94 10.26 -15.59
C GLY B 418 11.41 10.52 -15.27
N ILE B 419 12.09 9.58 -14.60
CA ILE B 419 13.54 9.65 -14.34
C ILE B 419 14.34 9.24 -15.57
N ASN B 420 14.00 8.16 -16.27
CA ASN B 420 14.71 7.74 -17.48
C ASN B 420 14.62 8.76 -18.63
N GLN B 421 13.58 9.59 -18.71
CA GLN B 421 13.53 10.70 -19.66
C GLN B 421 14.56 11.79 -19.35
N VAL B 422 14.78 12.14 -18.08
CA VAL B 422 15.83 13.10 -17.69
C VAL B 422 17.22 12.58 -18.06
N LEU B 423 17.52 11.29 -17.91
CA LEU B 423 18.81 10.74 -18.32
C LEU B 423 19.05 10.82 -19.83
N GLU B 424 18.03 10.63 -20.67
CA GLU B 424 18.17 10.80 -22.12
C GLU B 424 18.30 12.27 -22.54
N GLU B 425 17.62 13.20 -21.89
CA GLU B 425 17.76 14.65 -22.16
C GLU B 425 19.10 15.22 -21.66
N LEU B 426 19.66 14.69 -20.57
CA LEU B 426 20.99 15.04 -20.06
C LEU B 426 22.12 14.49 -20.94
N SER B 427 21.97 13.29 -21.50
CA SER B 427 23.01 12.64 -22.30
C SER B 427 23.22 13.26 -23.68
N ARG B 428 22.17 13.74 -24.37
CA ARG B 428 22.36 14.49 -25.64
C ARG B 428 22.76 15.96 -25.44
N ALA B 429 22.54 16.55 -24.27
CA ALA B 429 23.09 17.86 -23.93
C ALA B 429 24.60 17.78 -23.64
N TRP B 430 25.08 16.68 -23.06
CA TRP B 430 26.51 16.40 -22.86
C TRP B 430 27.22 16.13 -24.18
N CYS B 431 26.68 15.28 -25.04
CA CYS B 431 27.31 14.96 -26.33
C CYS B 431 27.50 16.20 -27.24
N ARG B 432 26.54 17.12 -27.30
CA ARG B 432 26.69 18.37 -28.08
C ARG B 432 27.78 19.29 -27.54
N GLU B 433 28.19 19.17 -26.28
CA GLU B 433 29.35 19.89 -25.75
C GLU B 433 30.66 19.22 -26.13
N GLN B 434 30.76 17.89 -26.08
CA GLN B 434 31.99 17.17 -26.48
C GLN B 434 32.37 17.39 -27.95
N VAL B 435 31.39 17.63 -28.81
CA VAL B 435 31.60 18.03 -30.23
C VAL B 435 32.20 19.43 -30.37
N ARG B 436 31.97 20.36 -29.42
CA ARG B 436 32.66 21.66 -29.37
C ARG B 436 34.03 21.59 -28.69
N ASP B 437 34.21 20.82 -27.61
CA ASP B 437 35.53 20.61 -27.02
C ASP B 437 36.55 20.05 -28.02
N ASN B 438 36.14 19.11 -28.87
CA ASN B 438 36.98 18.60 -29.95
C ASN B 438 37.40 19.68 -30.98
N LEU B 439 36.65 20.77 -31.15
CA LEU B 439 37.04 21.90 -31.99
C LEU B 439 37.93 22.90 -31.26
N MET B 440 37.76 23.11 -29.96
CA MET B 440 38.71 23.90 -29.17
C MET B 440 40.10 23.27 -29.18
N TRP B 441 40.21 21.95 -29.00
CA TRP B 441 41.53 21.28 -29.08
C TRP B 441 42.14 21.34 -30.47
N TYR B 442 41.35 21.29 -31.54
CA TYR B 442 41.87 21.47 -32.89
C TYR B 442 42.48 22.86 -33.08
N GLU B 443 41.80 23.95 -32.72
CA GLU B 443 42.35 25.31 -32.84
C GLU B 443 43.56 25.58 -31.95
N LEU B 444 43.63 24.99 -30.76
CA LEU B 444 44.81 25.07 -29.90
C LEU B 444 45.99 24.27 -30.48
N SER B 445 45.77 23.23 -31.28
CA SER B 445 46.86 22.39 -31.81
C SER B 445 47.68 23.06 -32.90
N LYS B 446 47.08 23.97 -33.67
CA LYS B 446 47.76 24.72 -34.74
C LYS B 446 48.82 25.69 -34.22
N ILE B 447 48.73 26.10 -32.95
CA ILE B 447 49.71 26.98 -32.30
C ILE B 447 50.98 26.19 -31.96
N ASN B 448 50.88 25.14 -31.14
CA ASN B 448 51.93 24.11 -31.01
C ASN B 448 51.33 22.73 -30.67
N PRO B 449 51.54 21.68 -31.47
CA PRO B 449 50.85 20.41 -31.28
C PRO B 449 51.37 19.57 -30.11
N THR B 450 52.59 19.79 -29.61
CA THR B 450 53.13 19.05 -28.44
C THR B 450 52.25 19.20 -27.21
N SER B 451 51.89 20.44 -26.87
CA SER B 451 51.12 20.75 -25.66
C SER B 451 49.68 20.24 -25.70
N VAL B 452 49.11 19.99 -26.88
CA VAL B 452 47.82 19.30 -27.03
C VAL B 452 47.96 17.78 -26.90
N MET B 453 48.99 17.18 -27.51
CA MET B 453 49.21 15.73 -27.39
C MET B 453 49.48 15.29 -25.94
N THR B 454 50.28 16.02 -25.17
CA THR B 454 50.48 15.72 -23.74
C THR B 454 49.34 16.19 -22.83
N ALA B 455 48.25 16.74 -23.38
CA ALA B 455 47.01 16.99 -22.66
C ALA B 455 45.97 15.88 -22.93
N ILE B 456 45.88 15.41 -24.17
CA ILE B 456 45.01 14.29 -24.56
C ILE B 456 45.57 12.95 -24.07
N TYR B 457 46.87 12.70 -24.14
CA TYR B 457 47.52 11.59 -23.42
C TYR B 457 47.94 12.00 -22.00
N GLY B 458 48.03 11.05 -21.08
CA GLY B 458 48.47 11.29 -19.71
C GLY B 458 50.00 11.33 -19.50
N ARG B 459 50.78 11.35 -20.58
CA ARG B 459 52.24 11.10 -20.57
C ARG B 459 52.98 11.99 -21.58
N PRO B 460 54.25 12.33 -21.34
CA PRO B 460 55.03 13.17 -22.25
C PRO B 460 55.35 12.45 -23.57
N VAL B 461 55.14 13.16 -24.69
CA VAL B 461 55.45 12.80 -26.08
C VAL B 461 55.83 14.07 -26.84
N SER B 462 56.45 13.96 -28.01
CA SER B 462 56.73 15.10 -28.91
C SER B 462 56.04 14.92 -30.26
N ALA B 463 55.56 16.01 -30.87
CA ALA B 463 54.72 15.94 -32.07
C ALA B 463 55.02 17.06 -33.08
N LYS B 464 54.73 16.81 -34.36
CA LYS B 464 55.03 17.73 -35.48
C LYS B 464 54.02 17.56 -36.62
N PHE B 465 53.60 18.64 -37.27
CA PHE B 465 52.79 18.55 -38.48
C PHE B 465 53.65 18.11 -39.67
N VAL B 466 53.19 17.10 -40.42
CA VAL B 466 53.82 16.65 -41.68
C VAL B 466 52.96 16.98 -42.90
N GLY B 467 52.04 17.93 -42.76
CA GLY B 467 50.98 18.26 -43.70
C GLY B 467 49.69 18.54 -42.94
N ASP B 468 48.58 17.92 -43.34
CA ASP B 468 47.32 17.93 -42.59
C ASP B 468 47.22 16.80 -41.53
N ALA B 469 48.29 16.06 -41.27
CA ALA B 469 48.38 15.02 -40.26
C ALA B 469 49.53 15.26 -39.27
N ILE B 470 49.38 14.82 -38.03
CA ILE B 470 50.35 15.04 -36.95
C ILE B 470 51.15 13.77 -36.70
N SER B 471 52.47 13.83 -36.84
CA SER B 471 53.39 12.74 -36.50
C SER B 471 53.73 12.80 -35.01
N VAL B 472 53.63 11.70 -34.27
CA VAL B 472 53.88 11.65 -32.82
C VAL B 472 55.00 10.68 -32.46
N THR B 473 55.81 11.03 -31.46
CA THR B 473 57.09 10.37 -31.16
C THR B 473 57.36 10.28 -29.66
N GLU B 474 58.07 9.23 -29.25
CA GLU B 474 58.49 9.00 -27.86
C GLU B 474 59.62 9.93 -27.41
N CYS B 475 59.78 10.11 -26.10
CA CYS B 475 60.81 10.95 -25.48
C CYS B 475 61.74 10.12 -24.57
N ILE B 476 63.01 10.52 -24.45
CA ILE B 476 64.11 9.69 -23.92
C ILE B 476 64.60 10.18 -22.54
N ASN B 477 64.65 9.29 -21.54
CA ASN B 477 65.15 9.64 -20.22
C ASN B 477 66.68 9.82 -20.17
N VAL B 478 67.14 10.78 -19.36
CA VAL B 478 68.55 11.13 -19.07
C VAL B 478 68.81 10.94 -17.57
N ASP B 479 70.02 10.55 -17.17
CA ASP B 479 70.31 10.23 -15.76
C ASP B 479 70.27 11.47 -14.83
N GLN B 480 69.95 11.24 -13.56
CA GLN B 480 69.71 12.34 -12.61
C GLN B 480 71.01 12.90 -12.02
N SER B 481 72.14 12.19 -12.16
CA SER B 481 73.41 12.54 -11.53
C SER B 481 74.31 13.41 -12.40
N SER B 482 74.29 13.28 -13.73
CA SER B 482 75.08 14.15 -14.61
C SER B 482 74.52 15.57 -14.74
N VAL B 483 73.21 15.75 -14.49
CA VAL B 483 72.53 17.05 -14.59
C VAL B 483 73.01 18.05 -13.53
N ASN B 484 73.53 19.20 -13.98
CA ASN B 484 73.74 20.36 -13.12
C ASN B 484 73.31 21.67 -13.82
N ILE B 485 72.74 22.60 -13.04
CA ILE B 485 72.15 23.86 -13.51
C ILE B 485 73.10 25.02 -13.20
N HIS B 486 73.37 25.90 -14.17
CA HIS B 486 74.35 26.99 -14.00
C HIS B 486 73.80 28.13 -13.15
N LYS B 487 74.67 28.78 -12.36
CA LYS B 487 74.30 29.84 -11.39
C LYS B 487 74.12 31.26 -11.98
N SER B 488 74.19 31.42 -13.31
CA SER B 488 74.22 32.74 -13.97
C SER B 488 73.46 32.76 -15.30
N LEU B 489 72.95 33.94 -15.67
CA LEU B 489 72.14 34.15 -16.88
C LEU B 489 72.71 35.18 -17.87
N ARG B 490 73.62 36.08 -17.46
CA ARG B 490 74.27 37.02 -18.40
C ARG B 490 75.33 36.32 -19.26
N THR B 491 75.33 36.60 -20.57
CA THR B 491 76.20 35.95 -21.57
C THR B 491 77.62 36.56 -21.55
N ASN B 492 78.58 35.95 -22.26
CA ASN B 492 79.89 36.56 -22.53
C ASN B 492 79.78 37.85 -23.38
N SER B 493 78.76 37.97 -24.23
CA SER B 493 78.38 39.22 -24.92
C SER B 493 77.89 40.29 -23.92
N LYS B 494 78.17 41.56 -24.20
CA LYS B 494 78.00 42.69 -23.26
C LYS B 494 76.55 43.01 -22.85
N ASP B 495 75.55 42.62 -23.64
CA ASP B 495 74.14 42.93 -23.40
C ASP B 495 73.19 41.85 -23.98
N VAL B 496 73.42 40.59 -23.62
CA VAL B 496 72.51 39.45 -23.93
C VAL B 496 72.35 38.57 -22.68
N CYS B 497 71.11 38.20 -22.35
CA CYS B 497 70.79 37.43 -21.14
C CYS B 497 69.87 36.24 -21.46
N TYR B 498 70.17 35.07 -20.92
CA TYR B 498 69.39 33.85 -21.12
C TYR B 498 68.05 33.90 -20.35
N ALA B 499 66.95 33.62 -21.05
CA ALA B 499 65.60 33.61 -20.45
C ALA B 499 65.32 32.36 -19.59
N ARG B 500 66.11 31.30 -19.76
CA ARG B 500 66.06 30.04 -19.00
C ARG B 500 67.49 29.61 -18.64
N PRO B 501 67.76 29.03 -17.46
CA PRO B 501 69.11 28.72 -17.04
C PRO B 501 69.72 27.59 -17.86
N LEU B 502 71.04 27.66 -18.07
CA LEU B 502 71.80 26.64 -18.77
C LEU B 502 71.93 25.35 -17.93
N VAL B 503 72.00 24.21 -18.62
CA VAL B 503 72.15 22.88 -18.04
C VAL B 503 73.21 22.08 -18.79
N THR B 504 73.99 21.28 -18.07
CA THR B 504 74.99 20.34 -18.60
C THR B 504 74.63 18.92 -18.15
N PHE B 505 74.82 17.91 -19.01
CA PHE B 505 74.33 16.54 -18.82
C PHE B 505 75.06 15.53 -19.72
N LYS B 506 74.84 14.22 -19.49
CA LYS B 506 75.17 13.17 -20.48
C LYS B 506 74.16 12.01 -20.48
N PHE B 507 74.06 11.31 -21.62
CA PHE B 507 73.21 10.11 -21.75
C PHE B 507 73.79 8.90 -20.99
N LEU B 508 72.93 7.92 -20.67
CA LEU B 508 73.32 6.65 -20.05
C LEU B 508 74.36 5.91 -20.92
N ASN B 509 75.29 5.21 -20.27
CA ASN B 509 76.37 4.44 -20.91
C ASN B 509 77.22 5.27 -21.90
N SER B 510 77.65 6.46 -21.48
CA SER B 510 78.47 7.38 -22.29
C SER B 510 79.49 8.16 -21.46
N SER B 511 80.48 8.78 -22.13
CA SER B 511 81.54 9.59 -21.51
C SER B 511 81.47 11.08 -21.87
N ASN B 512 81.21 11.42 -23.15
CA ASN B 512 81.16 12.81 -23.62
C ASN B 512 79.96 13.60 -23.04
N LEU B 513 80.16 14.87 -22.70
CA LEU B 513 79.13 15.76 -22.16
C LEU B 513 78.37 16.53 -23.24
N PHE B 514 77.20 17.05 -22.87
CA PHE B 514 76.30 17.88 -23.69
C PHE B 514 75.76 19.05 -22.86
N THR B 515 75.19 20.07 -23.50
CA THR B 515 74.57 21.22 -22.82
C THR B 515 73.34 21.76 -23.54
N GLY B 516 72.44 22.42 -22.81
CA GLY B 516 71.19 23.00 -23.30
C GLY B 516 70.58 23.98 -22.30
N GLN B 517 69.26 24.21 -22.39
CA GLN B 517 68.48 25.02 -21.44
C GLN B 517 67.39 24.19 -20.75
N LEU B 518 67.12 24.50 -19.49
CA LEU B 518 66.05 23.90 -18.68
C LEU B 518 64.67 24.38 -19.18
N GLY B 519 63.89 23.52 -19.82
CA GLY B 519 62.62 23.87 -20.46
C GLY B 519 61.38 23.19 -19.88
N ALA B 520 60.21 23.73 -20.20
CA ALA B 520 58.89 23.20 -19.81
C ALA B 520 58.83 22.77 -18.32
N ARG B 521 58.30 21.59 -18.00
CA ARG B 521 58.25 21.04 -16.63
C ARG B 521 59.63 20.60 -16.14
N ASN B 522 60.27 19.65 -16.83
CA ASN B 522 61.61 19.12 -16.52
C ASN B 522 62.37 18.68 -17.80
N GLU B 523 62.16 19.37 -18.93
CA GLU B 523 62.78 19.01 -20.21
C GLU B 523 64.17 19.62 -20.39
N ILE B 524 65.00 18.96 -21.19
CA ILE B 524 66.26 19.48 -21.69
C ILE B 524 66.04 19.95 -23.14
N ILE B 525 66.27 21.23 -23.42
CA ILE B 525 66.11 21.82 -24.76
C ILE B 525 67.50 22.11 -25.35
N LEU B 526 67.73 21.65 -26.58
CA LEU B 526 69.04 21.71 -27.25
C LEU B 526 69.32 23.05 -27.98
N THR B 527 68.30 23.89 -28.24
CA THR B 527 68.42 25.18 -28.95
C THR B 527 68.14 26.37 -28.02
N ASN B 528 69.08 27.32 -27.93
CA ASN B 528 69.07 28.39 -26.94
C ASN B 528 68.12 29.56 -27.29
N ASN B 529 67.60 30.26 -26.28
CA ASN B 529 66.86 31.53 -26.42
C ASN B 529 67.13 32.54 -25.27
N GLN B 530 66.90 33.82 -25.55
CA GLN B 530 67.40 34.97 -24.77
C GLN B 530 66.36 36.11 -24.67
N VAL B 531 66.45 36.96 -23.64
CA VAL B 531 65.71 38.24 -23.59
C VAL B 531 66.38 39.30 -24.47
N GLU B 532 65.62 40.33 -24.89
CA GLU B 532 66.07 41.32 -25.87
C GLU B 532 67.28 42.15 -25.39
N THR B 533 67.29 42.55 -24.10
CA THR B 533 68.40 43.23 -23.43
C THR B 533 68.49 42.81 -21.96
N CYS B 534 69.69 42.88 -21.39
CA CYS B 534 69.91 42.73 -19.95
C CYS B 534 69.49 44.02 -19.21
N LYS B 535 68.19 44.34 -19.23
CA LYS B 535 67.58 45.50 -18.55
C LYS B 535 67.91 45.53 -17.05
N ASP B 536 67.82 46.70 -16.43
CA ASP B 536 68.41 47.02 -15.13
C ASP B 536 68.05 46.04 -13.99
N THR B 537 66.84 45.48 -14.01
CA THR B 537 66.25 44.64 -12.97
C THR B 537 65.52 43.45 -13.60
N CYS B 538 65.69 42.26 -13.01
CA CYS B 538 65.11 41.00 -13.49
C CYS B 538 64.94 40.03 -12.33
N GLU B 539 63.96 39.14 -12.39
CA GLU B 539 63.66 38.14 -11.37
C GLU B 539 63.00 36.90 -12.00
N HIS B 540 63.29 35.70 -11.48
CA HIS B 540 62.69 34.45 -11.95
C HIS B 540 62.48 33.46 -10.79
N TYR B 541 61.51 32.56 -10.95
CA TYR B 541 61.20 31.46 -10.04
C TYR B 541 61.03 30.17 -10.85
N PHE B 542 62.13 29.59 -11.34
CA PHE B 542 62.07 28.37 -12.15
C PHE B 542 61.60 27.17 -11.31
N ILE B 543 60.67 26.36 -11.82
CA ILE B 543 60.05 25.24 -11.09
C ILE B 543 60.59 23.90 -11.61
N THR B 544 61.02 23.02 -10.70
CA THR B 544 61.41 21.61 -10.97
C THR B 544 60.37 20.68 -10.30
N ARG B 545 60.48 19.34 -10.41
CA ARG B 545 59.50 18.38 -9.84
C ARG B 545 59.20 18.54 -8.33
N ASN B 546 60.18 18.98 -7.53
CA ASN B 546 60.04 19.18 -6.08
C ASN B 546 60.31 20.64 -5.72
N GLU B 547 61.52 21.12 -6.02
CA GLU B 547 62.03 22.42 -5.61
C GLU B 547 61.92 23.50 -6.69
N THR B 548 62.04 24.76 -6.30
CA THR B 548 62.13 25.91 -7.19
C THR B 548 63.46 26.62 -6.96
N LEU B 549 64.04 27.18 -8.01
CA LEU B 549 65.27 27.97 -7.95
C LEU B 549 64.90 29.43 -8.15
N VAL B 550 65.31 30.32 -7.26
CA VAL B 550 65.06 31.77 -7.41
C VAL B 550 66.33 32.51 -7.85
N TYR B 551 66.19 33.33 -8.88
CA TYR B 551 67.26 34.12 -9.50
C TYR B 551 66.83 35.59 -9.54
N LYS B 552 67.77 36.53 -9.36
CA LYS B 552 67.58 37.96 -9.66
C LYS B 552 68.91 38.67 -9.94
N ASP B 553 68.82 39.81 -10.63
CA ASP B 553 69.99 40.54 -11.19
C ASP B 553 70.87 39.63 -12.07
N TYR B 554 70.24 38.67 -12.75
CA TYR B 554 70.81 37.64 -13.63
C TYR B 554 71.75 36.62 -12.95
N ALA B 555 71.60 36.39 -11.64
CA ALA B 555 72.32 35.33 -10.90
C ALA B 555 71.44 34.59 -9.88
N TYR B 556 71.83 33.36 -9.55
CA TYR B 556 71.14 32.45 -8.60
C TYR B 556 71.29 32.93 -7.14
N LEU B 557 70.27 32.67 -6.30
CA LEU B 557 70.33 32.97 -4.85
C LEU B 557 69.92 31.82 -3.93
N ARG B 558 68.74 31.21 -4.13
CA ARG B 558 68.11 30.31 -3.14
C ARG B 558 67.37 29.15 -3.79
N THR B 559 67.13 28.10 -3.02
CA THR B 559 66.22 27.01 -3.36
C THR B 559 65.04 26.99 -2.39
N ILE B 560 63.80 27.02 -2.89
CA ILE B 560 62.56 27.14 -2.10
C ILE B 560 61.58 26.03 -2.52
N ASN B 561 60.83 25.44 -1.57
CA ASN B 561 59.82 24.42 -1.86
C ASN B 561 58.69 25.00 -2.74
N THR B 562 58.22 24.22 -3.73
CA THR B 562 57.20 24.67 -4.69
C THR B 562 55.89 25.07 -4.00
N THR B 563 55.52 24.38 -2.92
CA THR B 563 54.30 24.61 -2.15
C THR B 563 54.21 26.02 -1.53
N ASP B 564 55.31 26.77 -1.45
CA ASP B 564 55.29 28.16 -1.00
C ASP B 564 54.60 29.12 -1.99
N ILE B 565 54.57 28.78 -3.28
CA ILE B 565 53.91 29.57 -4.33
C ILE B 565 52.41 29.25 -4.35
N SER B 566 51.55 30.27 -4.24
CA SER B 566 50.09 30.10 -4.27
C SER B 566 49.60 29.58 -5.64
N THR B 567 48.60 28.69 -5.65
CA THR B 567 48.08 28.02 -6.87
C THR B 567 46.65 28.46 -7.23
N LEU B 568 46.40 28.78 -8.50
CA LEU B 568 45.05 29.10 -9.02
C LEU B 568 44.10 27.91 -8.87
N ASN B 569 42.84 28.19 -8.56
CA ASN B 569 41.75 27.21 -8.59
C ASN B 569 40.70 27.63 -9.63
N THR B 570 40.48 26.80 -10.65
CA THR B 570 39.58 27.05 -11.78
C THR B 570 38.39 26.08 -11.84
N PHE B 571 38.22 25.19 -10.85
CA PHE B 571 37.17 24.18 -10.79
C PHE B 571 35.81 24.78 -10.41
N ILE B 572 34.72 24.22 -10.96
CA ILE B 572 33.33 24.56 -10.64
C ILE B 572 32.71 23.42 -9.82
N ALA B 573 32.22 23.73 -8.62
CA ALA B 573 31.63 22.73 -7.72
C ALA B 573 30.19 22.37 -8.13
N LEU B 574 29.80 21.10 -7.97
CA LEU B 574 28.43 20.63 -8.18
C LEU B 574 27.57 20.76 -6.91
N ASN B 575 28.06 20.31 -5.76
CA ASN B 575 27.30 20.19 -4.51
C ASN B 575 25.95 19.47 -4.66
N LEU B 576 25.91 18.30 -5.33
CA LEU B 576 24.71 17.45 -5.39
C LEU B 576 24.42 16.85 -3.99
N SER B 577 23.14 16.80 -3.61
CA SER B 577 22.67 16.23 -2.35
C SER B 577 21.86 14.96 -2.61
N PHE B 578 22.27 13.84 -1.99
CA PHE B 578 21.70 12.51 -2.27
C PHE B 578 20.37 12.27 -1.57
N ILE B 579 19.54 11.39 -2.12
CA ILE B 579 18.25 10.95 -1.54
C ILE B 579 18.49 10.24 -0.20
N GLN B 580 17.53 10.29 0.73
CA GLN B 580 17.70 9.83 2.12
C GLN B 580 16.66 8.80 2.57
N ASN B 581 17.01 8.02 3.60
CA ASN B 581 16.24 6.90 4.12
C ASN B 581 14.98 7.31 4.91
N ILE B 582 13.91 6.52 4.81
CA ILE B 582 12.63 6.68 5.52
C ILE B 582 12.21 5.32 6.08
N ASP B 583 11.76 5.28 7.33
CA ASP B 583 11.16 4.08 7.94
C ASP B 583 9.64 4.22 8.01
N PHE B 584 8.92 3.35 7.31
CA PHE B 584 7.47 3.33 7.28
C PHE B 584 6.91 2.56 8.48
N LYS B 585 5.68 2.90 8.89
CA LYS B 585 5.05 2.47 10.15
C LYS B 585 3.79 1.65 9.89
N ALA B 586 3.45 0.73 10.79
CA ALA B 586 2.16 0.03 10.78
C ALA B 586 1.05 0.87 11.39
N ILE B 587 -0.06 1.08 10.67
CA ILE B 587 -1.17 1.98 11.05
C ILE B 587 -2.52 1.25 10.95
N GLU B 588 -3.43 1.50 11.89
CA GLU B 588 -4.81 0.97 11.90
C GLU B 588 -5.83 2.05 12.23
N LEU B 589 -6.95 2.11 11.51
CA LEU B 589 -8.02 3.08 11.75
C LEU B 589 -8.96 2.66 12.90
N TYR B 590 -9.21 1.36 13.07
CA TYR B 590 -10.07 0.79 14.11
C TYR B 590 -9.38 -0.37 14.84
N SER B 591 -9.51 -0.43 16.16
CA SER B 591 -8.96 -1.51 16.99
C SER B 591 -9.64 -2.86 16.72
N SER B 592 -8.96 -3.98 16.96
CA SER B 592 -9.55 -5.32 16.80
C SER B 592 -10.78 -5.55 17.70
N ALA B 593 -10.83 -4.91 18.88
CA ALA B 593 -12.02 -4.89 19.73
C ALA B 593 -13.19 -4.10 19.10
N GLU B 594 -12.96 -2.93 18.51
CA GLU B 594 -14.02 -2.14 17.84
C GLU B 594 -14.56 -2.86 16.60
N LYS B 595 -13.70 -3.56 15.84
CA LYS B 595 -14.13 -4.43 14.74
C LYS B 595 -14.97 -5.62 15.21
N ARG B 596 -14.73 -6.16 16.42
CA ARG B 596 -15.58 -7.20 17.03
C ARG B 596 -16.95 -6.65 17.44
N LEU B 597 -17.00 -5.58 18.24
CA LEU B 597 -18.25 -5.00 18.76
C LEU B 597 -19.17 -4.46 17.65
N ALA B 598 -18.64 -4.03 16.51
CA ALA B 598 -19.45 -3.58 15.38
C ALA B 598 -20.19 -4.70 14.63
N SER B 599 -19.85 -5.98 14.85
CA SER B 599 -20.34 -7.09 14.02
C SER B 599 -21.78 -7.50 14.31
N SER B 600 -22.28 -7.33 15.54
CA SER B 600 -23.68 -7.60 15.93
C SER B 600 -24.07 -6.87 17.22
N VAL B 601 -25.37 -6.64 17.44
CA VAL B 601 -25.91 -6.26 18.77
C VAL B 601 -26.12 -7.46 19.70
N PHE B 602 -26.27 -8.67 19.15
CA PHE B 602 -26.30 -9.93 19.90
C PHE B 602 -24.92 -10.33 20.39
N ASP B 603 -24.83 -10.83 21.64
CA ASP B 603 -23.60 -11.32 22.26
C ASP B 603 -23.63 -12.84 22.42
N LEU B 604 -23.55 -13.57 21.31
CA LEU B 604 -23.78 -15.02 21.27
C LEU B 604 -22.85 -15.81 22.21
N GLU B 605 -21.64 -15.32 22.44
CA GLU B 605 -20.67 -15.95 23.34
C GLU B 605 -21.14 -16.02 24.80
N THR B 606 -22.01 -15.11 25.26
CA THR B 606 -22.57 -15.13 26.63
C THR B 606 -24.04 -15.51 26.66
N MET B 607 -24.82 -15.23 25.62
CA MET B 607 -26.22 -15.60 25.52
C MET B 607 -26.46 -17.11 25.66
N PHE B 608 -25.66 -17.95 25.00
CA PHE B 608 -25.78 -19.41 25.11
C PHE B 608 -25.20 -19.98 26.41
N ARG B 609 -24.24 -19.31 27.05
CA ARG B 609 -23.67 -19.76 28.34
C ARG B 609 -24.64 -19.58 29.49
N GLU B 610 -25.39 -18.48 29.51
CA GLU B 610 -26.42 -18.24 30.52
C GLU B 610 -27.66 -19.15 30.35
N TYR B 611 -28.11 -19.43 29.13
CA TYR B 611 -29.23 -20.34 28.88
C TYR B 611 -28.95 -21.77 29.38
N ASN B 612 -27.76 -22.30 29.14
CA ASN B 612 -27.33 -23.58 29.69
C ASN B 612 -27.20 -23.54 31.22
N TYR B 613 -26.63 -22.49 31.80
CA TYR B 613 -26.52 -22.40 33.26
C TYR B 613 -27.89 -22.31 33.93
N TYR B 614 -28.79 -21.48 33.44
CA TYR B 614 -30.13 -21.31 34.00
C TYR B 614 -30.95 -22.59 33.92
N THR B 615 -31.05 -23.21 32.74
CA THR B 615 -31.96 -24.36 32.54
C THR B 615 -31.47 -25.66 33.17
N HIS B 616 -30.16 -25.84 33.39
CA HIS B 616 -29.63 -27.06 34.02
C HIS B 616 -29.36 -26.92 35.53
N ARG B 617 -28.72 -25.84 35.99
CA ARG B 617 -28.29 -25.68 37.39
C ARG B 617 -29.31 -24.92 38.25
N LEU B 618 -29.81 -23.76 37.78
CA LEU B 618 -30.67 -22.89 38.59
C LEU B 618 -32.12 -23.37 38.63
N ALA B 619 -32.76 -23.53 37.48
CA ALA B 619 -34.20 -23.82 37.36
C ALA B 619 -34.57 -25.31 37.28
N GLY B 620 -33.62 -26.19 36.97
CA GLY B 620 -33.89 -27.61 36.74
C GLY B 620 -34.22 -28.40 38.01
N LEU B 621 -34.77 -29.61 37.85
CA LEU B 621 -34.86 -30.59 38.93
C LEU B 621 -33.45 -31.01 39.36
N ARG B 622 -33.15 -30.95 40.67
CA ARG B 622 -31.80 -31.08 41.23
C ARG B 622 -31.82 -31.89 42.52
N GLU B 623 -30.93 -32.87 42.65
CA GLU B 623 -30.89 -33.75 43.82
C GLU B 623 -30.25 -33.08 45.05
N ASP B 624 -30.69 -33.47 46.25
CA ASP B 624 -30.16 -32.96 47.53
C ASP B 624 -30.43 -33.93 48.68
N ALA C 1 32.08 36.89 -59.69
CA ALA C 1 32.23 35.47 -59.32
C ALA C 1 30.93 34.69 -59.51
N SER C 2 30.95 33.37 -59.36
CA SER C 2 29.78 32.48 -59.48
C SER C 2 28.71 32.72 -58.39
N GLY C 3 27.46 32.33 -58.70
CA GLY C 3 26.28 32.55 -57.86
C GLY C 3 26.11 31.68 -56.61
N PRO C 4 26.33 30.33 -56.65
CA PRO C 4 25.91 29.45 -55.56
C PRO C 4 26.78 29.58 -54.29
N LYS C 5 26.13 29.83 -53.16
CA LYS C 5 26.75 29.94 -51.83
C LYS C 5 27.04 28.56 -51.24
N SER C 6 28.12 28.43 -50.48
CA SER C 6 28.53 27.18 -49.84
C SER C 6 27.57 26.73 -48.72
N VAL C 7 27.26 25.43 -48.68
CA VAL C 7 26.39 24.80 -47.65
C VAL C 7 26.97 23.53 -47.02
N ASP C 8 28.15 23.08 -47.45
CA ASP C 8 28.85 21.92 -46.91
C ASP C 8 30.36 22.04 -47.15
N PHE C 9 31.14 21.11 -46.57
CA PHE C 9 32.60 21.07 -46.69
C PHE C 9 33.12 20.19 -47.84
N TYR C 10 32.28 19.75 -48.79
CA TYR C 10 32.67 18.75 -49.82
C TYR C 10 33.08 19.32 -51.18
N GLN C 11 32.46 20.41 -51.64
CA GLN C 11 32.80 21.05 -52.92
C GLN C 11 33.98 22.03 -52.77
N PHE C 12 34.82 22.19 -53.80
CA PHE C 12 35.85 23.24 -53.80
C PHE C 12 35.22 24.64 -53.86
N ARG C 13 35.82 25.62 -53.16
CA ARG C 13 35.26 26.96 -52.96
C ARG C 13 36.31 28.05 -52.73
N VAL C 14 35.94 29.29 -53.02
CA VAL C 14 36.75 30.52 -52.82
C VAL C 14 36.05 31.41 -51.78
N CYS C 15 36.75 31.77 -50.70
CA CYS C 15 36.20 32.60 -49.63
C CYS C 15 37.01 33.89 -49.46
N SER C 16 36.37 35.01 -49.13
CA SER C 16 37.05 36.25 -48.75
C SER C 16 36.10 37.21 -48.03
N ALA C 17 36.57 37.84 -46.95
CA ALA C 17 35.89 38.97 -46.29
C ALA C 17 36.12 40.28 -47.06
N SER C 18 35.82 40.26 -48.36
CA SER C 18 36.07 41.33 -49.33
C SER C 18 34.86 42.27 -49.56
N ILE C 19 33.80 42.14 -48.76
CA ILE C 19 32.54 42.88 -48.90
C ILE C 19 31.96 43.27 -47.53
N THR C 20 31.13 44.31 -47.47
CA THR C 20 30.50 44.81 -46.25
C THR C 20 29.31 43.93 -45.81
N GLY C 21 29.61 42.80 -45.15
CA GLY C 21 28.62 41.87 -44.59
C GLY C 21 27.97 42.34 -43.28
N GLU C 22 27.30 41.42 -42.59
CA GLU C 22 26.66 41.66 -41.28
C GLU C 22 27.68 41.71 -40.13
N LEU C 23 27.40 42.50 -39.09
CA LEU C 23 28.28 42.69 -37.92
C LEU C 23 27.81 41.89 -36.70
N PHE C 24 28.75 41.28 -35.98
CA PHE C 24 28.51 40.53 -34.75
C PHE C 24 29.45 40.98 -33.61
N ARG C 25 29.04 40.73 -32.36
CA ARG C 25 29.77 41.09 -31.13
C ARG C 25 29.69 39.95 -30.11
N PHE C 26 30.76 39.64 -29.40
CA PHE C 26 30.69 38.75 -28.24
C PHE C 26 29.99 39.45 -27.08
N ASN C 27 28.84 38.93 -26.64
CA ASN C 27 28.06 39.50 -25.54
C ASN C 27 28.59 39.03 -24.19
N LEU C 28 29.68 39.64 -23.73
CA LEU C 28 30.28 39.42 -22.41
C LEU C 28 29.39 39.91 -21.27
N GLU C 29 29.83 39.73 -20.02
CA GLU C 29 29.12 40.20 -18.82
C GLU C 29 27.72 39.58 -18.61
N GLN C 30 27.57 38.32 -19.01
CA GLN C 30 26.41 37.48 -18.69
C GLN C 30 26.39 37.07 -17.21
N THR C 31 25.27 36.54 -16.74
CA THR C 31 25.16 35.87 -15.43
C THR C 31 24.13 34.75 -15.49
N CYS C 32 24.29 33.73 -14.66
CA CYS C 32 23.23 32.77 -14.39
C CYS C 32 22.19 33.34 -13.40
N PRO C 33 20.94 32.85 -13.41
CA PRO C 33 19.94 33.22 -12.40
C PRO C 33 20.37 32.91 -10.96
N ASP C 34 19.80 33.62 -10.00
CA ASP C 34 19.99 33.41 -8.56
C ASP C 34 19.10 32.27 -7.99
N THR C 35 19.39 31.85 -6.75
CA THR C 35 18.65 30.80 -6.04
C THR C 35 17.24 31.26 -5.64
N LYS C 36 16.22 30.46 -5.97
CA LYS C 36 14.81 30.71 -5.63
C LYS C 36 14.53 30.70 -4.12
N ASP C 37 13.42 31.30 -3.72
CA ASP C 37 12.89 31.26 -2.34
C ASP C 37 11.58 30.43 -2.28
N LYS C 38 11.41 29.61 -1.24
CA LYS C 38 10.31 28.63 -1.09
C LYS C 38 9.73 28.68 0.34
N TYR C 39 8.41 28.63 0.47
CA TYR C 39 7.68 28.90 1.72
C TYR C 39 6.48 27.95 1.95
N HIS C 40 6.13 27.72 3.20
CA HIS C 40 5.10 26.80 3.68
C HIS C 40 4.48 27.29 5.00
N GLN C 41 3.27 26.84 5.35
CA GLN C 41 2.58 27.22 6.58
C GLN C 41 2.42 26.06 7.56
N GLU C 42 2.85 26.24 8.81
CA GLU C 42 2.63 25.27 9.89
C GLU C 42 1.27 25.47 10.58
N GLY C 43 0.75 24.41 11.20
CA GLY C 43 -0.46 24.48 12.01
C GLY C 43 -0.74 23.19 12.78
N ILE C 44 -1.72 23.24 13.68
CA ILE C 44 -2.23 22.07 14.42
C ILE C 44 -3.26 21.35 13.56
N LEU C 45 -3.16 20.03 13.44
CA LEU C 45 -4.12 19.18 12.72
C LEU C 45 -4.75 18.16 13.67
N LEU C 46 -6.08 18.10 13.74
CA LEU C 46 -6.83 17.03 14.44
C LEU C 46 -7.59 16.18 13.41
N VAL C 47 -7.58 14.84 13.52
CA VAL C 47 -8.21 13.93 12.56
C VAL C 47 -9.35 13.12 13.19
N TYR C 48 -10.55 13.15 12.61
CA TYR C 48 -11.76 12.48 13.11
C TYR C 48 -12.20 11.29 12.24
N LYS C 49 -12.43 10.13 12.86
CA LYS C 49 -13.05 8.91 12.28
C LYS C 49 -14.56 8.93 12.50
N LYS C 50 -15.39 8.34 11.63
CA LYS C 50 -16.81 8.07 11.97
C LYS C 50 -16.94 6.95 12.99
N ASN C 51 -17.80 7.11 13.99
CA ASN C 51 -17.94 6.13 15.07
C ASN C 51 -18.63 4.84 14.59
N ILE C 52 -18.34 3.72 15.25
CA ILE C 52 -18.72 2.37 14.80
C ILE C 52 -19.32 1.50 15.91
N VAL C 53 -19.04 1.75 17.19
CA VAL C 53 -19.56 0.95 18.31
C VAL C 53 -21.05 1.22 18.56
N PRO C 54 -21.83 0.25 19.08
CA PRO C 54 -23.21 0.46 19.49
C PRO C 54 -23.31 1.33 20.75
N HIS C 55 -24.50 1.89 21.02
CA HIS C 55 -24.81 2.51 22.31
C HIS C 55 -24.95 1.42 23.38
N ILE C 56 -24.52 1.68 24.62
CA ILE C 56 -24.50 0.70 25.73
C ILE C 56 -25.08 1.33 26.99
N PHE C 57 -26.01 0.67 27.66
CA PHE C 57 -26.68 1.18 28.87
C PHE C 57 -27.13 0.06 29.80
N LYS C 58 -27.35 0.37 31.08
CA LYS C 58 -27.85 -0.59 32.08
C LYS C 58 -29.37 -0.70 32.07
N VAL C 59 -29.90 -1.89 32.35
CA VAL C 59 -31.35 -2.18 32.46
C VAL C 59 -31.64 -3.05 33.68
N ARG C 60 -32.91 -3.12 34.11
CA ARG C 60 -33.44 -4.16 35.01
C ARG C 60 -34.57 -4.94 34.38
N ARG C 61 -34.65 -6.24 34.64
CA ARG C 61 -35.77 -7.11 34.23
C ARG C 61 -36.45 -7.74 35.45
N TYR C 62 -37.76 -7.61 35.55
CA TYR C 62 -38.59 -8.17 36.63
C TYR C 62 -39.50 -9.28 36.08
N ARG C 63 -39.57 -10.44 36.74
CA ARG C 63 -40.49 -11.53 36.37
C ARG C 63 -41.14 -12.18 37.58
N LYS C 64 -42.31 -12.77 37.38
CA LYS C 64 -42.85 -13.83 38.25
C LYS C 64 -43.00 -15.12 37.47
N ILE C 65 -42.57 -16.24 38.03
CA ILE C 65 -42.62 -17.55 37.37
C ILE C 65 -43.57 -18.45 38.15
N ALA C 66 -44.59 -19.02 37.50
CA ALA C 66 -45.40 -20.10 38.08
C ALA C 66 -44.96 -21.43 37.48
N THR C 67 -44.77 -22.46 38.31
CA THR C 67 -44.41 -23.82 37.88
C THR C 67 -45.43 -24.82 38.39
N SER C 68 -45.74 -25.87 37.61
CA SER C 68 -46.61 -26.97 38.04
C SER C 68 -46.00 -28.33 37.66
N VAL C 69 -45.84 -29.21 38.65
CA VAL C 69 -45.28 -30.58 38.52
C VAL C 69 -46.40 -31.59 38.74
N THR C 70 -46.48 -32.65 37.92
CA THR C 70 -47.41 -33.76 38.17
C THR C 70 -46.64 -34.98 38.67
N VAL C 71 -47.02 -35.52 39.83
CA VAL C 71 -46.37 -36.67 40.49
C VAL C 71 -47.36 -37.77 40.79
N TYR C 72 -46.90 -39.02 40.73
CA TYR C 72 -47.79 -40.15 40.97
C TYR C 72 -47.32 -40.99 42.14
N ARG C 73 -48.07 -40.99 43.24
CA ARG C 73 -47.64 -41.72 44.43
C ARG C 73 -47.43 -43.19 44.14
N GLY C 74 -48.40 -43.81 43.48
CA GLY C 74 -48.23 -45.21 43.11
C GLY C 74 -48.06 -46.16 44.27
N LEU C 75 -47.36 -47.26 44.04
CA LEU C 75 -47.18 -48.27 45.09
C LEU C 75 -45.78 -48.82 44.98
N THR C 76 -45.04 -48.78 46.08
CA THR C 76 -43.65 -49.25 46.06
C THR C 76 -42.84 -48.61 44.94
N GLU C 77 -43.29 -47.46 44.45
CA GLU C 77 -42.62 -46.79 43.35
C GLU C 77 -43.33 -45.50 43.02
N SER C 78 -42.59 -44.51 42.54
CA SER C 78 -43.21 -43.22 42.15
C SER C 78 -42.37 -42.46 41.12
N ALA C 79 -42.99 -41.59 40.32
CA ALA C 79 -42.34 -40.85 39.23
C ALA C 79 -43.00 -39.50 38.92
N ILE C 80 -42.22 -38.55 38.41
CA ILE C 80 -42.71 -37.31 37.79
C ILE C 80 -43.22 -37.62 36.37
N THR C 81 -44.45 -37.21 36.05
CA THR C 81 -45.07 -37.42 34.72
C THR C 81 -45.01 -36.17 33.83
N ASN C 82 -44.93 -34.96 34.40
CA ASN C 82 -44.84 -33.71 33.65
C ASN C 82 -44.29 -32.57 34.54
N LYS C 83 -43.73 -31.51 33.94
CA LYS C 83 -43.35 -30.25 34.60
C LYS C 83 -43.50 -29.07 33.62
N TYR C 84 -44.38 -28.14 33.95
CA TYR C 84 -44.74 -26.98 33.11
C TYR C 84 -44.37 -25.66 33.78
N GLU C 85 -43.93 -24.66 33.00
CA GLU C 85 -43.46 -23.36 33.48
C GLU C 85 -44.14 -22.19 32.76
N LEU C 86 -44.58 -21.17 33.48
CA LEU C 86 -45.31 -20.00 32.98
C LEU C 86 -44.75 -18.69 33.55
N PRO C 87 -43.89 -17.96 32.83
CA PRO C 87 -43.44 -16.62 33.21
C PRO C 87 -44.52 -15.55 32.96
N ARG C 88 -44.56 -14.49 33.78
CA ARG C 88 -45.48 -13.34 33.69
C ARG C 88 -44.79 -12.02 34.10
N PRO C 89 -45.27 -10.85 33.65
CA PRO C 89 -44.78 -9.55 34.10
C PRO C 89 -45.17 -9.23 35.55
N VAL C 90 -44.63 -8.13 36.09
CA VAL C 90 -44.89 -7.64 37.45
C VAL C 90 -45.50 -6.22 37.40
N PRO C 91 -46.61 -5.94 38.10
CA PRO C 91 -47.29 -4.64 38.09
C PRO C 91 -46.63 -3.59 39.00
N LEU C 92 -46.87 -2.31 38.77
CA LEU C 92 -46.22 -1.21 39.52
C LEU C 92 -46.53 -1.20 41.02
N TYR C 93 -47.69 -1.70 41.46
CA TYR C 93 -47.91 -1.76 42.90
C TYR C 93 -46.88 -2.63 43.58
N GLU C 94 -46.31 -3.59 42.86
CA GLU C 94 -45.28 -4.47 43.44
C GLU C 94 -43.85 -4.06 43.11
N ILE C 95 -43.62 -3.52 41.92
CA ILE C 95 -42.28 -3.09 41.55
C ILE C 95 -41.82 -2.05 42.55
N SER C 96 -42.76 -1.37 43.19
CA SER C 96 -42.40 -0.39 44.19
C SER C 96 -41.55 -1.04 45.25
N HIS C 97 -42.14 -1.96 46.00
CA HIS C 97 -41.40 -2.63 47.05
C HIS C 97 -40.28 -3.50 46.50
N MET C 98 -40.48 -4.12 45.35
CA MET C 98 -39.47 -5.04 44.83
C MET C 98 -38.14 -4.38 44.46
N ASP C 99 -38.09 -3.10 44.08
CA ASP C 99 -36.84 -2.36 43.83
C ASP C 99 -36.43 -1.41 44.97
N SER C 100 -37.31 -1.17 45.94
CA SER C 100 -37.08 -0.34 47.13
C SER C 100 -36.49 -1.13 48.29
N THR C 101 -37.06 -2.30 48.59
CA THR C 101 -36.85 -3.05 49.83
C THR C 101 -36.69 -4.56 49.59
N TYR C 102 -36.63 -5.00 48.32
CA TYR C 102 -36.42 -6.39 47.91
C TYR C 102 -37.46 -7.39 48.50
N GLN C 103 -38.74 -7.02 48.45
CA GLN C 103 -39.87 -7.86 48.86
C GLN C 103 -40.91 -8.06 47.73
N CYS C 104 -41.64 -9.19 47.76
CA CYS C 104 -42.70 -9.53 46.81
C CYS C 104 -43.77 -10.45 47.44
N PHE C 105 -44.96 -10.59 46.84
CA PHE C 105 -46.16 -11.16 47.48
C PHE C 105 -46.38 -12.69 47.35
N SER C 106 -45.38 -13.52 47.00
CA SER C 106 -45.47 -15.00 47.08
C SER C 106 -46.66 -15.69 46.36
N SER C 107 -47.35 -14.99 45.47
CA SER C 107 -48.57 -15.44 44.77
C SER C 107 -48.84 -14.56 43.55
N MET C 108 -49.67 -15.02 42.62
CA MET C 108 -49.98 -14.28 41.39
C MET C 108 -51.35 -14.64 40.82
N LYS C 109 -51.91 -13.70 40.07
CA LYS C 109 -53.22 -13.78 39.42
C LYS C 109 -53.08 -13.48 37.94
N VAL C 110 -53.68 -14.30 37.09
CA VAL C 110 -53.47 -14.31 35.63
C VAL C 110 -54.81 -14.32 34.91
N ASN C 111 -55.19 -13.21 34.31
CA ASN C 111 -56.39 -13.14 33.47
C ASN C 111 -56.11 -13.81 32.11
N VAL C 112 -56.96 -14.75 31.69
CA VAL C 112 -56.92 -15.34 30.35
C VAL C 112 -58.34 -15.46 29.78
N ASN C 113 -58.56 -14.98 28.56
CA ASN C 113 -59.88 -14.91 27.90
C ASN C 113 -61.03 -14.37 28.79
N GLY C 114 -60.73 -13.48 29.75
CA GLY C 114 -61.72 -12.88 30.65
C GLY C 114 -62.01 -13.63 31.97
N VAL C 115 -61.28 -14.70 32.30
CA VAL C 115 -61.38 -15.40 33.59
C VAL C 115 -60.04 -15.42 34.34
N GLU C 116 -60.07 -15.35 35.67
CA GLU C 116 -58.89 -15.17 36.52
C GLU C 116 -58.34 -16.51 37.06
N ASN C 117 -57.15 -16.94 36.62
CA ASN C 117 -56.39 -18.04 37.21
C ASN C 117 -55.55 -17.55 38.41
N THR C 118 -55.27 -18.40 39.40
CA THR C 118 -54.41 -18.07 40.55
C THR C 118 -53.37 -19.15 40.85
N PHE C 119 -52.15 -18.74 41.17
CA PHE C 119 -51.06 -19.64 41.58
C PHE C 119 -50.45 -19.16 42.91
N THR C 120 -50.24 -20.06 43.85
CA THR C 120 -49.71 -19.76 45.20
C THR C 120 -48.62 -20.76 45.58
N ASP C 121 -47.51 -20.31 46.18
CA ASP C 121 -46.39 -21.19 46.50
C ASP C 121 -46.81 -22.26 47.52
N ARG C 122 -46.65 -23.54 47.17
CA ARG C 122 -46.93 -24.71 48.04
C ARG C 122 -48.36 -24.75 48.60
N ASP C 123 -49.31 -24.13 47.90
CA ASP C 123 -50.71 -23.97 48.31
C ASP C 123 -50.90 -23.24 49.67
N ASP C 124 -49.89 -22.49 50.12
CA ASP C 124 -49.92 -21.70 51.36
C ASP C 124 -50.50 -20.27 51.14
N VAL C 125 -50.71 -19.51 52.20
CA VAL C 125 -51.39 -18.20 52.19
C VAL C 125 -50.56 -17.09 51.50
N ASN C 126 -51.23 -16.15 50.83
CA ASN C 126 -50.63 -14.93 50.26
C ASN C 126 -49.89 -14.10 51.33
N THR C 127 -48.56 -14.05 51.26
CA THR C 127 -47.67 -13.44 52.28
C THR C 127 -46.45 -12.77 51.62
N THR C 128 -45.87 -11.74 52.26
CA THR C 128 -44.65 -11.08 51.76
C THR C 128 -43.37 -11.87 52.09
N VAL C 129 -42.43 -11.91 51.15
CA VAL C 129 -41.15 -12.64 51.27
C VAL C 129 -39.98 -11.85 50.67
N PHE C 130 -38.74 -12.17 51.07
CA PHE C 130 -37.53 -11.43 50.72
C PHE C 130 -36.74 -12.09 49.58
N LEU C 131 -36.29 -11.31 48.59
CA LEU C 131 -35.37 -11.77 47.55
C LEU C 131 -33.93 -11.88 48.10
N GLN C 132 -33.14 -12.83 47.60
CA GLN C 132 -31.72 -13.03 47.96
C GLN C 132 -30.85 -13.34 46.71
N PRO C 133 -29.55 -13.01 46.69
CA PRO C 133 -28.66 -13.27 45.55
C PRO C 133 -28.48 -14.76 45.20
N VAL C 134 -28.05 -15.02 43.97
CA VAL C 134 -27.48 -16.32 43.54
C VAL C 134 -26.20 -16.11 42.73
N GLU C 135 -25.32 -17.12 42.69
CA GLU C 135 -24.04 -17.04 41.97
C GLU C 135 -24.22 -16.92 40.45
N GLY C 136 -23.23 -16.34 39.77
CA GLY C 136 -23.25 -16.12 38.32
C GLY C 136 -21.94 -16.47 37.65
N LEU C 137 -21.99 -16.83 36.36
CA LEU C 137 -20.81 -17.14 35.56
C LEU C 137 -20.10 -15.90 35.02
N THR C 138 -20.87 -14.93 34.54
CA THR C 138 -20.38 -13.75 33.81
C THR C 138 -20.52 -12.51 34.70
N ASP C 139 -19.43 -11.77 34.90
CA ASP C 139 -19.33 -10.80 36.00
C ASP C 139 -20.23 -9.55 35.83
N ASN C 140 -20.69 -9.26 34.61
CA ASN C 140 -21.58 -8.14 34.31
C ASN C 140 -23.07 -8.41 34.61
N ILE C 141 -23.46 -9.65 34.95
CA ILE C 141 -24.85 -10.06 35.22
C ILE C 141 -25.03 -10.41 36.70
N GLN C 142 -26.03 -9.84 37.36
CA GLN C 142 -26.43 -10.19 38.74
C GLN C 142 -27.88 -10.65 38.76
N ARG C 143 -28.21 -11.66 39.57
CA ARG C 143 -29.52 -12.31 39.63
C ARG C 143 -29.97 -12.55 41.07
N TYR C 144 -31.25 -12.31 41.36
CA TYR C 144 -31.82 -12.44 42.69
C TYR C 144 -33.09 -13.30 42.65
N PHE C 145 -33.30 -14.20 43.61
CA PHE C 145 -34.44 -15.13 43.65
C PHE C 145 -35.17 -15.12 44.99
N SER C 146 -36.48 -15.36 44.96
CA SER C 146 -37.32 -15.50 46.16
C SER C 146 -37.51 -16.94 46.67
N GLN C 147 -37.25 -17.98 45.86
CA GLN C 147 -37.47 -19.40 46.21
C GLN C 147 -36.63 -20.34 45.32
N PRO C 148 -35.44 -20.79 45.75
CA PRO C 148 -34.56 -21.61 44.90
C PRO C 148 -35.03 -23.03 44.58
N VAL C 149 -35.95 -23.62 45.37
CA VAL C 149 -36.27 -25.06 45.33
C VAL C 149 -37.67 -25.35 44.76
N ILE C 150 -37.74 -26.18 43.71
CA ILE C 150 -38.99 -26.68 43.10
C ILE C 150 -39.58 -27.82 43.94
N TYR C 151 -40.91 -27.86 44.06
CA TYR C 151 -41.63 -28.75 44.99
C TYR C 151 -42.19 -29.99 44.26
N ALA C 152 -41.78 -31.19 44.68
CA ALA C 152 -42.14 -32.46 44.03
C ALA C 152 -42.26 -33.63 45.03
N GLU C 153 -42.79 -33.38 46.23
CA GLU C 153 -43.12 -34.42 47.22
C GLU C 153 -44.31 -35.29 46.74
N PRO C 154 -44.21 -36.63 46.70
CA PRO C 154 -45.12 -37.47 45.94
C PRO C 154 -46.55 -37.64 46.51
N GLY C 155 -46.74 -37.57 47.83
CA GLY C 155 -48.06 -37.71 48.47
C GLY C 155 -48.38 -39.12 49.01
N TRP C 156 -49.44 -39.23 49.81
CA TRP C 156 -49.57 -40.29 50.83
C TRP C 156 -50.45 -41.51 50.48
N PHE C 157 -51.36 -41.42 49.52
CA PHE C 157 -52.34 -42.48 49.22
C PHE C 157 -51.99 -43.21 47.91
N PRO C 158 -51.77 -44.54 47.89
CA PRO C 158 -51.36 -45.28 46.69
C PRO C 158 -52.27 -45.14 45.46
N GLY C 159 -51.66 -45.21 44.27
CA GLY C 159 -52.36 -45.42 42.99
C GLY C 159 -53.05 -44.23 42.33
N ILE C 160 -52.78 -42.98 42.73
CA ILE C 160 -53.39 -41.78 42.12
C ILE C 160 -52.43 -40.58 42.09
N TYR C 161 -52.66 -39.62 41.18
CA TYR C 161 -51.77 -38.46 40.96
C TYR C 161 -52.00 -37.30 41.94
N ARG C 162 -51.07 -36.34 41.99
CA ARG C 162 -51.29 -35.00 42.56
C ARG C 162 -50.45 -33.94 41.82
N VAL C 163 -50.87 -32.68 41.84
CA VAL C 163 -50.17 -31.55 41.21
C VAL C 163 -49.54 -30.66 42.26
N ARG C 164 -48.24 -30.37 42.13
CA ARG C 164 -47.45 -29.52 43.04
C ARG C 164 -47.06 -28.22 42.34
N THR C 165 -47.25 -27.07 42.97
CA THR C 165 -47.04 -25.76 42.33
C THR C 165 -46.24 -24.77 43.17
N THR C 166 -45.43 -23.94 42.51
CA THR C 166 -44.51 -22.98 43.15
C THR C 166 -44.51 -21.65 42.42
N VAL C 167 -44.18 -20.56 43.13
CA VAL C 167 -44.08 -19.21 42.56
C VAL C 167 -42.72 -18.59 42.92
N ASN C 168 -42.04 -17.98 41.94
CA ASN C 168 -40.78 -17.25 42.13
C ASN C 168 -40.96 -15.78 41.77
N CYS C 169 -40.23 -14.91 42.45
CA CYS C 169 -39.92 -13.55 42.00
C CYS C 169 -38.47 -13.53 41.52
N GLU C 170 -38.17 -12.88 40.41
CA GLU C 170 -36.82 -12.75 39.88
C GLU C 170 -36.53 -11.28 39.54
N ILE C 171 -35.32 -10.81 39.86
CA ILE C 171 -34.73 -9.58 39.32
C ILE C 171 -33.45 -9.96 38.59
N VAL C 172 -33.14 -9.31 37.48
CA VAL C 172 -31.82 -9.36 36.84
C VAL C 172 -31.32 -7.95 36.57
N ASP C 173 -30.06 -7.66 36.90
CA ASP C 173 -29.32 -6.44 36.54
C ASP C 173 -28.30 -6.78 35.44
N MET C 174 -28.30 -6.04 34.33
CA MET C 174 -27.48 -6.38 33.15
C MET C 174 -27.33 -5.21 32.17
N ILE C 175 -26.43 -5.34 31.19
CA ILE C 175 -26.25 -4.43 30.05
C ILE C 175 -27.30 -4.67 28.95
N ALA C 176 -27.63 -3.64 28.17
CA ALA C 176 -28.32 -3.73 26.88
C ALA C 176 -27.64 -2.83 25.83
N ARG C 177 -27.89 -3.04 24.54
CA ARG C 177 -27.20 -2.30 23.45
C ARG C 177 -28.03 -2.10 22.16
N SER C 178 -27.69 -1.10 21.35
CA SER C 178 -28.40 -0.75 20.10
C SER C 178 -27.53 0.03 19.10
N ALA C 179 -27.92 0.08 17.82
CA ALA C 179 -27.10 0.56 16.70
C ALA C 179 -27.78 1.64 15.83
N GLU C 180 -27.11 2.08 14.76
CA GLU C 180 -27.31 3.35 14.02
C GLU C 180 -28.74 3.88 13.77
N PRO C 181 -29.75 3.09 13.35
CA PRO C 181 -31.10 3.63 13.16
C PRO C 181 -31.90 3.80 14.46
N TYR C 182 -31.47 3.18 15.58
CA TYR C 182 -32.09 3.24 16.91
C TYR C 182 -33.56 2.81 17.01
N ASN C 183 -34.03 1.91 16.15
CA ASN C 183 -35.42 1.42 16.16
C ASN C 183 -35.75 0.46 17.33
N TYR C 184 -34.77 -0.27 17.85
CA TYR C 184 -34.93 -1.31 18.87
C TYR C 184 -33.63 -1.54 19.65
N PHE C 185 -33.68 -2.28 20.76
CA PHE C 185 -32.50 -2.68 21.51
C PHE C 185 -32.55 -4.14 21.98
N VAL C 186 -31.36 -4.70 22.24
CA VAL C 186 -31.16 -6.12 22.55
C VAL C 186 -30.41 -6.28 23.88
N THR C 187 -30.98 -7.06 24.78
CA THR C 187 -30.50 -7.25 26.16
C THR C 187 -29.36 -8.29 26.19
N SER C 188 -28.49 -8.29 27.20
CA SER C 188 -27.36 -9.23 27.26
C SER C 188 -27.76 -10.72 27.27
N LEU C 189 -28.91 -11.05 27.84
CA LEU C 189 -29.53 -12.39 27.84
C LEU C 189 -30.35 -12.71 26.57
N GLY C 190 -30.35 -11.84 25.55
CA GLY C 190 -30.99 -12.10 24.25
C GLY C 190 -32.43 -11.57 24.08
N ASP C 191 -33.02 -10.96 25.10
CA ASP C 191 -34.35 -10.32 24.99
C ASP C 191 -34.32 -9.10 24.07
N THR C 192 -35.18 -9.08 23.03
CA THR C 192 -35.33 -7.99 22.05
C THR C 192 -36.59 -7.17 22.33
N VAL C 193 -36.49 -5.85 22.50
CA VAL C 193 -37.54 -5.05 23.18
C VAL C 193 -38.40 -4.18 22.26
N GLU C 194 -38.00 -3.95 21.00
CA GLU C 194 -38.85 -3.28 19.98
C GLU C 194 -39.37 -1.85 20.32
N VAL C 195 -38.65 -1.11 21.16
CA VAL C 195 -38.89 0.31 21.49
C VAL C 195 -37.57 1.09 21.38
N SER C 196 -37.58 2.32 20.88
CA SER C 196 -36.37 3.14 20.78
C SER C 196 -35.87 3.60 22.16
N PRO C 197 -34.57 3.51 22.49
CA PRO C 197 -34.09 3.74 23.86
C PRO C 197 -34.16 5.20 24.32
N PHE C 198 -34.39 6.15 23.40
CA PHE C 198 -34.52 7.60 23.65
C PHE C 198 -35.96 8.11 23.57
N CYS C 199 -36.96 7.22 23.49
CA CYS C 199 -38.31 7.55 23.00
C CYS C 199 -39.04 8.68 23.75
N TYR C 200 -38.74 8.93 25.02
CA TYR C 200 -39.39 10.03 25.75
C TYR C 200 -38.91 11.41 25.27
N ASN C 201 -37.62 11.58 25.03
CA ASN C 201 -37.04 12.83 24.53
C ASN C 201 -37.44 13.13 23.07
N GLU C 202 -37.71 12.11 22.26
CA GLU C 202 -38.34 12.24 20.94
C GLU C 202 -39.87 12.43 21.00
N SER C 203 -40.44 12.66 22.20
CA SER C 203 -41.88 12.82 22.47
C SER C 203 -42.77 11.69 21.92
N SER C 204 -42.25 10.46 21.89
CA SER C 204 -42.95 9.22 21.52
C SER C 204 -43.52 8.44 22.73
N CYS C 205 -43.57 9.07 23.91
CA CYS C 205 -44.07 8.54 25.18
C CYS C 205 -44.80 9.60 26.01
N SER C 206 -45.49 9.16 27.06
CA SER C 206 -46.26 9.98 27.98
C SER C 206 -46.34 9.33 29.37
N THR C 207 -46.74 10.10 30.40
CA THR C 207 -47.03 9.54 31.73
C THR C 207 -48.34 8.73 31.74
N THR C 208 -49.31 9.06 30.89
CA THR C 208 -50.42 8.17 30.52
C THR C 208 -49.88 7.03 29.64
N PRO C 209 -50.17 5.74 29.91
CA PRO C 209 -49.64 4.61 29.15
C PRO C 209 -49.89 4.66 27.64
N SER C 210 -48.84 4.48 26.84
CA SER C 210 -48.94 4.16 25.41
C SER C 210 -49.19 2.66 25.20
N ASN C 211 -49.69 2.30 24.02
CA ASN C 211 -49.97 0.90 23.66
C ASN C 211 -49.55 0.60 22.21
N LYS C 212 -49.13 -0.64 21.95
CA LYS C 212 -48.89 -1.23 20.63
C LYS C 212 -49.35 -2.69 20.64
N ASN C 213 -49.53 -3.34 19.49
CA ASN C 213 -49.74 -4.79 19.50
C ASN C 213 -48.54 -5.50 20.18
N GLY C 214 -48.80 -6.12 21.33
CA GLY C 214 -47.77 -6.79 22.14
C GLY C 214 -46.94 -5.91 23.09
N LEU C 215 -47.24 -4.62 23.28
CA LEU C 215 -46.53 -3.76 24.25
C LEU C 215 -47.45 -2.78 24.99
N SER C 216 -47.03 -2.42 26.19
CA SER C 216 -47.45 -1.24 26.94
C SER C 216 -46.19 -0.47 27.36
N VAL C 217 -46.20 0.87 27.27
CA VAL C 217 -45.02 1.72 27.55
C VAL C 217 -45.43 2.93 28.39
N GLN C 218 -44.67 3.26 29.43
CA GLN C 218 -44.97 4.36 30.34
C GLN C 218 -43.69 4.99 30.87
N VAL C 219 -43.72 6.29 31.22
CA VAL C 219 -42.63 6.95 31.96
C VAL C 219 -43.08 7.25 33.39
N VAL C 220 -42.26 6.90 34.38
CA VAL C 220 -42.49 7.17 35.80
C VAL C 220 -41.50 8.25 36.24
N LEU C 221 -42.01 9.33 36.82
CA LEU C 221 -41.23 10.50 37.23
C LEU C 221 -40.77 10.42 38.69
N ASN C 222 -39.56 10.90 38.98
CA ASN C 222 -38.92 10.84 40.30
C ASN C 222 -38.92 9.43 40.93
N HIS C 223 -38.63 8.39 40.15
CA HIS C 223 -38.46 7.02 40.66
C HIS C 223 -37.11 6.84 41.38
N THR C 224 -37.01 5.93 42.34
CA THR C 224 -35.80 5.66 43.13
C THR C 224 -35.53 4.16 43.27
N VAL C 225 -34.26 3.74 43.17
CA VAL C 225 -33.85 2.32 43.20
C VAL C 225 -32.68 2.14 44.17
N VAL C 226 -32.71 1.12 45.03
CA VAL C 226 -31.72 0.93 46.11
C VAL C 226 -30.76 -0.21 45.81
N THR C 227 -29.45 0.02 45.85
CA THR C 227 -28.41 -1.00 45.65
C THR C 227 -28.41 -2.05 46.77
N TYR C 228 -28.04 -3.31 46.50
CA TYR C 228 -28.19 -4.41 47.49
C TYR C 228 -27.28 -4.33 48.72
N SER C 229 -26.37 -3.35 48.79
CA SER C 229 -25.79 -2.89 50.06
C SER C 229 -26.86 -2.40 51.06
N ASP C 230 -28.08 -2.14 50.59
CA ASP C 230 -29.34 -2.03 51.35
C ASP C 230 -29.24 -1.09 52.55
N ARG C 231 -28.93 0.16 52.25
CA ARG C 231 -28.52 1.21 53.21
C ARG C 231 -29.33 2.51 53.03
N GLY C 232 -29.64 3.16 54.14
CA GLY C 232 -30.62 4.25 54.21
C GLY C 232 -30.24 5.57 53.50
N THR C 233 -28.97 5.74 53.13
CA THR C 233 -28.48 6.85 52.30
C THR C 233 -28.85 6.63 50.82
N SER C 234 -30.14 6.67 50.51
CA SER C 234 -30.71 6.25 49.22
C SER C 234 -30.23 7.11 48.04
N PRO C 235 -29.95 6.50 46.86
CA PRO C 235 -29.59 7.23 45.65
C PRO C 235 -30.63 8.27 45.20
N THR C 236 -30.17 9.28 44.46
CA THR C 236 -31.00 10.39 43.94
C THR C 236 -32.13 9.92 43.00
N PRO C 237 -33.31 10.54 43.03
CA PRO C 237 -34.39 10.27 42.07
C PRO C 237 -34.00 10.39 40.59
N GLN C 238 -34.72 9.68 39.73
CA GLN C 238 -34.55 9.62 38.27
C GLN C 238 -35.92 9.68 37.56
N ASN C 239 -35.94 9.90 36.25
CA ASN C 239 -37.10 9.54 35.43
C ASN C 239 -36.80 8.21 34.73
N ARG C 240 -37.67 7.20 34.88
CA ARG C 240 -37.44 5.83 34.38
C ARG C 240 -38.55 5.38 33.44
N ILE C 241 -38.17 4.73 32.35
CA ILE C 241 -39.10 4.17 31.38
C ILE C 241 -39.46 2.73 31.79
N PHE C 242 -40.70 2.30 31.59
CA PHE C 242 -41.15 0.92 31.84
C PHE C 242 -41.82 0.33 30.61
N VAL C 243 -41.38 -0.85 30.20
CA VAL C 243 -41.96 -1.66 29.12
C VAL C 243 -42.54 -2.95 29.70
N GLU C 244 -43.78 -3.28 29.35
CA GLU C 244 -44.48 -4.47 29.83
C GLU C 244 -44.87 -5.37 28.64
N THR C 245 -43.90 -6.12 28.13
CA THR C 245 -44.08 -7.16 27.09
C THR C 245 -44.83 -8.36 27.68
N GLY C 246 -45.26 -9.32 26.86
CA GLY C 246 -45.57 -10.66 27.39
C GLY C 246 -44.33 -11.27 28.08
N ALA C 247 -44.54 -12.03 29.16
CA ALA C 247 -43.50 -12.73 29.91
C ALA C 247 -42.46 -11.91 30.74
N TYR C 248 -42.39 -10.57 30.71
CA TYR C 248 -41.55 -9.79 31.65
C TYR C 248 -41.88 -8.29 31.71
N THR C 249 -41.42 -7.59 32.76
CA THR C 249 -41.34 -6.11 32.81
C THR C 249 -39.88 -5.68 32.69
N LEU C 250 -39.56 -4.61 31.99
CA LEU C 250 -38.18 -4.12 31.80
C LEU C 250 -38.08 -2.61 31.96
N SER C 251 -36.97 -2.09 32.52
CA SER C 251 -36.83 -0.66 32.81
C SER C 251 -35.41 -0.11 32.58
N TRP C 252 -35.31 1.15 32.15
CA TRP C 252 -34.06 1.91 32.01
C TRP C 252 -34.26 3.41 32.29
N ALA C 253 -33.20 4.12 32.67
CA ALA C 253 -33.23 5.55 32.98
C ALA C 253 -33.24 6.42 31.73
N SER C 254 -34.07 7.46 31.69
CA SER C 254 -34.26 8.31 30.52
C SER C 254 -33.03 9.19 30.21
N GLU C 255 -32.72 9.38 28.94
CA GLU C 255 -31.57 10.18 28.46
C GLU C 255 -31.85 10.78 27.07
N SER C 256 -31.22 11.91 26.74
CA SER C 256 -31.40 12.62 25.45
C SER C 256 -30.48 12.11 24.35
N LYS C 257 -30.95 12.04 23.10
CA LYS C 257 -30.15 11.46 22.00
C LYS C 257 -28.86 12.23 21.75
N THR C 258 -28.94 13.56 21.75
CA THR C 258 -27.80 14.47 21.47
C THR C 258 -26.77 14.54 22.59
N THR C 259 -27.09 14.15 23.83
CA THR C 259 -26.07 13.92 24.88
C THR C 259 -25.56 12.48 24.91
N ALA C 260 -26.37 11.50 24.51
CA ALA C 260 -26.00 10.09 24.51
C ALA C 260 -24.95 9.71 23.47
N VAL C 261 -25.13 10.13 22.22
CA VAL C 261 -24.31 9.70 21.07
C VAL C 261 -23.98 10.84 20.12
N CYS C 262 -22.76 10.84 19.57
CA CYS C 262 -22.31 11.76 18.52
C CYS C 262 -21.65 10.97 17.39
N PRO C 263 -21.86 11.28 16.09
CA PRO C 263 -21.47 10.39 14.99
C PRO C 263 -19.96 10.23 14.73
N LEU C 264 -19.08 11.07 15.29
CA LEU C 264 -17.63 11.09 15.03
C LEU C 264 -16.81 10.92 16.31
N ALA C 265 -15.59 10.37 16.20
CA ALA C 265 -14.64 10.20 17.29
C ALA C 265 -13.23 10.63 16.89
N LEU C 266 -12.47 11.23 17.81
CA LEU C 266 -11.11 11.69 17.56
C LEU C 266 -10.16 10.51 17.35
N TRP C 267 -9.40 10.47 16.24
CA TRP C 267 -8.42 9.43 16.00
C TRP C 267 -7.03 9.82 16.53
N LYS C 268 -6.44 10.91 16.00
CA LYS C 268 -5.08 11.41 16.33
C LYS C 268 -4.99 12.93 16.23
N THR C 269 -3.99 13.51 16.88
CA THR C 269 -3.70 14.95 16.84
C THR C 269 -2.21 15.21 16.61
N PHE C 270 -1.87 16.13 15.71
CA PHE C 270 -0.50 16.47 15.36
C PHE C 270 -0.23 17.94 15.64
N PRO C 271 0.62 18.32 16.61
CA PRO C 271 0.84 19.71 16.98
C PRO C 271 1.77 20.45 16.00
N ARG C 272 2.57 19.73 15.20
CA ARG C 272 3.29 20.28 14.05
C ARG C 272 2.96 19.49 12.79
N SER C 273 2.36 20.17 11.83
CA SER C 273 2.01 19.67 10.50
C SER C 273 2.02 20.84 9.53
N ILE C 274 2.08 20.57 8.22
CA ILE C 274 2.31 21.58 7.18
C ILE C 274 1.23 21.47 6.10
N GLN C 275 0.71 22.60 5.61
CA GLN C 275 -0.23 22.66 4.49
C GLN C 275 0.47 23.10 3.20
N THR C 276 0.29 22.37 2.09
CA THR C 276 0.75 22.80 0.75
C THR C 276 -0.40 22.81 -0.24
N THR C 277 -0.40 23.78 -1.17
CA THR C 277 -1.49 24.00 -2.13
C THR C 277 -1.10 23.50 -3.50
N HIS C 278 -1.92 22.67 -4.11
CA HIS C 278 -1.71 22.14 -5.46
C HIS C 278 -2.85 22.60 -6.39
N GLU C 279 -2.88 22.14 -7.64
CA GLU C 279 -3.75 22.68 -8.69
C GLU C 279 -5.26 22.53 -8.40
N ASP C 280 -5.65 21.53 -7.60
CA ASP C 280 -7.04 21.12 -7.37
C ASP C 280 -7.37 20.74 -5.91
N SER C 281 -6.41 20.85 -4.98
CA SER C 281 -6.48 20.27 -3.63
C SER C 281 -5.44 20.84 -2.67
N PHE C 282 -5.61 20.62 -1.36
CA PHE C 282 -4.62 20.87 -0.30
C PHE C 282 -4.08 19.56 0.25
N HIS C 283 -2.80 19.51 0.63
CA HIS C 283 -2.17 18.35 1.28
C HIS C 283 -1.71 18.69 2.70
N PHE C 284 -2.10 17.89 3.69
CA PHE C 284 -1.73 18.05 5.11
C PHE C 284 -0.85 16.88 5.58
N VAL C 285 0.30 17.15 6.19
CA VAL C 285 1.37 16.15 6.44
C VAL C 285 1.44 15.71 7.90
N ALA C 286 1.53 14.40 8.18
CA ALA C 286 1.70 13.84 9.51
C ALA C 286 2.93 12.89 9.57
N ASN C 287 4.05 13.39 10.09
CA ASN C 287 5.34 12.69 10.06
C ASN C 287 5.41 11.45 10.97
N GLU C 288 4.86 11.51 12.19
CA GLU C 288 4.87 10.40 13.14
C GLU C 288 4.14 9.15 12.62
N ILE C 289 3.13 9.31 11.77
CA ILE C 289 2.44 8.20 11.08
C ILE C 289 3.10 7.80 9.76
N THR C 290 3.97 8.64 9.18
CA THR C 290 4.40 8.53 7.77
C THR C 290 3.20 8.53 6.83
N ALA C 291 2.37 9.58 6.86
CA ALA C 291 1.17 9.72 6.03
C ALA C 291 0.83 11.18 5.68
N THR C 292 0.12 11.42 4.58
CA THR C 292 -0.47 12.74 4.26
C THR C 292 -1.94 12.61 3.87
N PHE C 293 -2.78 13.52 4.34
CA PHE C 293 -4.21 13.55 4.07
C PHE C 293 -4.53 14.69 3.11
N THR C 294 -5.28 14.45 2.04
CA THR C 294 -5.66 15.50 1.07
C THR C 294 -7.12 15.95 1.25
N ALA C 295 -7.48 17.11 0.71
CA ALA C 295 -8.85 17.59 0.73
C ALA C 295 -9.15 18.56 -0.44
N PRO C 296 -10.42 18.72 -0.85
CA PRO C 296 -10.85 19.74 -1.80
C PRO C 296 -10.51 21.16 -1.35
N LEU C 297 -10.46 22.11 -2.28
CA LEU C 297 -10.06 23.51 -2.00
C LEU C 297 -11.08 24.31 -1.18
N THR C 298 -12.31 23.82 -1.01
CA THR C 298 -13.39 24.51 -0.26
C THR C 298 -13.65 23.86 1.10
N PRO C 299 -13.56 24.58 2.23
CA PRO C 299 -13.86 24.04 3.55
C PRO C 299 -15.36 23.76 3.72
N VAL C 300 -15.75 22.80 4.56
CA VAL C 300 -17.17 22.45 4.76
C VAL C 300 -17.90 23.47 5.63
N ALA C 301 -19.03 23.96 5.14
CA ALA C 301 -19.89 24.89 5.88
C ALA C 301 -20.75 24.17 6.94
N ASN C 302 -21.18 24.91 7.97
CA ASN C 302 -22.12 24.46 9.00
C ASN C 302 -21.62 23.32 9.93
N PHE C 303 -20.31 23.05 10.03
CA PHE C 303 -19.75 22.06 10.97
C PHE C 303 -19.85 22.49 12.46
N THR C 304 -20.36 23.69 12.75
CA THR C 304 -20.77 24.06 14.12
C THR C 304 -22.25 23.71 14.42
N ASP C 305 -23.11 23.55 13.41
CA ASP C 305 -24.52 23.17 13.54
C ASP C 305 -24.79 21.68 13.29
N THR C 306 -24.32 21.15 12.17
CA THR C 306 -24.18 19.69 12.00
C THR C 306 -22.93 19.23 12.78
N TYR C 307 -22.98 18.12 13.50
CA TYR C 307 -21.91 17.72 14.43
C TYR C 307 -21.63 18.74 15.57
N SER C 308 -22.63 19.53 15.97
CA SER C 308 -22.52 20.48 17.10
C SER C 308 -22.11 19.80 18.42
N CYS C 309 -22.40 18.50 18.57
CA CYS C 309 -22.02 17.68 19.72
C CYS C 309 -20.51 17.55 19.94
N LEU C 310 -19.66 17.87 18.95
CA LEU C 310 -18.20 17.90 19.12
C LEU C 310 -17.66 19.18 19.79
N THR C 311 -18.48 20.22 19.98
CA THR C 311 -18.03 21.54 20.46
C THR C 311 -17.45 21.50 21.89
N SER C 312 -17.70 20.45 22.67
CA SER C 312 -17.02 20.22 23.94
C SER C 312 -15.54 19.82 23.78
N ASP C 313 -15.19 19.13 22.69
CA ASP C 313 -13.92 18.40 22.56
C ASP C 313 -12.88 19.13 21.72
N ILE C 314 -13.27 19.72 20.58
CA ILE C 314 -12.33 20.46 19.73
C ILE C 314 -11.78 21.69 20.46
N ASN C 315 -12.58 22.40 21.24
CA ASN C 315 -12.14 23.58 22.00
C ASN C 315 -11.07 23.25 23.03
N THR C 316 -11.28 22.25 23.89
CA THR C 316 -10.27 21.84 24.89
C THR C 316 -9.02 21.24 24.24
N THR C 317 -9.16 20.51 23.13
CA THR C 317 -8.01 19.92 22.42
C THR C 317 -7.15 20.97 21.71
N LEU C 318 -7.76 21.95 21.04
CA LEU C 318 -7.02 23.08 20.47
C LEU C 318 -6.41 23.96 21.56
N ASN C 319 -7.13 24.29 22.64
CA ASN C 319 -6.59 25.09 23.75
C ASN C 319 -5.38 24.44 24.44
N ALA C 320 -5.43 23.12 24.71
CA ALA C 320 -4.27 22.41 25.25
C ALA C 320 -3.09 22.39 24.26
N SER C 321 -3.33 22.17 22.98
CA SER C 321 -2.28 22.16 21.95
C SER C 321 -1.63 23.53 21.79
N LYS C 322 -2.41 24.62 21.72
CA LYS C 322 -1.87 26.00 21.64
C LYS C 322 -1.05 26.36 22.87
N ALA C 323 -1.47 25.99 24.08
CA ALA C 323 -0.70 26.23 25.30
C ALA C 323 0.63 25.45 25.35
N LYS C 324 0.74 24.32 24.64
CA LYS C 324 1.99 23.55 24.52
C LYS C 324 3.04 24.22 23.63
N LEU C 325 2.62 25.02 22.65
CA LEU C 325 3.47 25.71 21.66
C LEU C 325 3.69 27.22 21.97
N ALA C 326 3.08 27.75 23.02
CA ALA C 326 3.01 29.19 23.30
C ALA C 326 4.37 29.90 23.55
N SER C 327 5.46 29.15 23.74
CA SER C 327 6.81 29.71 23.84
C SER C 327 7.50 29.96 22.48
N THR C 328 7.01 29.39 21.37
CA THR C 328 7.66 29.50 20.04
C THR C 328 6.72 29.91 18.91
N HIS C 329 5.42 29.66 19.02
CA HIS C 329 4.44 29.99 17.99
C HIS C 329 3.22 30.73 18.55
N VAL C 330 2.61 31.56 17.72
CA VAL C 330 1.38 32.32 18.01
C VAL C 330 0.36 32.11 16.87
N PRO C 331 -0.94 31.86 17.15
CA PRO C 331 -1.98 31.66 16.15
C PRO C 331 -2.07 32.71 15.05
N ASN C 332 -2.50 32.30 13.86
CA ASN C 332 -2.88 33.18 12.75
C ASN C 332 -4.18 32.68 12.11
N GLY C 333 -4.86 33.48 11.31
CA GLY C 333 -6.09 33.08 10.63
C GLY C 333 -7.21 32.67 11.61
N THR C 334 -7.92 31.59 11.30
CA THR C 334 -9.03 31.04 12.10
C THR C 334 -9.24 29.55 11.82
N VAL C 335 -10.00 28.85 12.66
CA VAL C 335 -10.21 27.40 12.59
C VAL C 335 -10.99 27.03 11.33
N GLN C 336 -10.54 26.01 10.59
CA GLN C 336 -11.13 25.54 9.34
C GLN C 336 -11.35 24.03 9.35
N TYR C 337 -12.39 23.56 8.63
CA TYR C 337 -12.83 22.17 8.61
C TYR C 337 -12.89 21.61 7.19
N PHE C 338 -12.32 20.42 6.93
CA PHE C 338 -12.25 19.81 5.60
C PHE C 338 -12.67 18.33 5.62
N HIS C 339 -13.25 17.83 4.53
CA HIS C 339 -13.69 16.43 4.40
C HIS C 339 -12.88 15.69 3.33
N THR C 340 -12.05 14.74 3.75
CA THR C 340 -11.15 13.96 2.90
C THR C 340 -11.90 12.93 2.06
N THR C 341 -11.62 12.82 0.76
CA THR C 341 -12.12 11.68 -0.04
C THR C 341 -11.50 10.37 0.49
N GLY C 342 -12.34 9.49 1.05
CA GLY C 342 -11.93 8.41 1.95
C GLY C 342 -12.65 8.43 3.30
N GLY C 343 -13.26 9.56 3.68
CA GLY C 343 -14.30 9.65 4.73
C GLY C 343 -13.91 10.28 6.07
N LEU C 344 -12.64 10.68 6.26
CA LEU C 344 -12.18 11.37 7.48
C LEU C 344 -12.49 12.87 7.46
N TYR C 345 -12.69 13.48 8.62
CA TYR C 345 -12.82 14.94 8.79
C TYR C 345 -11.56 15.53 9.44
N LEU C 346 -11.06 16.64 8.92
CA LEU C 346 -9.87 17.35 9.39
C LEU C 346 -10.25 18.66 10.08
N VAL C 347 -9.67 18.97 11.24
CA VAL C 347 -9.73 20.29 11.90
C VAL C 347 -8.34 20.93 11.82
N TRP C 348 -8.24 22.19 11.39
CA TRP C 348 -6.97 22.89 11.15
C TRP C 348 -6.92 24.26 11.83
N GLN C 349 -5.78 24.61 12.44
CA GLN C 349 -5.50 25.91 13.08
C GLN C 349 -4.12 26.41 12.65
N PRO C 350 -3.98 27.45 11.80
CA PRO C 350 -2.68 27.98 11.39
C PRO C 350 -1.89 28.57 12.55
N MET C 351 -0.57 28.40 12.54
CA MET C 351 0.35 28.92 13.55
C MET C 351 1.51 29.68 12.90
N SER C 352 2.05 30.72 13.54
CA SER C 352 3.16 31.53 13.04
C SER C 352 4.31 31.60 14.04
N ALA C 353 5.56 31.57 13.58
CA ALA C 353 6.73 31.65 14.45
C ALA C 353 6.90 33.08 15.00
N ILE C 354 7.20 33.22 16.30
CA ILE C 354 7.19 34.54 16.96
C ILE C 354 8.51 35.31 16.83
N ASN C 355 9.65 34.62 16.73
CA ASN C 355 10.99 35.18 16.49
C ASN C 355 11.27 36.44 17.34
N GLY C 395 -22.43 13.22 1.71
CA GLY C 395 -20.97 13.10 1.71
C GLY C 395 -20.48 11.64 1.75
N GLY C 396 -19.17 11.46 1.92
CA GLY C 396 -18.50 10.16 1.94
C GLY C 396 -18.66 9.39 3.26
N GLY C 397 -19.87 8.92 3.56
CA GLY C 397 -20.16 8.13 4.77
C GLY C 397 -19.54 6.73 4.79
N GLY C 398 -19.11 6.21 3.63
CA GLY C 398 -18.37 4.96 3.49
C GLY C 398 -16.89 5.10 3.86
N SER C 399 -16.60 5.36 5.13
CA SER C 399 -15.22 5.52 5.63
C SER C 399 -14.35 4.30 5.32
N THR C 400 -13.24 4.48 4.59
CA THR C 400 -12.38 3.37 4.15
C THR C 400 -11.48 2.90 5.27
N ASP C 401 -11.48 1.59 5.55
CA ASP C 401 -10.79 0.97 6.69
C ASP C 401 -9.27 0.87 6.51
N ASN C 402 -8.78 0.83 5.25
CA ASN C 402 -7.38 0.64 4.91
C ASN C 402 -6.73 1.96 4.47
N LEU C 403 -5.73 2.45 5.21
CA LEU C 403 -5.12 3.76 5.01
C LEU C 403 -3.88 3.76 4.10
N SER C 404 -3.61 2.70 3.34
CA SER C 404 -2.38 2.55 2.54
C SER C 404 -2.15 3.68 1.53
N TYR C 405 -3.19 4.24 0.92
CA TYR C 405 -3.08 5.36 -0.02
C TYR C 405 -2.53 6.63 0.64
N THR C 406 -2.71 6.82 1.95
CA THR C 406 -2.16 7.97 2.67
C THR C 406 -0.65 7.85 2.91
N GLN C 407 -0.11 6.63 3.00
CA GLN C 407 1.34 6.39 3.13
C GLN C 407 2.04 6.41 1.78
N LEU C 408 1.40 5.91 0.73
CA LEU C 408 1.91 5.99 -0.64
C LEU C 408 2.01 7.43 -1.15
N GLN C 409 1.06 8.31 -0.80
CA GLN C 409 1.18 9.74 -1.09
C GLN C 409 2.37 10.37 -0.36
N PHE C 410 2.63 10.04 0.91
CA PHE C 410 3.82 10.52 1.63
C PHE C 410 5.13 10.07 1.00
N ALA C 411 5.27 8.80 0.57
CA ALA C 411 6.48 8.35 -0.12
C ALA C 411 6.69 9.07 -1.45
N TYR C 412 5.66 9.22 -2.27
CA TYR C 412 5.77 9.92 -3.56
C TYR C 412 6.14 11.39 -3.39
N ASP C 413 5.52 12.11 -2.45
CA ASP C 413 5.87 13.49 -2.12
C ASP C 413 7.18 13.67 -1.33
N LYS C 414 7.90 12.60 -0.98
CA LYS C 414 9.29 12.65 -0.51
C LYS C 414 10.30 12.37 -1.63
N LEU C 415 10.00 11.48 -2.56
CA LEU C 415 10.82 11.27 -3.77
C LEU C 415 10.79 12.50 -4.69
N ARG C 416 9.61 13.02 -5.04
CA ARG C 416 9.47 14.08 -6.06
C ARG C 416 10.30 15.33 -5.78
N PRO C 417 10.21 16.04 -4.64
CA PRO C 417 11.04 17.21 -4.39
C PRO C 417 12.52 16.87 -4.16
N GLY C 418 12.85 15.66 -3.71
CA GLY C 418 14.23 15.22 -3.60
C GLY C 418 14.92 15.07 -4.95
N ILE C 419 14.18 14.64 -5.98
CA ILE C 419 14.68 14.57 -7.37
C ILE C 419 14.66 15.94 -8.04
N ASN C 420 13.59 16.73 -7.91
CA ASN C 420 13.53 18.07 -8.49
C ASN C 420 14.56 19.05 -7.91
N GLN C 421 15.04 18.86 -6.67
CA GLN C 421 16.15 19.64 -6.13
C GLN C 421 17.48 19.33 -6.83
N VAL C 422 17.76 18.06 -7.16
CA VAL C 422 18.96 17.68 -7.93
C VAL C 422 18.95 18.31 -9.31
N LEU C 423 17.81 18.38 -10.00
CA LEU C 423 17.72 19.04 -11.31
C LEU C 423 18.01 20.55 -11.25
N GLU C 424 17.60 21.25 -10.19
CA GLU C 424 17.93 22.67 -10.02
C GLU C 424 19.40 22.90 -9.65
N GLU C 425 20.01 22.04 -8.84
CA GLU C 425 21.43 22.11 -8.50
C GLU C 425 22.35 21.74 -9.68
N LEU C 426 21.93 20.81 -10.55
CA LEU C 426 22.64 20.45 -11.78
C LEU C 426 22.55 21.54 -12.86
N SER C 427 21.42 22.23 -12.97
CA SER C 427 21.20 23.24 -14.01
C SER C 427 21.99 24.55 -13.77
N ARG C 428 22.17 25.02 -12.53
CA ARG C 428 23.06 26.18 -12.26
C ARG C 428 24.55 25.84 -12.23
N ALA C 429 24.93 24.57 -12.07
CA ALA C 429 26.31 24.13 -12.25
C ALA C 429 26.68 24.07 -13.75
N TRP C 430 25.74 23.72 -14.62
CA TRP C 430 25.90 23.76 -16.08
C TRP C 430 25.99 25.19 -16.60
N CYS C 431 25.10 26.08 -16.19
CA CYS C 431 25.12 27.47 -16.66
C CYS C 431 26.43 28.22 -16.31
N ARG C 432 27.00 28.03 -15.12
CA ARG C 432 28.30 28.62 -14.76
C ARG C 432 29.47 28.12 -15.61
N GLU C 433 29.36 26.96 -16.25
CA GLU C 433 30.36 26.50 -17.21
C GLU C 433 30.17 27.14 -18.58
N GLN C 434 28.95 27.29 -19.08
CA GLN C 434 28.69 27.95 -20.38
C GLN C 434 29.15 29.41 -20.40
N VAL C 435 29.15 30.10 -19.26
CA VAL C 435 29.72 31.45 -19.10
C VAL C 435 31.25 31.47 -19.22
N ARG C 436 31.96 30.39 -18.90
CA ARG C 436 33.41 30.24 -19.18
C ARG C 436 33.71 29.78 -20.60
N ASP C 437 32.95 28.86 -21.17
CA ASP C 437 33.10 28.48 -22.59
C ASP C 437 32.98 29.69 -23.53
N ASN C 438 32.04 30.60 -23.28
CA ASN C 438 31.92 31.84 -24.04
C ASN C 438 33.17 32.75 -23.93
N LEU C 439 33.97 32.67 -22.88
CA LEU C 439 35.24 33.39 -22.76
C LEU C 439 36.40 32.65 -23.43
N MET C 440 36.43 31.32 -23.43
CA MET C 440 37.41 30.57 -24.23
C MET C 440 37.25 30.85 -25.72
N TRP C 441 36.02 30.88 -26.25
CA TRP C 441 35.80 31.24 -27.67
C TRP C 441 36.18 32.67 -27.99
N TYR C 442 35.98 33.62 -27.07
CA TYR C 442 36.44 34.99 -27.27
C TYR C 442 37.96 35.06 -27.41
N GLU C 443 38.74 34.45 -26.51
CA GLU C 443 40.22 34.47 -26.58
C GLU C 443 40.76 33.73 -27.81
N LEU C 444 40.13 32.65 -28.26
CA LEU C 444 40.49 31.96 -29.49
C LEU C 444 40.17 32.80 -30.74
N SER C 445 39.18 33.71 -30.69
CA SER C 445 38.77 34.49 -31.87
C SER C 445 39.77 35.57 -32.25
N LYS C 446 40.51 36.12 -31.29
CA LYS C 446 41.52 37.16 -31.52
C LYS C 446 42.73 36.66 -32.32
N ILE C 447 42.97 35.34 -32.34
CA ILE C 447 44.06 34.71 -33.11
C ILE C 447 43.67 34.67 -34.60
N ASN C 448 42.57 34.01 -34.96
CA ASN C 448 41.93 34.16 -36.26
C ASN C 448 40.41 33.93 -36.17
N PRO C 449 39.54 34.89 -36.54
CA PRO C 449 38.10 34.79 -36.30
C PRO C 449 37.37 33.84 -37.24
N THR C 450 37.92 33.49 -38.41
CA THR C 450 37.28 32.52 -39.34
C THR C 450 37.04 31.16 -38.68
N SER C 451 38.07 30.61 -38.03
CA SER C 451 38.00 29.27 -37.43
C SER C 451 37.08 29.19 -36.22
N VAL C 452 36.77 30.30 -35.55
CA VAL C 452 35.72 30.38 -34.52
C VAL C 452 34.32 30.48 -35.12
N MET C 453 34.12 31.29 -36.16
CA MET C 453 32.82 31.41 -36.82
C MET C 453 32.36 30.09 -37.45
N THR C 454 33.23 29.34 -38.13
CA THR C 454 32.87 28.01 -38.65
C THR C 454 32.88 26.90 -37.60
N ALA C 455 33.11 27.20 -36.32
CA ALA C 455 32.89 26.29 -35.20
C ALA C 455 31.54 26.57 -34.50
N ILE C 456 31.18 27.84 -34.33
CA ILE C 456 29.88 28.27 -33.79
C ILE C 456 28.74 28.05 -34.79
N TYR C 457 28.92 28.33 -36.08
CA TYR C 457 28.01 27.87 -37.14
C TYR C 457 28.41 26.48 -37.66
N GLY C 458 27.45 25.72 -38.20
CA GLY C 458 27.69 24.40 -38.77
C GLY C 458 28.19 24.40 -40.23
N ARG C 459 28.55 25.56 -40.78
CA ARG C 459 28.78 25.80 -42.21
C ARG C 459 29.94 26.75 -42.47
N PRO C 460 30.64 26.65 -43.61
CA PRO C 460 31.75 27.54 -43.94
C PRO C 460 31.30 28.97 -44.22
N VAL C 461 32.00 29.94 -43.62
CA VAL C 461 31.89 31.39 -43.77
C VAL C 461 33.28 32.01 -43.62
N SER C 462 33.48 33.26 -44.03
CA SER C 462 34.72 34.03 -43.80
C SER C 462 34.46 35.28 -42.98
N ALA C 463 35.39 35.66 -42.10
CA ALA C 463 35.18 36.73 -41.12
C ALA C 463 36.42 37.61 -40.90
N LYS C 464 36.22 38.85 -40.47
CA LYS C 464 37.27 39.86 -40.29
C LYS C 464 36.91 40.86 -39.19
N PHE C 465 37.86 41.29 -38.36
CA PHE C 465 37.62 42.38 -37.41
C PHE C 465 37.58 43.73 -38.15
N VAL C 466 36.55 44.54 -37.88
CA VAL C 466 36.43 45.93 -38.39
C VAL C 466 36.59 46.96 -37.28
N GLY C 467 37.19 46.56 -36.15
CA GLY C 467 37.25 47.30 -34.89
C GLY C 467 37.04 46.33 -33.74
N ASP C 468 36.15 46.66 -32.81
CA ASP C 468 35.68 45.74 -31.75
C ASP C 468 34.49 44.85 -32.17
N ALA C 469 34.10 44.86 -33.44
CA ALA C 469 33.06 44.01 -34.01
C ALA C 469 33.56 43.17 -35.19
N ILE C 470 32.98 42.00 -35.40
CA ILE C 470 33.40 41.03 -36.43
C ILE C 470 32.42 41.08 -37.60
N SER C 471 32.91 41.40 -38.79
CA SER C 471 32.14 41.33 -40.05
C SER C 471 32.17 39.91 -40.60
N VAL C 472 31.02 39.33 -40.96
CA VAL C 472 30.93 37.95 -41.46
C VAL C 472 30.33 37.88 -42.87
N THR C 473 30.82 36.97 -43.70
CA THR C 473 30.57 36.94 -45.15
C THR C 473 30.43 35.51 -45.69
N GLU C 474 29.63 35.36 -46.73
CA GLU C 474 29.41 34.10 -47.44
C GLU C 474 30.61 33.68 -48.30
N CYS C 475 30.71 32.39 -48.63
CA CYS C 475 31.77 31.81 -49.46
C CYS C 475 31.19 31.15 -50.74
N ILE C 476 31.96 31.16 -51.83
CA ILE C 476 31.47 30.90 -53.20
C ILE C 476 31.96 29.56 -53.75
N ASN C 477 31.05 28.70 -54.25
CA ASN C 477 31.42 27.42 -54.85
C ASN C 477 32.06 27.56 -56.23
N VAL C 478 33.04 26.69 -56.52
CA VAL C 478 33.79 26.56 -57.79
C VAL C 478 33.56 25.15 -58.35
N ASP C 479 33.53 24.97 -59.68
CA ASP C 479 33.19 23.67 -60.29
C ASP C 479 34.26 22.59 -60.04
N GLN C 480 33.83 21.33 -60.03
CA GLN C 480 34.71 20.21 -59.64
C GLN C 480 35.59 19.73 -60.80
N SER C 481 35.29 20.12 -62.05
CA SER C 481 35.96 19.63 -63.25
C SER C 481 37.14 20.49 -63.69
N SER C 482 37.14 21.81 -63.47
CA SER C 482 38.29 22.65 -63.81
C SER C 482 39.46 22.51 -62.83
N VAL C 483 39.20 22.05 -61.61
CA VAL C 483 40.22 21.88 -60.56
C VAL C 483 41.22 20.77 -60.90
N ASN C 484 42.51 21.11 -60.97
CA ASN C 484 43.60 20.14 -60.97
C ASN C 484 44.77 20.58 -60.07
N ILE C 485 45.39 19.61 -59.39
CA ILE C 485 46.44 19.81 -58.38
C ILE C 485 47.81 19.48 -58.99
N HIS C 486 48.81 20.35 -58.82
CA HIS C 486 50.13 20.16 -59.43
C HIS C 486 50.97 19.09 -58.72
N LYS C 487 51.78 18.34 -59.48
CA LYS C 487 52.58 17.19 -59.00
C LYS C 487 53.90 17.55 -58.31
N SER C 488 54.21 18.83 -58.10
CA SER C 488 55.52 19.30 -57.62
C SER C 488 55.43 20.49 -56.67
N LEU C 489 56.42 20.63 -55.78
CA LEU C 489 56.47 21.67 -54.74
C LEU C 489 57.71 22.57 -54.80
N ARG C 490 58.81 22.17 -55.46
CA ARG C 490 59.99 23.05 -55.64
C ARG C 490 59.74 24.15 -56.68
N THR C 491 60.13 25.38 -56.38
CA THR C 491 59.88 26.58 -57.21
C THR C 491 60.90 26.67 -58.36
N ASN C 492 60.69 27.58 -59.32
CA ASN C 492 61.70 27.94 -60.32
C ASN C 492 62.96 28.58 -59.70
N SER C 493 62.83 29.26 -58.55
CA SER C 493 63.95 29.69 -57.71
C SER C 493 64.72 28.51 -57.11
N LYS C 494 66.04 28.64 -56.94
CA LYS C 494 66.96 27.54 -56.62
C LYS C 494 66.77 26.90 -55.23
N ASP C 495 66.16 27.59 -54.27
CA ASP C 495 65.99 27.11 -52.89
C ASP C 495 64.72 27.70 -52.21
N VAL C 496 63.57 27.55 -52.87
CA VAL C 496 62.24 27.89 -52.30
C VAL C 496 61.24 26.77 -52.62
N CYS C 497 60.47 26.32 -51.63
CA CYS C 497 59.53 25.21 -51.76
C CYS C 497 58.15 25.56 -51.19
N TYR C 498 57.09 25.23 -51.92
CA TYR C 498 55.71 25.49 -51.51
C TYR C 498 55.26 24.55 -50.38
N ALA C 499 54.72 25.13 -49.30
CA ALA C 499 54.23 24.35 -48.14
C ALA C 499 52.89 23.64 -48.39
N ARG C 500 52.15 24.06 -49.42
CA ARG C 500 50.86 23.50 -49.88
C ARG C 500 50.88 23.40 -51.41
N PRO C 501 50.30 22.36 -52.04
CA PRO C 501 50.41 22.17 -53.48
C PRO C 501 49.61 23.22 -54.23
N LEU C 502 50.10 23.59 -55.42
CA LEU C 502 49.44 24.54 -56.32
C LEU C 502 48.18 23.91 -56.96
N VAL C 503 47.20 24.76 -57.24
CA VAL C 503 45.93 24.39 -57.88
C VAL C 503 45.57 25.39 -58.98
N THR C 504 45.00 24.89 -60.08
CA THR C 504 44.47 25.69 -61.20
C THR C 504 42.97 25.39 -61.37
N PHE C 505 42.16 26.40 -61.69
CA PHE C 505 40.70 26.34 -61.66
C PHE C 505 40.05 27.46 -62.50
N LYS C 506 38.72 27.40 -62.71
CA LYS C 506 37.92 28.56 -63.16
C LYS C 506 36.50 28.59 -62.57
N PHE C 507 35.91 29.79 -62.47
CA PHE C 507 34.53 29.96 -62.01
C PHE C 507 33.50 29.47 -63.04
N LEU C 508 32.28 29.17 -62.57
CA LEU C 508 31.15 28.80 -63.43
C LEU C 508 30.85 29.90 -64.46
N ASN C 509 30.41 29.49 -65.66
CA ASN C 509 30.09 30.38 -66.79
C ASN C 509 31.23 31.34 -67.17
N SER C 510 32.46 30.82 -67.30
CA SER C 510 33.65 31.60 -67.66
C SER C 510 34.64 30.81 -68.54
N SER C 511 35.59 31.53 -69.16
CA SER C 511 36.64 30.95 -70.02
C SER C 511 38.05 31.09 -69.45
N ASN C 512 38.41 32.25 -68.90
CA ASN C 512 39.75 32.51 -68.35
C ASN C 512 40.06 31.67 -67.09
N LEU C 513 41.30 31.19 -66.96
CA LEU C 513 41.76 30.39 -65.83
C LEU C 513 42.36 31.24 -64.69
N PHE C 514 42.45 30.64 -63.50
CA PHE C 514 43.03 31.20 -62.28
C PHE C 514 43.89 30.15 -61.57
N THR C 515 44.72 30.56 -60.62
CA THR C 515 45.55 29.64 -59.82
C THR C 515 45.75 30.11 -58.37
N GLY C 516 46.03 29.17 -57.46
CA GLY C 516 46.22 29.40 -56.03
C GLY C 516 46.87 28.20 -55.33
N GLN C 517 46.68 28.08 -54.02
CA GLN C 517 47.10 26.93 -53.21
C GLN C 517 45.92 26.21 -52.55
N LEU C 518 46.02 24.89 -52.42
CA LEU C 518 45.04 24.04 -51.73
C LEU C 518 45.10 24.27 -50.22
N GLY C 519 44.10 24.91 -49.63
CA GLY C 519 44.09 25.33 -48.22
C GLY C 519 43.00 24.68 -47.35
N ALA C 520 43.18 24.75 -46.03
CA ALA C 520 42.22 24.26 -45.03
C ALA C 520 41.67 22.85 -45.35
N ARG C 521 40.36 22.63 -45.25
CA ARG C 521 39.70 21.36 -45.61
C ARG C 521 39.67 21.13 -47.13
N ASN C 522 39.04 22.03 -47.89
CA ASN C 522 38.93 21.98 -49.36
C ASN C 522 38.87 23.40 -49.97
N GLU C 523 39.56 24.38 -49.38
CA GLU C 523 39.53 25.78 -49.85
C GLU C 523 40.56 26.06 -50.94
N ILE C 524 40.26 27.05 -51.77
CA ILE C 524 41.20 27.64 -52.71
C ILE C 524 41.70 28.97 -52.11
N ILE C 525 43.01 29.09 -51.91
CA ILE C 525 43.65 30.30 -51.35
C ILE C 525 44.41 31.03 -52.47
N LEU C 526 44.15 32.34 -52.61
CA LEU C 526 44.69 33.16 -53.70
C LEU C 526 46.11 33.73 -53.44
N THR C 527 46.59 33.73 -52.20
CA THR C 527 47.93 34.25 -51.80
C THR C 527 48.87 33.14 -51.35
N ASN C 528 50.06 33.05 -51.96
CA ASN C 528 50.98 31.92 -51.81
C ASN C 528 51.82 31.97 -50.52
N ASN C 529 52.23 30.80 -49.99
CA ASN C 529 53.20 30.67 -48.90
C ASN C 529 54.14 29.44 -49.05
N GLN C 530 55.31 29.49 -48.40
CA GLN C 530 56.48 28.64 -48.67
C GLN C 530 57.21 28.24 -47.38
N VAL C 531 57.95 27.13 -47.39
CA VAL C 531 58.93 26.79 -46.32
C VAL C 531 60.23 27.59 -46.48
N GLU C 532 60.98 27.77 -45.40
CA GLU C 532 62.15 28.65 -45.37
C GLU C 532 63.28 28.22 -46.33
N THR C 533 63.54 26.91 -46.44
CA THR C 533 64.47 26.31 -47.40
C THR C 533 63.97 24.95 -47.87
N CYS C 534 64.37 24.53 -49.08
CA CYS C 534 64.15 23.18 -49.57
C CYS C 534 65.17 22.21 -48.93
N LYS C 535 65.07 22.02 -47.60
CA LYS C 535 65.91 21.09 -46.82
C LYS C 535 65.91 19.66 -47.38
N ASP C 536 66.94 18.88 -47.05
CA ASP C 536 67.30 17.63 -47.74
C ASP C 536 66.16 16.60 -47.89
N THR C 537 65.26 16.53 -46.91
CA THR C 537 64.17 15.55 -46.80
C THR C 537 62.88 16.24 -46.34
N CYS C 538 61.76 15.86 -46.95
CA CYS C 538 60.43 16.42 -46.70
C CYS C 538 59.35 15.40 -47.04
N GLU C 539 58.21 15.45 -46.36
CA GLU C 539 57.07 14.54 -46.56
C GLU C 539 55.75 15.24 -46.19
N HIS C 540 54.66 14.95 -46.91
CA HIS C 540 53.34 15.50 -46.63
C HIS C 540 52.23 14.47 -46.93
N TYR C 541 51.09 14.63 -46.25
CA TYR C 541 49.87 13.84 -46.45
C TYR C 541 48.67 14.79 -46.53
N PHE C 542 48.50 15.50 -47.65
CA PHE C 542 47.41 16.46 -47.82
C PHE C 542 46.06 15.74 -47.88
N ILE C 543 45.04 16.23 -47.15
CA ILE C 543 43.73 15.59 -47.03
C ILE C 543 42.68 16.35 -47.84
N THR C 544 41.90 15.65 -48.65
CA THR C 544 40.72 16.16 -49.39
C THR C 544 39.44 15.50 -48.81
N ARG C 545 38.23 15.81 -49.29
CA ARG C 545 36.96 15.25 -48.75
C ARG C 545 36.87 13.70 -48.68
N ASN C 546 37.52 12.99 -49.61
CA ASN C 546 37.53 11.52 -49.67
C ASN C 546 38.97 11.00 -49.55
N GLU C 547 39.83 11.39 -50.50
CA GLU C 547 41.19 10.87 -50.68
C GLU C 547 42.27 11.78 -50.06
N THR C 548 43.46 11.22 -49.87
CA THR C 548 44.66 11.95 -49.46
C THR C 548 45.72 11.81 -50.54
N LEU C 549 46.53 12.85 -50.74
CA LEU C 549 47.66 12.84 -51.66
C LEU C 549 48.94 12.78 -50.85
N VAL C 550 49.83 11.84 -51.13
CA VAL C 550 51.14 11.75 -50.44
C VAL C 550 52.27 12.25 -51.34
N TYR C 551 53.10 13.13 -50.78
CA TYR C 551 54.23 13.77 -51.45
C TYR C 551 55.50 13.55 -50.60
N LYS C 552 56.66 13.36 -51.24
CA LYS C 552 57.98 13.44 -50.59
C LYS C 552 59.09 13.80 -51.57
N ASP C 553 60.21 14.29 -51.05
CA ASP C 553 61.30 14.90 -51.82
C ASP C 553 60.80 16.02 -52.77
N TYR C 554 59.76 16.73 -52.34
CA TYR C 554 59.05 17.81 -53.03
C TYR C 554 58.32 17.42 -54.33
N ALA C 555 57.94 16.14 -54.49
CA ALA C 555 57.10 15.67 -55.60
C ALA C 555 56.03 14.66 -55.17
N TYR C 556 54.95 14.56 -55.96
CA TYR C 556 53.80 13.65 -55.75
C TYR C 556 54.16 12.19 -56.00
N LEU C 557 53.52 11.24 -55.27
CA LEU C 557 53.69 9.80 -55.48
C LEU C 557 52.39 9.00 -55.60
N ARG C 558 51.46 9.12 -54.63
CA ARG C 558 50.33 8.18 -54.48
C ARG C 558 49.05 8.89 -54.01
N THR C 559 47.91 8.25 -54.24
CA THR C 559 46.62 8.61 -53.64
C THR C 559 46.15 7.49 -52.70
N ILE C 560 45.83 7.81 -51.46
CA ILE C 560 45.48 6.85 -50.39
C ILE C 560 44.18 7.27 -49.72
N ASN C 561 43.29 6.33 -49.36
CA ASN C 561 42.04 6.62 -48.65
C ASN C 561 42.31 7.24 -47.27
N THR C 562 41.52 8.26 -46.89
CA THR C 562 41.71 8.99 -45.62
C THR C 562 41.61 8.09 -44.39
N THR C 563 40.75 7.06 -44.45
CA THR C 563 40.51 6.11 -43.36
C THR C 563 41.76 5.30 -42.96
N ASP C 564 42.81 5.27 -43.79
CA ASP C 564 44.07 4.62 -43.45
C ASP C 564 44.85 5.37 -42.34
N ILE C 565 44.64 6.68 -42.19
CA ILE C 565 45.27 7.50 -41.16
C ILE C 565 44.50 7.37 -39.83
N SER C 566 45.18 7.00 -38.74
CA SER C 566 44.56 6.86 -37.42
C SER C 566 44.05 8.20 -36.87
N THR C 567 42.89 8.20 -36.19
CA THR C 567 42.21 9.41 -35.68
C THR C 567 42.21 9.51 -34.16
N LEU C 568 42.55 10.67 -33.60
CA LEU C 568 42.47 10.95 -32.16
C LEU C 568 41.03 10.85 -31.64
N ASN C 569 40.88 10.32 -30.42
CA ASN C 569 39.61 10.34 -29.68
C ASN C 569 39.78 11.16 -28.39
N THR C 570 39.01 12.25 -28.26
CA THR C 570 39.07 13.20 -27.13
C THR C 570 37.79 13.23 -26.29
N PHE C 571 36.80 12.36 -26.57
CA PHE C 571 35.51 12.30 -25.89
C PHE C 571 35.61 11.65 -24.50
N ILE C 572 34.79 12.12 -23.56
CA ILE C 572 34.65 11.58 -22.20
C ILE C 572 33.30 10.84 -22.11
N ALA C 573 33.33 9.55 -21.76
CA ALA C 573 32.12 8.74 -21.65
C ALA C 573 31.36 8.98 -20.34
N LEU C 574 30.02 8.95 -20.38
CA LEU C 574 29.17 9.03 -19.19
C LEU C 574 28.90 7.66 -18.56
N ASN C 575 28.53 6.65 -19.36
CA ASN C 575 28.07 5.33 -18.91
C ASN C 575 26.97 5.41 -17.81
N LEU C 576 25.92 6.22 -18.00
CA LEU C 576 24.75 6.23 -17.12
C LEU C 576 23.96 4.91 -17.26
N SER C 577 23.47 4.36 -16.15
CA SER C 577 22.67 3.14 -16.10
C SER C 577 21.24 3.46 -15.67
N PHE C 578 20.26 3.07 -16.49
CA PHE C 578 18.85 3.45 -16.30
C PHE C 578 18.15 2.61 -15.23
N ILE C 579 17.09 3.16 -14.62
CA ILE C 579 16.22 2.48 -13.64
C ILE C 579 15.50 1.31 -14.30
N GLN C 580 15.16 0.25 -13.56
CA GLN C 580 14.65 -1.02 -14.10
C GLN C 580 13.32 -1.46 -13.50
N ASN C 581 12.60 -2.31 -14.23
CA ASN C 581 11.25 -2.77 -13.93
C ASN C 581 11.17 -3.78 -12.76
N ILE C 582 10.10 -3.72 -11.97
CA ILE C 582 9.78 -4.61 -10.85
C ILE C 582 8.31 -5.03 -10.95
N ASP C 583 8.01 -6.31 -10.76
CA ASP C 583 6.63 -6.83 -10.66
C ASP C 583 6.29 -7.12 -9.20
N PHE C 584 5.30 -6.40 -8.66
CA PHE C 584 4.83 -6.57 -7.29
C PHE C 584 3.81 -7.73 -7.21
N LYS C 585 3.71 -8.35 -6.03
CA LYS C 585 2.99 -9.61 -5.78
C LYS C 585 1.85 -9.41 -4.79
N ALA C 586 0.79 -10.22 -4.90
CA ALA C 586 -0.28 -10.28 -3.89
C ALA C 586 0.12 -11.15 -2.70
N ILE C 587 0.03 -10.63 -1.48
CA ILE C 587 0.50 -11.28 -0.24
C ILE C 587 -0.60 -11.26 0.84
N GLU C 588 -0.74 -12.34 1.60
CA GLU C 588 -1.68 -12.47 2.73
C GLU C 588 -1.00 -13.08 3.96
N LEU C 589 -1.24 -12.53 5.15
CA LEU C 589 -0.68 -13.06 6.40
C LEU C 589 -1.47 -14.25 6.97
N TYR C 590 -2.79 -14.28 6.78
CA TYR C 590 -3.71 -15.33 7.24
C TYR C 590 -4.65 -15.79 6.13
N SER C 591 -4.87 -17.10 5.99
CA SER C 591 -5.80 -17.68 5.01
C SER C 591 -7.25 -17.32 5.31
N SER C 592 -8.12 -17.31 4.30
CA SER C 592 -9.56 -17.04 4.48
C SER C 592 -10.25 -18.06 5.41
N ALA C 593 -9.76 -19.31 5.44
CA ALA C 593 -10.19 -20.31 6.42
C ALA C 593 -9.76 -19.96 7.86
N GLU C 594 -8.53 -19.52 8.10
CA GLU C 594 -8.06 -19.12 9.43
C GLU C 594 -8.79 -17.87 9.94
N LYS C 595 -9.11 -16.92 9.07
CA LYS C 595 -9.97 -15.77 9.40
C LYS C 595 -11.40 -16.19 9.76
N ARG C 596 -11.94 -17.26 9.16
CA ARG C 596 -13.25 -17.83 9.54
C ARG C 596 -13.20 -18.50 10.92
N LEU C 597 -12.28 -19.44 11.14
CA LEU C 597 -12.17 -20.20 12.41
C LEU C 597 -11.85 -19.32 13.62
N ALA C 598 -11.17 -18.19 13.45
CA ALA C 598 -10.90 -17.25 14.54
C ALA C 598 -12.12 -16.46 15.03
N SER C 599 -13.24 -16.45 14.29
CA SER C 599 -14.37 -15.55 14.57
C SER C 599 -15.24 -15.97 15.76
N SER C 600 -15.35 -17.27 16.07
CA SER C 600 -16.07 -17.81 17.23
C SER C 600 -15.62 -19.23 17.59
N VAL C 601 -15.83 -19.66 18.83
CA VAL C 601 -15.76 -21.09 19.23
C VAL C 601 -17.05 -21.86 18.91
N PHE C 602 -18.19 -21.18 18.78
CA PHE C 602 -19.45 -21.73 18.31
C PHE C 602 -19.45 -21.98 16.80
N ASP C 603 -20.00 -23.11 16.36
CA ASP C 603 -20.13 -23.48 14.95
C ASP C 603 -21.60 -23.42 14.50
N LEU C 604 -22.17 -22.22 14.41
CA LEU C 604 -23.60 -22.01 14.21
C LEU C 604 -24.14 -22.70 12.94
N GLU C 605 -23.33 -22.83 11.90
CA GLU C 605 -23.70 -23.49 10.64
C GLU C 605 -24.04 -24.98 10.81
N THR C 606 -23.50 -25.68 11.82
CA THR C 606 -23.81 -27.08 12.11
C THR C 606 -24.64 -27.28 13.37
N MET C 607 -24.52 -26.39 14.36
CA MET C 607 -25.30 -26.43 15.59
C MET C 607 -26.81 -26.39 15.34
N PHE C 608 -27.31 -25.52 14.45
CA PHE C 608 -28.73 -25.44 14.11
C PHE C 608 -29.20 -26.56 13.17
N ARG C 609 -28.33 -27.14 12.36
CA ARG C 609 -28.68 -28.27 11.47
C ARG C 609 -28.93 -29.55 12.24
N GLU C 610 -28.13 -29.83 13.26
CA GLU C 610 -28.32 -31.00 14.11
C GLU C 610 -29.55 -30.88 15.05
N TYR C 611 -29.85 -29.70 15.60
CA TYR C 611 -31.04 -29.49 16.42
C TYR C 611 -32.35 -29.74 15.66
N ASN C 612 -32.45 -29.26 14.41
CA ASN C 612 -33.58 -29.55 13.54
C ASN C 612 -33.64 -31.04 13.16
N TYR C 613 -32.52 -31.69 12.85
CA TYR C 613 -32.52 -33.12 12.51
C TYR C 613 -32.94 -33.98 13.69
N TYR C 614 -32.39 -33.73 14.89
CA TYR C 614 -32.70 -34.49 16.09
C TYR C 614 -34.17 -34.35 16.50
N THR C 615 -34.68 -33.11 16.63
CA THR C 615 -36.02 -32.89 17.17
C THR C 615 -37.16 -33.24 16.21
N HIS C 616 -36.94 -33.25 14.89
CA HIS C 616 -37.98 -33.64 13.92
C HIS C 616 -37.90 -35.09 13.45
N ARG C 617 -36.72 -35.61 13.09
CA ARG C 617 -36.55 -36.95 12.50
C ARG C 617 -36.25 -38.03 13.52
N LEU C 618 -35.26 -37.81 14.41
CA LEU C 618 -34.79 -38.84 15.33
C LEU C 618 -35.70 -39.02 16.55
N ALA C 619 -35.94 -37.95 17.31
CA ALA C 619 -36.66 -38.00 18.59
C ALA C 619 -38.17 -37.76 18.51
N GLY C 620 -38.68 -37.20 17.42
CA GLY C 620 -40.09 -36.81 17.29
C GLY C 620 -41.05 -37.99 17.15
N LEU C 621 -42.36 -37.73 17.33
CA LEU C 621 -43.40 -38.68 16.94
C LEU C 621 -43.40 -38.85 15.41
N ARG C 622 -43.37 -40.09 14.93
CA ARG C 622 -43.11 -40.43 13.53
C ARG C 622 -44.00 -41.59 13.08
N GLU C 623 -44.66 -41.46 11.94
CA GLU C 623 -45.59 -42.49 11.43
C GLU C 623 -44.87 -43.69 10.81
N ASP C 624 -45.48 -44.87 10.90
CA ASP C 624 -44.95 -46.12 10.33
C ASP C 624 -46.06 -47.15 10.10
C1 NAG D . -30.56 -52.86 37.06
C2 NAG D . -30.20 -51.63 37.87
C3 NAG D . -28.75 -51.28 37.59
C4 NAG D . -27.88 -52.47 37.91
C5 NAG D . -28.34 -53.67 37.10
C6 NAG D . -27.53 -54.91 37.43
C7 NAG D . -32.15 -50.24 38.18
C8 NAG D . -32.82 -48.94 37.85
N2 NAG D . -31.03 -50.51 37.52
O3 NAG D . -28.38 -50.16 38.40
O4 NAG D . -26.50 -52.20 37.61
O5 NAG D . -29.71 -53.95 37.37
O6 NAG D . -27.93 -55.97 36.56
O7 NAG D . -32.60 -51.01 39.02
C1 NAG D . -25.81 -52.09 38.88
C2 NAG D . -24.38 -52.60 38.85
C3 NAG D . -23.85 -52.62 40.28
C4 NAG D . -23.97 -51.22 40.85
C5 NAG D . -25.42 -50.76 40.80
C6 NAG D . -25.56 -49.34 41.32
C7 NAG D . -23.69 -54.12 37.14
C8 NAG D . -23.94 -55.45 36.49
N2 NAG D . -24.29 -53.93 38.30
O3 NAG D . -22.49 -53.04 40.28
O4 NAG D . -23.53 -51.23 42.21
O5 NAG D . -25.87 -50.79 39.45
O6 NAG D . -26.93 -48.93 41.20
O7 NAG D . -22.97 -53.28 36.62
C1 BMA D . -22.29 -50.49 42.31
C2 BMA D . -21.92 -50.21 43.75
C3 BMA D . -20.71 -49.31 43.78
C4 BMA D . -19.58 -49.98 43.03
C5 BMA D . -20.02 -50.27 41.61
C6 BMA D . -18.91 -51.00 40.87
O2 BMA D . -21.62 -51.44 44.43
O3 BMA D . -20.30 -49.08 45.13
O4 BMA D . -18.43 -49.13 42.99
O5 BMA D . -21.18 -51.10 41.64
O6 BMA D . -18.38 -51.97 41.77
C1 MAN D . -17.21 -52.59 41.18
C2 MAN D . -16.55 -53.45 42.24
C3 MAN D . -16.01 -52.52 43.31
C4 MAN D . -14.97 -51.61 42.69
C5 MAN D . -15.63 -50.83 41.57
C6 MAN D . -14.64 -49.91 40.87
O2 MAN D . -15.48 -54.20 41.66
O3 MAN D . -15.45 -53.31 44.38
O4 MAN D . -14.46 -50.71 43.68
O5 MAN D . -16.20 -51.73 40.63
O6 MAN D . -13.60 -50.69 40.28
C1 MAN D . -13.29 -50.11 39.00
C2 MAN D . -13.96 -50.97 37.92
C3 MAN D . -13.15 -52.22 37.54
C4 MAN D . -11.63 -52.04 37.64
C5 MAN D . -11.27 -51.29 38.91
C6 MAN D . -9.77 -51.13 39.06
O2 MAN D . -14.27 -50.18 36.75
O3 MAN D . -13.46 -52.61 36.19
O4 MAN D . -11.00 -53.31 37.64
O5 MAN D . -11.88 -50.01 38.83
O6 MAN D . -9.50 -50.36 40.23
C1 MAN D . -13.20 -49.35 36.22
C2 MAN D . -13.75 -48.04 35.67
C3 MAN D . -14.57 -48.33 34.44
C4 MAN D . -13.67 -49.01 33.43
C5 MAN D . -13.12 -50.28 34.05
C6 MAN D . -12.20 -51.01 33.08
O2 MAN D . -12.67 -47.17 35.34
O3 MAN D . -15.10 -47.12 33.90
O4 MAN D . -14.39 -49.32 32.24
O5 MAN D . -12.39 -49.95 35.23
O6 MAN D . -11.14 -50.14 32.70
C1 MAN D . -16.07 -53.02 45.66
C2 MAN D . -15.62 -54.08 46.65
C3 MAN D . -16.27 -55.42 46.35
C4 MAN D . -17.78 -55.28 46.21
C5 MAN D . -18.09 -54.16 45.23
C6 MAN D . -19.58 -53.93 45.04
O2 MAN D . -15.97 -53.67 47.98
O3 MAN D . -15.98 -56.35 47.39
O4 MAN D . -18.34 -56.50 45.73
O5 MAN D . -17.50 -52.95 45.71
O6 MAN D . -19.79 -53.21 43.83
C1 MAN D . -20.31 -47.65 45.36
C2 MAN D . -19.41 -47.29 46.53
C3 MAN D . -20.02 -47.76 47.84
C4 MAN D . -21.41 -47.16 47.97
C5 MAN D . -22.24 -47.53 46.75
C6 MAN D . -23.62 -46.90 46.82
O2 MAN D . -19.27 -45.88 46.51
O3 MAN D . -19.20 -47.35 48.93
O4 MAN D . -22.03 -47.65 49.15
O5 MAN D . -21.61 -47.09 45.55
O6 MAN D . -24.37 -47.28 45.67
C1 NAG E . 2.40 -31.39 32.89
C2 NAG E . 3.19 -32.03 34.03
C3 NAG E . 4.68 -31.78 33.83
C4 NAG E . 5.09 -32.32 32.48
C5 NAG E . 4.24 -31.67 31.39
C6 NAG E . 4.61 -32.26 30.04
C7 NAG E . 2.01 -32.19 36.12
C8 NAG E . 1.97 -31.72 37.54
N2 NAG E . 2.79 -31.48 35.31
O3 NAG E . 5.40 -32.45 34.87
O4 NAG E . 6.47 -32.03 32.25
O5 NAG E . 2.86 -31.91 31.65
O6 NAG E . 4.33 -33.66 30.04
O7 NAG E . 1.37 -33.15 35.73
C1 NAG E . 7.28 -33.22 32.17
C2 NAG E . 8.43 -32.93 31.22
C3 NAG E . 9.33 -34.16 31.12
C4 NAG E . 9.80 -34.52 32.51
C5 NAG E . 8.61 -34.76 33.42
C6 NAG E . 9.07 -35.08 34.83
C7 NAG E . 7.70 -31.29 29.60
C8 NAG E . 7.47 -31.01 28.15
N2 NAG E . 7.96 -32.57 29.91
O3 NAG E . 10.45 -33.86 30.29
O4 NAG E . 10.60 -35.71 32.46
O5 NAG E . 7.78 -33.59 33.46
O6 NAG E . 9.82 -33.95 35.32
O7 NAG E . 7.67 -30.41 30.45
C1 NAG F . -62.93 -33.13 6.65
C2 NAG F . -61.73 -34.04 6.53
C3 NAG F . -60.91 -33.62 5.32
C4 NAG F . -61.80 -33.64 4.09
C5 NAG F . -63.00 -32.75 4.32
C6 NAG F . -63.95 -32.78 3.13
C7 NAG F . -61.06 -34.81 8.72
C8 NAG F . -60.01 -34.75 9.79
N2 NAG F . -60.90 -33.96 7.71
O3 NAG F . -59.81 -34.51 5.16
O4 NAG F . -61.08 -33.20 2.93
O5 NAG F . -63.72 -33.16 5.47
O6 NAG F . -64.99 -31.84 3.35
O7 NAG F . -62.00 -35.58 8.77
C1 NAG F . -60.87 -34.37 2.10
C2 NAG F . -60.90 -34.07 0.60
C3 NAG F . -60.89 -35.39 -0.14
C4 NAG F . -59.66 -36.16 0.28
C5 NAG F . -59.67 -36.38 1.79
C6 NAG F . -58.43 -37.11 2.24
C7 NAG F . -61.97 -32.08 -0.19
C8 NAG F . -63.24 -31.29 -0.24
N2 NAG F . -62.08 -33.32 0.23
O3 NAG F . -60.86 -35.15 -1.55
O4 NAG F . -59.65 -37.43 -0.37
O5 NAG F . -59.72 -35.11 2.43
O6 NAG F . -58.46 -37.24 3.67
O7 NAG F . -60.91 -31.59 -0.53
C1 BMA F . -58.57 -37.46 -1.34
C2 BMA F . -58.33 -38.88 -1.85
C3 BMA F . -57.09 -38.86 -2.73
C4 BMA F . -57.30 -37.87 -3.86
C5 BMA F . -57.59 -36.51 -3.28
C6 BMA F . -57.86 -35.52 -4.41
O2 BMA F . -59.45 -39.32 -2.61
O3 BMA F . -56.87 -40.16 -3.28
O4 BMA F . -56.13 -37.80 -4.68
O5 BMA F . -58.74 -36.58 -2.45
O6 BMA F . -58.69 -36.19 -5.35
C1 MAN F . -58.86 -35.36 -6.54
C2 MAN F . -59.56 -36.19 -7.59
C3 MAN F . -58.61 -37.30 -8.01
C4 MAN F . -57.36 -36.67 -8.61
C5 MAN F . -56.73 -35.78 -7.56
C6 MAN F . -55.48 -35.09 -8.10
O2 MAN F . -59.88 -35.38 -8.72
O3 MAN F . -59.28 -38.16 -8.95
O4 MAN F . -56.45 -37.70 -9.00
O5 MAN F . -57.68 -34.81 -7.13
O6 MAN F . -55.84 -34.26 -9.20
C1 MAN F . -55.08 -33.04 -9.11
C2 MAN F . -56.01 -31.95 -8.54
C3 MAN F . -56.90 -31.29 -9.61
C4 MAN F . -56.26 -31.21 -11.00
C5 MAN F . -55.56 -32.50 -11.33
C6 MAN F . -54.95 -32.47 -12.72
O2 MAN F . -55.25 -30.96 -7.81
O3 MAN F . -57.24 -29.96 -9.20
O4 MAN F . -57.27 -30.95 -11.97
O5 MAN F . -54.52 -32.70 -10.37
O6 MAN F . -54.25 -33.70 -12.96
C1 MAN F . -54.09 -30.41 -8.48
C2 MAN F . -52.97 -30.13 -7.48
C3 MAN F . -53.39 -28.99 -6.58
C4 MAN F . -53.65 -27.78 -7.46
C5 MAN F . -54.74 -28.14 -8.46
C6 MAN F . -55.06 -26.95 -9.36
O2 MAN F . -51.78 -29.77 -8.18
O3 MAN F . -52.36 -28.70 -5.63
O4 MAN F . -54.06 -26.67 -6.66
O5 MAN F . -54.31 -29.24 -9.25
O6 MAN F . -53.86 -26.55 -10.04
C1 MAN F . -59.31 -39.55 -8.51
C2 MAN F . -60.26 -40.31 -9.43
C3 MAN F . -61.70 -39.91 -9.15
C4 MAN F . -62.03 -40.01 -7.67
C5 MAN F . -60.99 -39.24 -6.87
C6 MAN F . -61.22 -39.30 -5.37
O2 MAN F . -60.11 -41.72 -9.19
O3 MAN F . -62.59 -40.77 -9.89
O4 MAN F . -63.32 -39.43 -7.42
O5 MAN F . -59.70 -39.79 -7.16
O6 MAN F . -60.49 -38.23 -4.75
C1 MAN F . -55.55 -40.58 -2.89
C2 MAN F . -55.03 -41.65 -3.83
C3 MAN F . -55.78 -42.95 -3.62
C4 MAN F . -55.66 -43.36 -2.16
C5 MAN F . -56.16 -42.24 -1.28
C6 MAN F . -56.00 -42.58 0.19
O2 MAN F . -53.65 -41.82 -3.54
O3 MAN F . -55.24 -43.98 -4.46
O4 MAN F . -56.43 -44.53 -1.93
O5 MAN F . -55.44 -41.04 -1.54
O6 MAN F . -56.50 -41.50 0.98
C1 NAG G . -31.91 -27.52 -17.24
C2 NAG G . -32.37 -28.44 -18.38
C3 NAG G . -31.64 -28.08 -19.66
C4 NAG G . -31.90 -26.62 -19.98
C5 NAG G . -31.46 -25.76 -18.81
C6 NAG G . -31.77 -24.30 -19.09
C7 NAG G . -33.08 -30.63 -17.68
C8 NAG G . -32.77 -32.09 -17.75
N2 NAG G . -32.10 -29.82 -18.07
O3 NAG G . -32.15 -28.90 -20.73
O4 NAG G . -31.17 -26.24 -21.15
O5 NAG G . -32.13 -26.16 -17.61
O6 NAG G . -33.18 -24.15 -19.24
O7 NAG G . -34.15 -30.20 -17.30
C1 NAG G . -32.03 -25.89 -22.25
C2 NAG G . -31.32 -24.84 -23.09
C3 NAG G . -32.18 -24.44 -24.27
C4 NAG G . -32.51 -25.70 -25.06
C5 NAG G . -33.19 -26.71 -24.16
C6 NAG G . -33.47 -27.98 -24.94
C7 NAG G . -29.85 -23.58 -21.63
C8 NAG G . -29.53 -22.23 -21.08
N2 NAG G . -31.00 -23.67 -22.30
O3 NAG G . -31.48 -23.51 -25.09
O4 NAG G . -33.37 -25.36 -26.15
O5 NAG G . -32.35 -27.02 -23.06
O6 NAG G . -32.22 -28.53 -25.40
O7 NAG G . -29.11 -24.54 -21.48
C1 NAG H . -51.67 -10.52 48.18
C2 NAG H . -52.15 -10.11 46.80
C3 NAG H . -51.39 -8.87 46.37
C4 NAG H . -51.58 -7.79 47.40
C5 NAG H . -51.13 -8.30 48.76
C6 NAG H . -51.35 -7.26 49.84
C7 NAG H . -52.87 -12.05 45.55
C8 NAG H . -52.58 -12.97 44.40
N2 NAG H . -51.93 -11.16 45.84
O3 NAG H . -51.87 -8.44 45.09
O4 NAG H . -50.83 -6.61 47.06
O5 NAG H . -51.85 -9.47 49.11
O6 NAG H . -50.81 -7.75 51.07
O7 NAG H . -53.90 -12.13 46.20
C1 NAG H . -51.79 -5.59 46.67
C2 NAG H . -51.38 -4.18 47.04
C3 NAG H . -52.56 -3.27 46.76
C4 NAG H . -52.94 -3.40 45.31
C5 NAG H . -53.29 -4.85 44.99
C6 NAG H . -53.63 -5.02 43.53
C7 NAG H . -49.76 -3.82 48.78
C8 NAG H . -49.41 -4.06 50.21
N2 NAG H . -51.01 -4.08 48.44
O3 NAG H . -52.20 -1.91 47.06
O4 NAG H . -54.08 -2.58 45.03
O5 NAG H . -52.16 -5.67 45.30
O6 NAG H . -53.89 -6.40 43.27
O7 NAG H . -48.94 -3.41 47.97
C1 BMA H . -53.68 -1.48 44.19
C2 BMA H . -54.89 -0.75 43.62
C3 BMA H . -54.40 0.28 42.62
C4 BMA H . -53.44 1.22 43.31
C5 BMA H . -52.29 0.42 43.88
C6 BMA H . -51.34 1.35 44.62
O2 BMA H . -55.59 -0.09 44.68
O3 BMA H . -55.51 1.03 42.13
O4 BMA H . -52.93 2.18 42.37
O5 BMA H . -52.79 -0.54 44.80
O6 BMA H . -52.15 2.26 45.37
C1 MAN H . -51.31 3.28 45.98
C2 MAN H . -52.22 4.34 46.58
C3 MAN H . -52.93 5.03 45.43
C4 MAN H . -51.90 5.71 44.54
C5 MAN H . -50.95 4.64 44.03
C6 MAN H . -49.85 5.24 43.16
O2 MAN H . -51.44 5.29 47.32
O3 MAN H . -53.86 5.98 45.96
O4 MAN H . -52.54 6.35 43.45
O5 MAN H . -50.36 3.95 45.14
O6 MAN H . -49.08 6.16 43.93
C1 MAN H . -47.70 6.00 43.56
C2 MAN H . -47.00 5.16 44.66
C3 MAN H . -46.57 5.99 45.88
C4 MAN H . -46.16 7.42 45.54
C5 MAN H . -47.13 8.03 44.55
C6 MAN H . -46.79 9.48 44.23
O2 MAN H . -45.90 4.41 44.12
O3 MAN H . -45.45 5.36 46.52
O4 MAN H . -46.14 8.21 46.74
O5 MAN H . -47.08 7.27 43.36
O6 MAN H . -47.70 9.97 43.25
C1 MAN H . -44.95 5.14 43.29
C2 MAN H . -44.43 4.28 42.16
C3 MAN H . -43.57 3.18 42.73
C4 MAN H . -42.43 3.84 43.49
C5 MAN H . -43.02 4.72 44.58
C6 MAN H . -41.91 5.39 45.38
O2 MAN H . -43.66 5.09 41.27
O3 MAN H . -43.06 2.35 41.68
O4 MAN H . -41.58 2.84 44.06
O5 MAN H . -43.84 5.71 43.99
O6 MAN H . -41.10 6.18 44.50
C1 MAN H . -55.23 5.74 45.51
C2 MAN H . -56.17 6.62 46.33
C3 MAN H . -56.26 6.10 47.76
C4 MAN H . -56.59 4.61 47.79
C5 MAN H . -55.62 3.86 46.89
C6 MAN H . -55.88 2.36 46.83
O2 MAN H . -57.46 6.61 45.74
O3 MAN H . -57.28 6.82 48.47
O4 MAN H . -56.48 4.11 49.12
O5 MAN H . -55.71 4.40 45.57
O6 MAN H . -54.70 1.71 46.36
C1 MAN H . -55.54 0.89 40.69
C2 MAN H . -56.30 2.04 40.05
C3 MAN H . -57.78 1.91 40.34
C4 MAN H . -58.27 0.56 39.85
C5 MAN H . -57.43 -0.54 40.50
C6 MAN H . -57.85 -1.92 39.99
O2 MAN H . -56.05 1.96 38.66
O3 MAN H . -58.50 2.95 39.67
O4 MAN H . -59.64 0.39 40.18
O5 MAN H . -56.05 -0.36 40.23
O6 MAN H . -57.05 -2.91 40.64
C1 NAG I . -34.46 16.39 24.84
C2 NAG I . -35.36 17.56 25.20
C3 NAG I . -34.68 18.88 24.85
C4 NAG I . -33.35 18.94 25.58
C5 NAG I . -32.51 17.73 25.21
C6 NAG I . -31.20 17.76 25.98
C7 NAG I . -37.72 17.09 25.10
C8 NAG I . -39.00 17.40 24.39
N2 NAG I . -36.62 17.49 24.48
O3 NAG I . -35.51 19.95 25.27
O4 NAG I . -32.66 20.14 25.21
O5 NAG I . -33.21 16.53 25.53
O6 NAG I . -31.49 17.69 27.38
O7 NAG I . -37.69 16.51 26.17
C1 NAG I . -32.50 21.04 26.32
C2 NAG I . -31.21 21.82 26.10
C3 NAG I . -31.00 22.80 27.23
C4 NAG I . -32.21 23.72 27.31
C5 NAG I . -33.47 22.88 27.49
C6 NAG I . -34.69 23.78 27.51
C7 NAG I . -29.69 20.42 24.83
C8 NAG I . -28.36 19.73 24.84
N2 NAG I . -30.08 20.92 26.00
O3 NAG I . -29.82 23.58 26.99
O4 NAG I . -32.06 24.61 28.41
O5 NAG I . -33.60 21.96 26.41
O6 NAG I . -34.76 24.48 26.25
O7 NAG I . -30.37 20.51 23.83
C1 NAG J . 14.44 24.98 -24.40
C2 NAG J . 13.05 25.66 -24.37
C3 NAG J . 13.12 27.05 -25.03
C4 NAG J . 14.21 27.91 -24.38
C5 NAG J . 15.58 27.20 -24.44
C6 NAG J . 16.74 27.97 -23.78
C7 NAG J . 11.36 23.88 -24.42
C8 NAG J . 10.25 23.19 -25.22
N2 NAG J . 12.03 24.84 -25.04
O3 NAG J . 11.85 27.74 -24.92
O4 NAG J . 14.27 29.17 -25.10
O5 NAG J . 15.46 25.87 -23.80
O6 NAG J . 16.41 28.30 -22.41
O7 NAG J . 11.61 23.56 -23.25
C1 NAG K . -1.61 -47.61 35.35
C2 NAG K . -1.44 -46.53 36.41
C3 NAG K . 0.04 -46.37 36.69
C4 NAG K . 0.61 -47.71 37.09
C5 NAG K . 0.35 -48.75 36.01
C6 NAG K . 0.87 -50.11 36.44
C7 NAG K . -1.72 -44.08 36.32
C8 NAG K . -1.31 -43.15 35.22
N2 NAG K . -2.06 -45.31 35.92
O3 NAG K . 0.27 -45.45 37.76
O4 NAG K . 2.02 -47.60 37.31
O5 NAG K . -1.06 -48.85 35.76
O6 NAG K . 0.17 -50.52 37.62
O7 NAG K . -1.75 -43.75 37.49
C1 NAG L . 15.59 -12.85 30.85
C2 NAG L . 16.21 -13.78 31.89
C3 NAG L . 16.68 -12.95 33.08
C4 NAG L . 17.64 -11.89 32.57
C5 NAG L . 16.97 -11.04 31.50
C6 NAG L . 17.95 -10.01 30.95
C7 NAG L . 15.20 -15.98 31.74
C8 NAG L . 13.87 -16.36 31.18
N2 NAG L . 15.26 -14.78 32.32
O3 NAG L . 17.33 -13.79 34.04
O4 NAG L . 18.05 -11.05 33.67
O5 NAG L . 16.52 -11.86 30.44
O6 NAG L . 18.99 -10.69 30.25
O7 NAG L . 16.18 -16.70 31.67
C1 NAG M . 18.59 -26.41 18.88
C2 NAG M . 19.61 -27.15 19.73
C3 NAG M . 19.53 -26.59 21.13
C4 NAG M . 19.74 -25.09 21.08
C5 NAG M . 18.70 -24.44 20.16
C6 NAG M . 18.90 -22.94 20.06
C7 NAG M . 19.79 -29.35 18.79
C8 NAG M . 21.21 -29.79 18.98
N2 NAG M . 19.32 -28.57 19.74
O3 NAG M . 20.56 -27.20 21.93
O4 NAG M . 19.61 -24.54 22.39
O5 NAG M . 18.79 -25.01 18.85
O6 NAG M . 17.82 -22.37 19.32
O7 NAG M . 19.12 -29.68 17.82
C1 NAG N . 21.02 -30.18 13.58
C2 NAG N . 20.17 -30.91 14.60
C3 NAG N . 20.98 -31.16 15.85
C4 NAG N . 22.24 -31.93 15.49
C5 NAG N . 23.02 -31.16 14.44
C6 NAG N . 24.24 -31.97 14.01
C7 NAG N . 17.84 -30.36 14.35
C8 NAG N . 16.77 -30.92 15.24
N2 NAG N . 19.01 -30.12 14.94
O3 NAG N . 20.19 -31.93 16.77
O4 NAG N . 23.05 -32.08 16.66
O5 NAG N . 22.21 -30.92 13.30
O6 NAG N . 23.78 -33.20 13.41
O7 NAG N . 17.65 -30.15 13.16
C1 NAG O . 32.47 -13.66 9.57
C2 NAG O . 33.72 -14.09 8.82
C3 NAG O . 34.85 -13.11 9.03
C4 NAG O . 34.37 -11.73 8.60
C5 NAG O . 33.11 -11.36 9.36
C6 NAG O . 32.58 -10.01 8.89
C7 NAG O . 33.70 -16.49 8.61
C8 NAG O . 33.82 -17.79 9.37
N2 NAG O . 34.14 -15.42 9.24
O3 NAG O . 35.98 -13.50 8.25
O4 NAG O . 35.40 -10.77 8.86
O5 NAG O . 32.10 -12.35 9.15
O6 NAG O . 32.16 -10.12 7.53
O7 NAG O . 33.22 -16.44 7.49
C1 NAG P . 25.09 52.53 -19.20
C2 NAG P . 23.78 51.81 -18.99
C3 NAG P . 23.46 51.73 -17.51
C4 NAG P . 24.62 51.06 -16.79
C5 NAG P . 25.91 51.81 -17.08
C6 NAG P . 27.09 51.12 -16.41
C7 NAG P . 22.68 53.83 -19.77
C8 NAG P . 23.02 54.41 -21.11
N2 NAG P . 22.71 52.50 -19.70
O3 NAG P . 22.26 50.99 -17.31
O4 NAG P . 24.38 51.05 -15.38
O5 NAG P . 26.14 51.88 -18.48
O6 NAG P . 28.26 51.93 -16.57
O7 NAG P . 22.39 54.52 -18.82
C1 NAG Q . 20.13 56.62 -27.90
C2 NAG Q . 19.56 55.95 -29.14
C3 NAG Q . 18.12 56.40 -29.33
C4 NAG Q . 17.32 56.10 -28.08
C5 NAG Q . 17.97 56.77 -26.88
C6 NAG Q . 17.21 56.43 -25.61
C7 NAG Q . 20.91 57.46 -30.46
C8 NAG Q . 20.88 58.01 -31.85
N2 NAG Q . 20.35 56.27 -30.30
O3 NAG Q . 17.55 55.71 -30.46
O4 NAG Q . 15.98 56.58 -28.24
O5 NAG Q . 19.32 56.33 -26.75
O6 NAG Q . 17.32 55.03 -25.34
O7 NAG Q . 21.42 58.07 -29.52
C1 NAG R . 30.36 22.40 -1.94
C2 NAG R . 30.58 22.09 -0.43
C3 NAG R . 31.96 22.56 0.02
C4 NAG R . 33.06 21.94 -0.86
C5 NAG R . 32.83 22.29 -2.35
C6 NAG R . 33.86 21.69 -3.32
C7 NAG R . 28.36 22.15 0.63
C8 NAG R . 27.43 22.88 1.61
N2 NAG R . 29.53 22.73 0.39
O3 NAG R . 32.21 22.17 1.40
O4 NAG R . 34.34 22.48 -0.43
O5 NAG R . 31.48 21.83 -2.74
O6 NAG R . 33.94 20.26 -3.16
O7 NAG R . 28.03 21.09 0.09
C1 NAG S . -48.72 -28.21 -18.70
C2 NAG S . -47.74 -29.37 -18.73
C3 NAG S . -47.14 -29.47 -20.12
C4 NAG S . -48.28 -29.60 -21.12
C5 NAG S . -49.24 -28.42 -20.99
C6 NAG S . -50.40 -28.58 -21.97
C7 NAG S . -45.52 -29.66 -17.72
C8 NAG S . -44.39 -28.67 -17.64
N2 NAG S . -46.74 -29.15 -17.70
O3 NAG S . -46.31 -30.62 -20.25
O4 NAG S . -47.75 -29.63 -22.45
O5 NAG S . -49.75 -28.36 -19.66
O6 NAG S . -51.12 -29.77 -21.63
O7 NAG S . -45.31 -30.86 -17.80
C1 NAG T . -10.06 -26.30 -23.81
C2 NAG T . -10.83 -27.11 -24.84
C3 NAG T . -10.01 -28.33 -25.25
C4 NAG T . -8.66 -27.85 -25.75
C5 NAG T . -7.97 -27.01 -24.68
C6 NAG T . -6.64 -26.48 -25.20
C7 NAG T . -13.21 -26.80 -24.52
C8 NAG T . -13.95 -26.37 -23.29
N2 NAG T . -12.11 -27.52 -24.32
O3 NAG T . -10.69 -29.05 -26.28
O4 NAG T . -7.85 -28.98 -26.08
O5 NAG T . -8.80 -25.92 -24.32
O6 NAG T . -6.90 -25.55 -26.26
O7 NAG T . -13.59 -26.49 -25.64
C1 NAG U . -20.84 -12.25 -28.55
C2 NAG U . -21.30 -12.84 -29.87
C3 NAG U . -20.92 -14.30 -29.88
C4 NAG U . -19.43 -14.43 -29.62
C5 NAG U . -19.06 -13.77 -28.30
C6 NAG U . -17.57 -13.86 -28.02
C7 NAG U . -23.23 -11.58 -30.52
C8 NAG U . -23.22 -11.52 -32.03
N2 NAG U . -22.73 -12.69 -30.02
O3 NAG U . -21.24 -14.87 -31.16
O4 NAG U . -19.08 -15.82 -29.57
O5 NAG U . -19.45 -12.39 -28.32
O6 NAG U . -17.30 -13.36 -26.71
O7 NAG U . -23.66 -10.68 -29.83
C1 NAG V . -23.15 -6.19 -31.02
C2 NAG V . -24.21 -7.21 -30.62
C3 NAG V . -24.30 -8.29 -31.67
C4 NAG V . -24.59 -7.66 -33.02
C5 NAG V . -23.53 -6.62 -33.34
C6 NAG V . -23.88 -5.92 -34.65
C7 NAG V . -24.39 -7.36 -28.22
C8 NAG V . -25.34 -8.30 -27.54
N2 NAG V . -23.85 -7.81 -29.35
O3 NAG V . -25.37 -9.19 -31.32
O4 NAG V . -24.60 -8.67 -34.03
O5 NAG V . -23.46 -5.65 -32.31
O6 NAG V . -25.13 -5.23 -34.48
O7 NAG V . -24.15 -6.25 -27.79
C1 NAG W . -3.58 -3.01 -36.20
C2 NAG W . -3.53 -2.03 -37.37
C3 NAG W . -2.26 -2.23 -38.18
C4 NAG W . -1.08 -2.06 -37.25
C5 NAG W . -1.19 -3.04 -36.09
C6 NAG W . -0.04 -2.84 -35.12
C7 NAG W . -5.79 -1.50 -38.03
C8 NAG W . -7.04 -2.04 -38.66
N2 NAG W . -4.69 -2.21 -38.23
O3 NAG W . -2.21 -1.26 -39.22
O4 NAG W . 0.13 -2.31 -37.97
O5 NAG W . -2.42 -2.83 -35.40
O6 NAG W . -0.15 -1.54 -34.51
O7 NAG W . -5.79 -0.48 -37.37
C1 NAG X . 59.28 14.90 -4.71
C2 NAG X . 58.16 14.63 -3.73
C3 NAG X . 57.85 13.14 -3.71
C4 NAG X . 57.52 12.69 -5.12
C5 NAG X . 58.66 13.04 -6.06
C6 NAG X . 58.31 12.64 -7.49
C7 NAG X . 59.79 14.95 -1.96
C8 NAG X . 60.57 16.23 -1.88
N2 NAG X . 58.54 15.07 -2.40
O3 NAG X . 56.76 12.88 -2.84
O4 NAG X . 57.30 11.28 -5.14
O5 NAG X . 58.92 14.44 -6.02
O6 NAG X . 59.46 12.84 -8.32
O7 NAG X . 60.27 13.87 -1.65
C1 NAG Y . 62.37 22.17 2.67
C2 NAG Y . 61.68 23.41 3.22
C3 NAG Y . 61.66 23.35 4.75
C4 NAG Y . 61.01 22.05 5.19
C5 NAG Y . 61.74 20.87 4.57
C6 NAG Y . 61.07 19.56 4.96
C7 NAG Y . 63.64 24.68 2.63
C8 NAG Y . 64.28 25.96 3.05
N2 NAG Y . 62.32 24.61 2.77
O3 NAG Y . 60.94 24.46 5.27
O4 NAG Y . 61.06 21.95 6.62
O5 NAG Y . 61.74 20.99 3.15
O6 NAG Y . 59.76 19.51 4.40
O7 NAG Y . 64.29 23.75 2.17
C1 NAG Z . 30.88 2.94 -21.57
C2 NAG Z . 30.52 1.53 -22.11
C3 NAG Z . 31.35 1.21 -23.37
C4 NAG Z . 31.20 2.32 -24.43
C5 NAG Z . 31.59 3.69 -23.85
C6 NAG Z . 31.44 4.87 -24.82
C7 NAG Z . 29.78 0.17 -20.21
C8 NAG Z . 30.10 -1.02 -19.29
N2 NAG Z . 30.71 0.50 -21.09
O3 NAG Z . 30.94 -0.05 -23.95
O4 NAG Z . 32.07 1.98 -25.54
O5 NAG Z . 30.77 3.95 -22.64
O6 NAG Z . 30.09 4.92 -25.35
O7 NAG Z . 28.72 0.80 -20.12
C1 NAG AA . -40.25 15.60 40.68
C2 NAG AA . -41.05 15.92 39.43
C3 NAG AA . -40.83 17.39 39.08
C4 NAG AA . -41.21 18.23 40.28
C5 NAG AA . -40.41 17.81 41.51
C6 NAG AA . -40.84 18.63 42.72
C7 NAG AA . -40.71 15.28 37.07
C8 NAG AA . -39.43 15.22 36.31
N2 NAG AA . -40.61 15.02 38.37
O3 NAG AA . -41.63 17.79 37.98
O4 NAG AA . -40.95 19.60 40.01
O5 NAG AA . -40.64 16.42 41.78
O6 NAG AA . -42.22 18.36 42.98
O7 NAG AA . -41.77 15.56 36.54
C1 NAG BA . -25.85 25.65 5.82
C2 NAG BA . -26.76 26.67 6.48
C3 NAG BA . -27.61 27.36 5.42
C4 NAG BA . -26.69 27.97 4.39
C5 NAG BA . -25.78 26.89 3.80
C6 NAG BA . -24.82 27.51 2.80
C7 NAG BA . -27.24 25.99 8.75
C8 NAG BA . -27.18 24.62 9.37
N2 NAG BA . -27.60 26.05 7.48
O3 NAG BA . -28.42 28.37 6.03
O4 NAG BA . -27.47 28.55 3.34
O5 NAG BA . -25.03 26.27 4.84
O6 NAG BA . -23.92 28.38 3.49
O7 NAG BA . -26.96 27.00 9.40
C1 NAG CA . -15.52 26.85 20.93
C2 NAG CA . -16.10 28.16 21.41
C3 NAG CA . -17.37 28.44 20.62
C4 NAG CA . -17.05 28.40 19.14
C5 NAG CA . -16.42 27.06 18.76
C6 NAG CA . -16.06 27.01 17.28
C7 NAG CA . -15.46 28.37 23.71
C8 NAG CA . -15.27 29.84 23.97
N2 NAG CA . -16.39 28.08 22.81
O3 NAG CA . -17.88 29.72 20.98
O4 NAG CA . -18.24 28.59 18.39
O5 NAG CA . -15.24 26.83 19.54
O6 NAG CA . -15.62 25.69 16.95
O7 NAG CA . -14.81 27.50 24.26
C1 NAG DA . -10.29 28.11 25.32
C2 NAG DA . -11.62 27.71 25.93
C3 NAG DA . -12.58 28.88 25.89
C4 NAG DA . -11.96 30.07 26.58
C5 NAG DA . -10.61 30.39 25.95
C6 NAG DA . -9.94 31.52 26.70
C7 NAG DA . -12.04 25.36 25.65
C8 NAG DA . -13.29 24.68 26.14
N2 NAG DA . -12.20 26.59 25.21
O3 NAG DA . -13.80 28.51 26.56
O4 NAG DA . -12.82 31.20 26.46
O5 NAG DA . -9.76 29.25 25.98
O6 NAG DA . -9.69 31.09 28.05
O7 NAG DA . -10.95 24.80 25.67
C1 NAG EA . -0.67 35.42 8.77
C2 NAG EA . 0.37 36.45 9.21
C3 NAG EA . 0.66 37.44 8.10
C4 NAG EA . 1.11 36.67 6.88
C5 NAG EA . 0.05 35.65 6.49
C6 NAG EA . 0.51 34.82 5.30
C7 NAG EA . 0.24 36.70 11.61
C8 NAG EA . -0.62 37.22 12.73
N2 NAG EA . -0.08 37.15 10.40
O3 NAG EA . 1.69 38.33 8.52
O4 NAG EA . 1.32 37.58 5.80
O5 NAG EA . -0.21 34.78 7.60
O6 NAG EA . 1.64 34.04 5.68
O7 NAG EA . 1.14 35.91 11.80
C1 NAG FA . 33.13 10.68 -50.46
C2 NAG FA . 32.43 9.59 -49.67
C3 NAG FA . 30.93 9.74 -49.82
C4 NAG FA . 30.52 11.14 -49.40
C5 NAG FA . 31.30 12.18 -50.20
C6 NAG FA . 30.95 13.59 -49.74
C7 NAG FA . 33.09 8.04 -51.40
C8 NAG FA . 34.53 7.88 -51.78
N2 NAG FA . 32.85 8.28 -50.12
O3 NAG FA . 30.26 8.77 -49.02
O4 NAG FA . 29.13 11.33 -49.61
O5 NAG FA . 32.70 11.97 -50.04
O6 NAG FA . 31.58 14.53 -50.61
O7 NAG FA . 32.19 7.95 -52.23
C1 NAG GA . 40.31 2.84 -52.51
C2 NAG GA . 41.20 2.02 -51.58
C3 NAG GA . 41.00 0.54 -51.85
C4 NAG GA . 39.53 0.20 -51.70
C5 NAG GA . 38.70 1.08 -52.63
C6 NAG GA . 37.21 0.79 -52.45
C7 NAG GA . 43.07 2.70 -52.95
C8 NAG GA . 44.45 2.19 -53.25
N2 NAG GA . 42.59 2.39 -51.76
O3 NAG GA . 41.78 -0.22 -50.93
O4 NAG GA . 39.32 -1.18 -52.02
O5 NAG GA . 38.94 2.46 -52.35
O6 NAG GA . 36.80 1.16 -51.13
O7 NAG GA . 42.44 3.38 -53.76
#